data_6HB3
#
_entry.id   6HB3
#
_cell.length_a   191.798
_cell.length_b   69.643
_cell.length_c   206.866
_cell.angle_alpha   90.000
_cell.angle_beta   93.750
_cell.angle_gamma   90.000
#
_symmetry.space_group_name_H-M   'C 1 2 1'
#
_entity_poly.entity_id   1
_entity_poly.type   'polypeptide(L)'
_entity_poly.pdbx_seq_one_letter_code
;GALRGGMTSQLNELVEFLHSPQPAVRQIAIDNLVGFSAGPTSKVFKNDSYRPIKDIIKMIMDPEHGTRVIIQQGVTILVN
LSEDKLVRNIILSDDKKFLKFLVWKIVDLTNPNADIMCILLSNLAKDDGILAVLNIKRNSSGEEVDDGLKLAALNKEVFK
SLRAMDCLMDCFVKGYDKKLTKYASFNYLAFFFADISRFKLGRMYFIEEQEYDGVVPISKLLVFTEKYDAKVRREGVAST
IKNSLFDSETHERLLKDEKINLLPYILLPIASAKDSEIDEEDMFNLPDELQLLPEDKERDPIPAIICCHLESILLLCTTH
AGREYLRDKSVYPLVRELHKNVENEDIGELCYRIVNMLMRGEPGAGAVE
;
_entity_poly.pdbx_strand_id   A,B,C,D
#
# COMPACT_ATOMS: atom_id res chain seq x y z
N GLY A 6 -1.09 -19.16 -18.27
CA GLY A 6 0.09 -18.75 -17.46
C GLY A 6 -0.11 -17.29 -17.02
N MET A 7 0.69 -16.33 -17.52
CA MET A 7 0.48 -14.88 -17.26
C MET A 7 -0.87 -14.39 -17.77
N THR A 8 -1.23 -14.76 -18.99
CA THR A 8 -2.52 -14.40 -19.57
C THR A 8 -3.67 -14.84 -18.65
N SER A 9 -3.59 -16.07 -18.13
CA SER A 9 -4.59 -16.59 -17.21
C SER A 9 -4.67 -15.82 -15.89
N GLN A 10 -3.51 -15.39 -15.40
CA GLN A 10 -3.45 -14.62 -14.17
C GLN A 10 -4.06 -13.24 -14.33
N LEU A 11 -3.73 -12.57 -15.45
CA LEU A 11 -4.19 -11.21 -15.69
C LEU A 11 -5.68 -11.12 -15.99
N ASN A 12 -6.21 -12.10 -16.71
CA ASN A 12 -7.65 -12.16 -17.00
C ASN A 12 -8.49 -12.18 -15.73
N GLU A 13 -8.03 -12.91 -14.73
CA GLU A 13 -8.70 -12.97 -13.43
C GLU A 13 -8.49 -11.66 -12.66
N LEU A 14 -7.28 -11.11 -12.75
CA LEU A 14 -6.92 -9.90 -12.03
C LEU A 14 -7.70 -8.67 -12.51
N VAL A 15 -7.84 -8.53 -13.83
CA VAL A 15 -8.49 -7.36 -14.42
C VAL A 15 -9.93 -7.18 -13.94
N GLU A 16 -10.61 -8.30 -13.71
CA GLU A 16 -12.01 -8.28 -13.26
C GLU A 16 -12.18 -7.59 -11.91
N PHE A 17 -11.15 -7.60 -11.08
CA PHE A 17 -11.20 -6.94 -9.77
C PHE A 17 -11.26 -5.41 -9.87
N LEU A 18 -11.08 -4.87 -11.08
CA LEU A 18 -11.24 -3.43 -11.30
C LEU A 18 -12.68 -2.97 -11.11
N HIS A 19 -13.65 -3.90 -11.14
CA HIS A 19 -15.05 -3.57 -10.83
C HIS A 19 -15.56 -4.29 -9.59
N SER A 20 -14.65 -4.62 -8.67
CA SER A 20 -15.04 -5.14 -7.36
C SER A 20 -15.76 -4.03 -6.60
N PRO A 21 -16.79 -4.39 -5.82
CA PRO A 21 -17.46 -3.34 -5.04
C PRO A 21 -16.58 -2.71 -3.96
N GLN A 22 -15.55 -3.42 -3.49
CA GLN A 22 -14.68 -2.90 -2.44
C GLN A 22 -13.57 -2.04 -3.00
N PRO A 23 -13.41 -0.82 -2.46
CA PRO A 23 -12.32 0.07 -2.87
C PRO A 23 -10.91 -0.53 -2.67
N ALA A 24 -10.67 -1.11 -1.50
CA ALA A 24 -9.36 -1.72 -1.19
C ALA A 24 -8.90 -2.70 -2.27
N VAL A 25 -9.84 -3.50 -2.78
CA VAL A 25 -9.56 -4.51 -3.79
C VAL A 25 -9.15 -3.87 -5.12
N ARG A 26 -9.90 -2.86 -5.51
CA ARG A 26 -9.61 -2.12 -6.75
C ARG A 26 -8.24 -1.47 -6.70
N GLN A 27 -7.94 -0.80 -5.58
CA GLN A 27 -6.66 -0.11 -5.39
C GLN A 27 -5.48 -1.06 -5.64
N ILE A 28 -5.60 -2.28 -5.14
CA ILE A 28 -4.56 -3.29 -5.32
C ILE A 28 -4.52 -3.76 -6.77
N ALA A 29 -5.68 -4.05 -7.33
CA ALA A 29 -5.79 -4.55 -8.71
C ALA A 29 -5.09 -3.63 -9.69
N ILE A 30 -5.42 -2.34 -9.65
CA ILE A 30 -4.83 -1.36 -10.57
C ILE A 30 -3.35 -1.13 -10.32
N ASP A 31 -2.90 -1.28 -9.06
CA ASP A 31 -1.49 -1.14 -8.71
C ASP A 31 -0.64 -2.20 -9.44
N ASN A 32 -1.15 -3.43 -9.50
CA ASN A 32 -0.46 -4.52 -10.19
C ASN A 32 -0.59 -4.44 -11.71
N LEU A 33 -1.74 -3.99 -12.18
CA LEU A 33 -2.03 -3.96 -13.61
C LEU A 33 -1.26 -2.89 -14.38
N VAL A 34 -1.02 -1.74 -13.74
CA VAL A 34 -0.36 -0.60 -14.41
C VAL A 34 0.94 -0.99 -15.10
N GLY A 35 1.68 -1.92 -14.51
CA GLY A 35 2.92 -2.42 -15.10
C GLY A 35 2.75 -3.19 -16.40
N PHE A 36 1.60 -3.84 -16.56
CA PHE A 36 1.32 -4.66 -17.74
C PHE A 36 0.60 -3.92 -18.87
N SER A 37 0.41 -2.61 -18.72
CA SER A 37 -0.30 -1.82 -19.72
C SER A 37 0.57 -1.42 -20.92
N ALA A 38 1.88 -1.62 -20.82
CA ALA A 38 2.79 -1.37 -21.94
C ALA A 38 3.36 -2.71 -22.40
N GLY A 39 3.29 -2.97 -23.71
CA GLY A 39 3.75 -4.23 -24.28
C GLY A 39 2.61 -5.21 -24.50
N PRO A 40 2.92 -6.39 -25.08
CA PRO A 40 1.94 -7.39 -25.53
C PRO A 40 0.88 -7.83 -24.49
N THR A 41 1.19 -7.70 -23.20
CA THR A 41 0.25 -8.07 -22.15
C THR A 41 -0.96 -7.13 -22.06
N SER A 42 -0.87 -5.96 -22.66
CA SER A 42 -1.95 -4.96 -22.61
C SER A 42 -3.24 -5.38 -23.30
N LYS A 43 -3.20 -6.49 -24.05
CA LYS A 43 -4.40 -7.03 -24.67
C LYS A 43 -5.50 -7.36 -23.64
N VAL A 44 -5.09 -7.66 -22.40
CA VAL A 44 -6.02 -7.99 -21.31
C VAL A 44 -7.01 -6.87 -21.01
N PHE A 45 -6.57 -5.62 -21.19
CA PHE A 45 -7.43 -4.46 -20.96
C PHE A 45 -8.54 -4.31 -22.01
N LYS A 46 -8.51 -5.18 -23.03
CA LYS A 46 -9.50 -5.16 -24.10
C LYS A 46 -10.52 -6.30 -23.98
N ASN A 47 -10.53 -6.99 -22.84
CA ASN A 47 -11.49 -8.08 -22.60
C ASN A 47 -12.90 -7.54 -22.38
N ASP A 48 -13.89 -8.39 -22.63
CA ASP A 48 -15.30 -8.04 -22.45
C ASP A 48 -15.60 -6.74 -23.17
N SER A 49 -15.31 -6.70 -24.47
CA SER A 49 -15.33 -5.46 -25.25
C SER A 49 -14.97 -4.25 -24.38
N TYR A 50 -13.70 -4.23 -23.96
CA TYR A 50 -13.08 -3.09 -23.28
C TYR A 50 -13.66 -2.73 -21.91
N ARG A 51 -14.10 -3.75 -21.16
CA ARG A 51 -14.64 -3.53 -19.82
C ARG A 51 -13.60 -2.95 -18.83
N PRO A 52 -12.35 -3.42 -18.89
CA PRO A 52 -11.31 -2.87 -18.03
C PRO A 52 -11.05 -1.37 -18.24
N ILE A 53 -11.20 -0.90 -19.48
CA ILE A 53 -11.04 0.51 -19.79
C ILE A 53 -12.16 1.29 -19.10
N LYS A 54 -13.38 0.78 -19.18
CA LYS A 54 -14.54 1.42 -18.57
C LYS A 54 -14.43 1.48 -17.06
N ASP A 55 -13.98 0.38 -16.46
CA ASP A 55 -13.80 0.31 -15.00
C ASP A 55 -12.74 1.28 -14.51
N ILE A 56 -11.66 1.42 -15.27
CA ILE A 56 -10.56 2.34 -14.93
C ILE A 56 -11.02 3.79 -15.02
N ILE A 57 -11.82 4.09 -16.03
CA ILE A 57 -12.37 5.44 -16.19
C ILE A 57 -13.24 5.80 -14.98
N LYS A 58 -14.11 4.88 -14.55
CA LYS A 58 -14.94 5.11 -13.37
C LYS A 58 -14.12 5.34 -12.11
N MET A 59 -13.04 4.59 -11.96
CA MET A 59 -12.14 4.73 -10.81
C MET A 59 -11.49 6.11 -10.73
N ILE A 60 -11.09 6.63 -11.89
CA ILE A 60 -10.43 7.93 -11.97
C ILE A 60 -11.40 9.05 -11.57
N MET A 61 -12.63 8.98 -12.11
CA MET A 61 -13.63 10.03 -11.90
C MET A 61 -14.30 9.99 -10.53
N ASP A 62 -14.27 8.82 -9.87
CA ASP A 62 -14.87 8.67 -8.55
C ASP A 62 -14.33 9.75 -7.60
N PRO A 63 -15.23 10.62 -7.09
CA PRO A 63 -14.77 11.74 -6.25
C PRO A 63 -14.23 11.31 -4.89
N GLU A 64 -14.78 10.24 -4.31
CA GLU A 64 -14.35 9.77 -3.00
C GLU A 64 -13.13 8.85 -3.06
N HIS A 65 -13.19 7.81 -3.89
CA HIS A 65 -12.17 6.75 -3.89
C HIS A 65 -11.07 6.90 -4.95
N GLY A 66 -11.20 7.90 -5.81
CA GLY A 66 -10.17 8.19 -6.81
C GLY A 66 -9.05 9.05 -6.25
N THR A 67 -8.12 8.41 -5.53
CA THR A 67 -7.01 9.10 -4.88
C THR A 67 -6.00 9.60 -5.92
N ARG A 68 -4.97 10.30 -5.46
CA ARG A 68 -3.91 10.80 -6.34
C ARG A 68 -3.23 9.66 -7.10
N VAL A 69 -2.84 8.61 -6.36
CA VAL A 69 -2.12 7.48 -6.95
C VAL A 69 -3.01 6.72 -7.94
N ILE A 70 -4.27 6.49 -7.56
CA ILE A 70 -5.21 5.77 -8.41
C ILE A 70 -5.45 6.52 -9.73
N ILE A 71 -5.59 7.84 -9.66
CA ILE A 71 -5.71 8.67 -10.86
C ILE A 71 -4.45 8.56 -11.73
N GLN A 72 -3.29 8.64 -11.09
CA GLN A 72 -2.01 8.59 -11.80
C GLN A 72 -1.82 7.26 -12.53
N GLN A 73 -2.15 6.17 -11.84
CA GLN A 73 -2.05 4.82 -12.41
C GLN A 73 -3.09 4.59 -13.51
N GLY A 74 -4.33 5.03 -13.29
CA GLY A 74 -5.38 4.90 -14.28
C GLY A 74 -5.11 5.69 -15.55
N VAL A 75 -4.63 6.92 -15.39
CA VAL A 75 -4.28 7.76 -16.53
C VAL A 75 -3.06 7.18 -17.26
N THR A 76 -2.09 6.68 -16.50
CA THR A 76 -0.89 6.09 -17.10
C THR A 76 -1.27 4.88 -17.97
N ILE A 77 -2.24 4.08 -17.51
CA ILE A 77 -2.74 2.98 -18.31
C ILE A 77 -3.43 3.52 -19.56
N LEU A 78 -4.33 4.48 -19.38
CA LEU A 78 -5.07 5.03 -20.51
C LEU A 78 -4.16 5.68 -21.55
N VAL A 79 -3.07 6.31 -21.09
CA VAL A 79 -2.09 6.88 -22.03
C VAL A 79 -1.48 5.78 -22.89
N ASN A 80 -1.09 4.67 -22.27
CA ASN A 80 -0.50 3.54 -23.01
C ASN A 80 -1.50 2.88 -23.96
N LEU A 81 -2.73 2.70 -23.50
CA LEU A 81 -3.75 2.03 -24.28
C LEU A 81 -4.37 2.93 -25.39
N SER A 82 -4.16 4.24 -25.29
CA SER A 82 -4.73 5.19 -26.27
C SER A 82 -3.99 5.23 -27.59
N GLU A 83 -2.96 4.40 -27.75
CA GLU A 83 -2.34 4.19 -29.06
C GLU A 83 -3.33 3.48 -30.01
N ASP A 84 -4.11 2.54 -29.47
CA ASP A 84 -5.16 1.85 -30.22
C ASP A 84 -6.32 2.81 -30.47
N LYS A 85 -6.71 2.96 -31.73
CA LYS A 85 -7.83 3.82 -32.14
C LYS A 85 -9.15 3.39 -31.50
N LEU A 86 -9.37 2.08 -31.43
CA LEU A 86 -10.61 1.55 -30.87
C LEU A 86 -10.77 1.89 -29.38
N VAL A 87 -9.66 2.04 -28.67
CA VAL A 87 -9.70 2.38 -27.24
C VAL A 87 -10.06 3.84 -27.04
N ARG A 88 -9.50 4.72 -27.87
CA ARG A 88 -9.80 6.15 -27.84
C ARG A 88 -11.30 6.39 -28.01
N ASN A 89 -11.89 5.60 -28.90
CA ASN A 89 -13.34 5.64 -29.12
C ASN A 89 -14.11 5.40 -27.81
N ILE A 90 -13.69 4.38 -27.05
CA ILE A 90 -14.34 4.04 -25.77
C ILE A 90 -14.16 5.17 -24.75
N ILE A 91 -12.97 5.76 -24.73
CA ILE A 91 -12.66 6.82 -23.77
C ILE A 91 -13.56 8.04 -23.98
N LEU A 92 -13.77 8.42 -25.24
CA LEU A 92 -14.57 9.59 -25.57
C LEU A 92 -16.07 9.31 -25.59
N SER A 93 -16.48 8.25 -26.30
CA SER A 93 -17.88 8.04 -26.64
C SER A 93 -18.69 7.19 -25.65
N ASP A 94 -18.03 6.28 -24.93
CA ASP A 94 -18.76 5.38 -24.01
C ASP A 94 -19.32 6.13 -22.80
N ASP A 95 -18.52 7.07 -22.28
CA ASP A 95 -18.97 7.94 -21.21
C ASP A 95 -18.54 9.38 -21.51
N LYS A 96 -19.51 10.22 -21.82
CA LYS A 96 -19.27 11.60 -22.25
C LYS A 96 -18.77 12.48 -21.10
N LYS A 97 -18.98 12.01 -19.87
CA LYS A 97 -18.51 12.71 -18.68
C LYS A 97 -16.98 12.83 -18.66
N PHE A 98 -16.29 11.78 -19.09
CA PHE A 98 -14.84 11.70 -18.91
C PHE A 98 -14.07 12.83 -19.56
N LEU A 99 -14.46 13.18 -20.78
CA LEU A 99 -13.80 14.27 -21.49
C LEU A 99 -13.95 15.59 -20.72
N LYS A 100 -15.15 15.84 -20.20
CA LYS A 100 -15.40 17.01 -19.34
C LYS A 100 -14.55 16.95 -18.08
N PHE A 101 -14.59 15.80 -17.43
CA PHE A 101 -13.77 15.56 -16.24
C PHE A 101 -12.29 15.84 -16.51
N LEU A 102 -11.81 15.36 -17.65
CA LEU A 102 -10.40 15.44 -18.00
C LEU A 102 -9.93 16.89 -18.19
N VAL A 103 -10.62 17.62 -19.06
CA VAL A 103 -10.22 19.01 -19.37
C VAL A 103 -10.33 19.92 -18.14
N TRP A 104 -11.36 19.72 -17.31
CA TRP A 104 -11.54 20.55 -16.13
C TRP A 104 -10.54 20.22 -15.05
N LYS A 105 -10.03 18.99 -15.05
CA LYS A 105 -9.05 18.59 -14.05
C LYS A 105 -7.63 19.03 -14.44
N ILE A 106 -7.39 19.26 -15.73
CA ILE A 106 -6.13 19.83 -16.20
C ILE A 106 -6.02 21.28 -15.71
N VAL A 107 -7.11 22.03 -15.86
CA VAL A 107 -7.13 23.45 -15.47
C VAL A 107 -7.23 23.66 -13.96
N ASP A 108 -7.49 22.58 -13.22
CA ASP A 108 -7.35 22.59 -11.75
C ASP A 108 -5.85 22.69 -11.45
N LEU A 109 -5.43 23.81 -10.90
CA LEU A 109 -4.00 24.07 -10.68
C LEU A 109 -3.48 23.45 -9.39
N THR A 110 -4.30 22.64 -8.73
CA THR A 110 -3.87 21.83 -7.60
C THR A 110 -3.79 20.36 -8.01
N ASN A 111 -4.14 20.04 -9.25
CA ASN A 111 -4.05 18.67 -9.75
C ASN A 111 -2.61 18.29 -10.04
N PRO A 112 -2.07 17.33 -9.27
CA PRO A 112 -0.68 16.94 -9.50
C PRO A 112 -0.47 16.09 -10.76
N ASN A 113 -1.54 15.52 -11.30
CA ASN A 113 -1.46 14.69 -12.50
C ASN A 113 -1.90 15.43 -13.77
N ALA A 114 -1.62 16.73 -13.85
CA ALA A 114 -2.08 17.55 -14.96
C ALA A 114 -1.35 17.20 -16.25
N ASP A 115 -0.02 17.13 -16.19
CA ASP A 115 0.80 16.85 -17.37
C ASP A 115 0.51 15.47 -17.98
N ILE A 116 0.42 14.44 -17.13
CA ILE A 116 0.11 13.10 -17.61
C ILE A 116 -1.28 13.09 -18.26
N MET A 117 -2.20 13.91 -17.76
CA MET A 117 -3.54 14.05 -18.35
C MET A 117 -3.51 14.81 -19.69
N CYS A 118 -2.62 15.79 -19.82
CA CYS A 118 -2.44 16.49 -21.08
C CYS A 118 -1.96 15.53 -22.18
N ILE A 119 -1.09 14.60 -21.80
CA ILE A 119 -0.61 13.60 -22.74
C ILE A 119 -1.78 12.74 -23.20
N LEU A 120 -2.67 12.36 -22.27
CA LEU A 120 -3.85 11.59 -22.62
C LEU A 120 -4.76 12.38 -23.57
N LEU A 121 -4.95 13.67 -23.27
CA LEU A 121 -5.78 14.53 -24.10
C LEU A 121 -5.22 14.63 -25.52
N SER A 122 -3.90 14.82 -25.65
CA SER A 122 -3.26 14.94 -26.96
C SER A 122 -3.41 13.67 -27.79
N ASN A 123 -3.40 12.51 -27.13
CA ASN A 123 -3.65 11.23 -27.81
C ASN A 123 -5.08 11.09 -28.29
N LEU A 124 -6.04 11.58 -27.49
CA LEU A 124 -7.46 11.53 -27.85
C LEU A 124 -7.80 12.48 -28.99
N ALA A 125 -6.95 13.47 -29.25
CA ALA A 125 -7.21 14.47 -30.28
C ALA A 125 -7.10 13.94 -31.71
N LYS A 126 -6.59 12.72 -31.87
CA LYS A 126 -6.56 12.08 -33.18
C LYS A 126 -7.97 11.70 -33.64
N ASP A 127 -8.74 11.11 -32.73
CA ASP A 127 -10.18 10.80 -32.93
C ASP A 127 -10.95 12.11 -33.06
N ASP A 128 -11.82 12.22 -34.06
CA ASP A 128 -12.60 13.46 -34.27
C ASP A 128 -13.68 13.73 -33.21
N GLY A 129 -13.90 12.77 -32.30
CA GLY A 129 -14.79 12.98 -31.16
C GLY A 129 -14.25 14.01 -30.17
N ILE A 130 -12.99 14.40 -30.35
CA ILE A 130 -12.35 15.44 -29.54
C ILE A 130 -13.01 16.82 -29.74
N LEU A 131 -13.64 17.04 -30.89
CA LEU A 131 -14.29 18.32 -31.17
C LEU A 131 -15.29 18.72 -30.11
N ALA A 132 -15.78 17.76 -29.35
CA ALA A 132 -16.64 18.02 -28.20
C ALA A 132 -16.06 19.08 -27.26
N VAL A 133 -14.74 19.15 -27.15
CA VAL A 133 -14.08 20.12 -26.26
C VAL A 133 -14.48 21.57 -26.57
N LEU A 134 -14.73 21.86 -27.83
CA LEU A 134 -15.11 23.21 -28.25
C LEU A 134 -16.45 23.66 -27.68
N ASN A 135 -17.30 22.72 -27.29
CA ASN A 135 -18.60 23.02 -26.71
C ASN A 135 -18.68 22.85 -25.19
N ILE A 136 -17.65 22.26 -24.59
CA ILE A 136 -17.63 22.06 -23.14
C ILE A 136 -17.47 23.40 -22.40
N LYS A 137 -18.57 23.87 -21.83
CA LYS A 137 -18.55 25.06 -21.00
C LYS A 137 -19.05 24.67 -19.62
N ARG A 138 -19.10 25.64 -18.71
CA ARG A 138 -19.69 25.42 -17.38
C ARG A 138 -20.49 26.66 -16.94
N ASN A 139 -21.45 26.44 -16.04
CA ASN A 139 -22.37 27.50 -15.62
C ASN A 139 -21.71 28.62 -14.83
N SER A 140 -20.94 28.25 -13.81
CA SER A 140 -20.36 29.22 -12.89
C SER A 140 -18.84 29.04 -12.69
N SER A 141 -18.23 30.08 -12.14
CA SER A 141 -16.79 30.13 -11.88
C SER A 141 -16.40 29.21 -10.72
N GLY A 142 -17.24 29.15 -9.68
CA GLY A 142 -16.98 28.36 -8.48
C GLY A 142 -17.36 26.90 -8.64
N GLU A 143 -17.38 26.18 -7.52
CA GLU A 143 -17.68 24.74 -7.51
C GLU A 143 -19.05 24.43 -8.10
N GLU A 144 -19.15 23.28 -8.75
CA GLU A 144 -20.31 22.98 -9.59
C GLU A 144 -20.44 21.48 -9.80
N VAL A 145 -21.67 21.03 -10.03
CA VAL A 145 -21.95 19.61 -10.30
C VAL A 145 -22.48 19.45 -11.72
N ASP A 146 -21.62 18.95 -12.61
CA ASP A 146 -21.94 18.80 -14.03
C ASP A 146 -22.15 17.32 -14.35
N ASP A 147 -23.40 16.90 -14.51
CA ASP A 147 -23.74 15.50 -14.77
C ASP A 147 -23.07 14.57 -13.74
N GLY A 148 -23.25 14.88 -12.46
CA GLY A 148 -22.71 14.08 -11.36
C GLY A 148 -21.20 14.15 -11.19
N LEU A 149 -20.57 15.20 -11.71
CA LEU A 149 -19.13 15.41 -11.54
C LEU A 149 -18.91 16.62 -10.67
N LYS A 150 -18.15 16.46 -9.58
CA LYS A 150 -17.75 17.60 -8.75
C LYS A 150 -16.60 18.33 -9.44
N LEU A 151 -16.93 19.41 -10.15
CA LEU A 151 -15.92 20.25 -10.78
C LEU A 151 -15.34 21.20 -9.75
N ALA A 152 -14.01 21.24 -9.66
CA ALA A 152 -13.32 22.15 -8.76
C ALA A 152 -13.57 23.60 -9.17
N ALA A 153 -13.58 24.49 -8.18
CA ALA A 153 -13.74 25.91 -8.44
C ALA A 153 -12.55 26.43 -9.23
N LEU A 154 -12.81 27.19 -10.30
CA LEU A 154 -11.74 27.79 -11.09
C LEU A 154 -11.00 28.87 -10.31
N ASN A 155 -9.74 29.06 -10.68
CA ASN A 155 -8.97 30.20 -10.19
C ASN A 155 -9.43 31.43 -10.97
N LYS A 156 -10.32 32.23 -10.36
CA LYS A 156 -10.87 33.43 -10.99
C LYS A 156 -9.77 34.43 -11.40
N GLU A 157 -8.65 34.42 -10.66
CA GLU A 157 -7.52 35.31 -10.95
C GLU A 157 -6.79 34.93 -12.26
N VAL A 158 -6.81 33.65 -12.62
CA VAL A 158 -6.13 33.18 -13.83
C VAL A 158 -7.08 33.01 -15.02
N PHE A 159 -8.16 32.25 -14.81
CA PHE A 159 -9.09 31.90 -15.88
C PHE A 159 -10.33 32.79 -15.90
N LYS A 160 -10.47 33.59 -16.95
CA LYS A 160 -11.60 34.51 -17.10
C LYS A 160 -12.75 33.91 -17.88
N SER A 161 -12.53 32.76 -18.49
CA SER A 161 -13.53 32.11 -19.32
C SER A 161 -14.21 30.97 -18.57
N LEU A 162 -15.43 30.64 -19.01
CA LEU A 162 -16.11 29.44 -18.56
C LEU A 162 -16.05 28.35 -19.64
N ARG A 163 -15.35 28.64 -20.74
CA ARG A 163 -15.18 27.67 -21.82
C ARG A 163 -13.91 26.87 -21.58
N ALA A 164 -13.98 25.56 -21.84
CA ALA A 164 -12.86 24.67 -21.57
C ALA A 164 -11.69 24.98 -22.48
N MET A 165 -11.98 25.11 -23.76
CA MET A 165 -10.93 25.37 -24.77
C MET A 165 -10.17 26.66 -24.46
N ASP A 166 -10.90 27.67 -24.00
CA ASP A 166 -10.29 28.94 -23.57
C ASP A 166 -9.36 28.72 -22.38
N CYS A 167 -9.79 27.91 -21.42
CA CYS A 167 -9.00 27.65 -20.21
C CYS A 167 -7.76 26.80 -20.48
N LEU A 168 -7.86 25.89 -21.45
CA LEU A 168 -6.70 25.10 -21.87
C LEU A 168 -5.67 25.99 -22.58
N MET A 169 -6.13 26.91 -23.40
CA MET A 169 -5.25 27.93 -24.00
C MET A 169 -4.52 28.70 -22.91
N ASP A 170 -5.25 29.14 -21.89
CA ASP A 170 -4.67 29.87 -20.77
C ASP A 170 -3.57 29.05 -20.08
N CYS A 171 -3.83 27.77 -19.84
CA CYS A 171 -2.85 26.90 -19.19
C CYS A 171 -1.57 26.79 -20.01
N PHE A 172 -1.72 26.59 -21.32
CA PHE A 172 -0.56 26.47 -22.21
C PHE A 172 0.24 27.76 -22.30
N VAL A 173 -0.47 28.88 -22.46
CA VAL A 173 0.17 30.18 -22.72
C VAL A 173 0.79 30.79 -21.46
N LYS A 174 0.19 30.53 -20.30
CA LYS A 174 0.65 31.11 -19.04
C LYS A 174 1.34 30.12 -18.10
N GLY A 175 1.19 28.82 -18.38
CA GLY A 175 1.69 27.78 -17.47
C GLY A 175 3.05 27.19 -17.79
N TYR A 176 3.67 27.63 -18.89
CA TYR A 176 4.99 27.14 -19.28
C TYR A 176 6.00 27.38 -18.16
N ASP A 177 7.02 26.52 -18.09
CA ASP A 177 8.04 26.59 -17.03
C ASP A 177 7.43 26.66 -15.61
N LYS A 178 6.44 25.81 -15.36
CA LYS A 178 5.83 25.65 -14.03
C LYS A 178 5.33 26.98 -13.43
N LYS A 179 4.79 27.86 -14.26
CA LYS A 179 4.42 29.21 -13.81
C LYS A 179 3.02 29.32 -13.17
N LEU A 180 2.14 28.37 -13.46
CA LEU A 180 0.82 28.31 -12.83
C LEU A 180 0.75 27.20 -11.78
N THR A 181 1.39 26.06 -12.07
CA THR A 181 1.44 24.91 -11.16
C THR A 181 2.88 24.47 -10.97
N LYS A 182 3.22 24.03 -9.76
CA LYS A 182 4.52 23.41 -9.52
C LYS A 182 4.58 22.00 -10.13
N TYR A 183 3.41 21.41 -10.37
CA TYR A 183 3.28 20.04 -10.87
C TYR A 183 3.35 19.90 -12.39
N ALA A 184 3.18 21.00 -13.14
CA ALA A 184 3.04 20.89 -14.59
C ALA A 184 3.37 22.14 -15.39
N SER A 185 3.82 21.92 -16.63
CA SER A 185 4.09 23.00 -17.60
C SER A 185 3.19 22.93 -18.85
N PHE A 186 2.30 21.93 -18.89
CA PHE A 186 1.25 21.82 -19.92
C PHE A 186 1.75 21.68 -21.36
N ASN A 187 3.00 21.25 -21.52
CA ASN A 187 3.63 21.20 -22.85
C ASN A 187 2.83 20.41 -23.87
N TYR A 188 2.31 19.25 -23.46
CA TYR A 188 1.64 18.36 -24.40
C TYR A 188 0.29 18.87 -24.92
N LEU A 189 -0.18 20.00 -24.41
CA LEU A 189 -1.34 20.67 -24.99
C LEU A 189 -1.01 21.22 -26.39
N ALA A 190 0.28 21.39 -26.68
CA ALA A 190 0.73 21.77 -28.01
C ALA A 190 0.32 20.74 -29.04
N PHE A 191 0.45 19.46 -28.70
CA PHE A 191 0.02 18.37 -29.56
C PHE A 191 -1.50 18.26 -29.63
N PHE A 192 -2.17 18.64 -28.54
CA PHE A 192 -3.62 18.71 -28.52
C PHE A 192 -4.10 19.73 -29.55
N PHE A 193 -3.53 20.93 -29.50
CA PHE A 193 -3.87 22.00 -30.44
C PHE A 193 -3.51 21.62 -31.87
N ALA A 194 -2.39 20.92 -32.03
CA ALA A 194 -1.95 20.47 -33.33
C ALA A 194 -2.95 19.53 -33.96
N ASP A 195 -3.39 18.51 -33.22
CA ASP A 195 -4.30 17.50 -33.77
C ASP A 195 -5.75 17.97 -33.93
N ILE A 196 -6.22 18.86 -33.06
CA ILE A 196 -7.59 19.36 -33.16
C ILE A 196 -7.77 20.38 -34.27
N SER A 197 -6.71 21.14 -34.55
CA SER A 197 -6.74 22.15 -35.63
C SER A 197 -6.74 21.52 -37.03
N ARG A 198 -6.48 20.21 -37.11
CA ARG A 198 -6.64 19.47 -38.36
C ARG A 198 -8.10 19.47 -38.82
N PHE A 199 -9.04 19.53 -37.88
CA PHE A 199 -10.46 19.53 -38.21
C PHE A 199 -10.95 20.94 -38.48
N LYS A 200 -11.95 21.07 -39.34
CA LYS A 200 -12.46 22.37 -39.75
C LYS A 200 -12.83 23.24 -38.55
N LEU A 201 -13.75 22.75 -37.73
CA LEU A 201 -14.21 23.49 -36.55
C LEU A 201 -13.07 23.82 -35.59
N GLY A 202 -12.03 22.99 -35.56
CA GLY A 202 -10.86 23.23 -34.72
C GLY A 202 -10.02 24.39 -35.22
N ARG A 203 -9.73 24.36 -36.52
CA ARG A 203 -9.03 25.46 -37.17
C ARG A 203 -9.77 26.78 -36.89
N MET A 204 -11.09 26.74 -36.99
CA MET A 204 -11.92 27.93 -36.82
C MET A 204 -11.81 28.59 -35.45
N TYR A 205 -11.50 27.80 -34.42
CA TYR A 205 -11.26 28.37 -33.10
C TYR A 205 -10.01 29.25 -33.12
N PHE A 206 -8.95 28.74 -33.72
CA PHE A 206 -7.64 29.37 -33.65
C PHE A 206 -7.51 30.65 -34.47
N ILE A 207 -8.35 30.80 -35.51
CA ILE A 207 -8.24 31.95 -36.43
C ILE A 207 -9.36 32.98 -36.28
N GLU A 208 -10.18 32.84 -35.24
CA GLU A 208 -11.27 33.78 -34.97
C GLU A 208 -11.16 34.37 -33.57
N GLU A 209 -11.53 35.64 -33.43
CA GLU A 209 -11.60 36.29 -32.11
C GLU A 209 -12.48 35.52 -31.14
N GLN A 210 -12.01 35.34 -29.91
CA GLN A 210 -12.80 34.74 -28.85
C GLN A 210 -13.20 35.81 -27.84
N GLU A 211 -14.41 35.71 -27.30
CA GLU A 211 -14.98 36.76 -26.47
C GLU A 211 -14.17 37.03 -25.20
N TYR A 212 -13.76 35.97 -24.50
CA TYR A 212 -13.27 36.10 -23.13
C TYR A 212 -12.06 37.04 -22.98
N ASP A 213 -11.20 37.09 -23.99
CA ASP A 213 -10.07 38.05 -24.00
C ASP A 213 -9.91 38.84 -25.31
N GLY A 214 -10.87 38.70 -26.21
CA GLY A 214 -10.92 39.49 -27.43
C GLY A 214 -9.76 39.34 -28.39
N VAL A 215 -9.08 38.20 -28.35
CA VAL A 215 -7.94 37.96 -29.26
C VAL A 215 -8.09 36.69 -30.07
N VAL A 216 -7.35 36.63 -31.17
CA VAL A 216 -7.32 35.47 -32.07
C VAL A 216 -6.32 34.47 -31.50
N PRO A 217 -6.78 33.29 -31.05
CA PRO A 217 -5.92 32.37 -30.30
C PRO A 217 -4.55 32.06 -30.91
N ILE A 218 -4.48 31.90 -32.23
CA ILE A 218 -3.24 31.49 -32.88
C ILE A 218 -2.09 32.45 -32.57
N SER A 219 -2.41 33.73 -32.37
CA SER A 219 -1.41 34.75 -32.00
C SER A 219 -0.73 34.44 -30.68
N LYS A 220 -1.49 33.93 -29.72
CA LYS A 220 -0.97 33.63 -28.37
C LYS A 220 0.05 32.49 -28.37
N LEU A 221 -0.04 31.58 -29.35
CA LEU A 221 0.90 30.46 -29.48
C LEU A 221 2.22 30.84 -30.18
N LEU A 222 2.19 31.88 -31.00
CA LEU A 222 3.31 32.21 -31.90
C LEU A 222 4.66 32.34 -31.20
N VAL A 223 4.66 32.97 -30.04
CA VAL A 223 5.90 33.23 -29.31
C VAL A 223 6.70 31.95 -29.02
N PHE A 224 6.02 30.81 -28.94
CA PHE A 224 6.65 29.55 -28.56
C PHE A 224 7.43 28.85 -29.70
N THR A 225 7.44 29.42 -30.90
CA THR A 225 8.26 28.87 -31.99
C THR A 225 9.76 29.05 -31.69
N GLU A 226 10.07 30.01 -30.83
CA GLU A 226 11.45 30.29 -30.43
C GLU A 226 11.79 29.68 -29.06
N LYS A 227 10.96 28.75 -28.57
CA LYS A 227 11.17 28.17 -27.23
C LYS A 227 12.05 26.92 -27.30
N TYR A 228 13.36 27.14 -27.33
CA TYR A 228 14.33 26.09 -27.61
C TYR A 228 14.71 25.21 -26.42
N ASP A 229 13.95 25.28 -25.34
CA ASP A 229 14.07 24.29 -24.25
C ASP A 229 12.78 23.47 -24.09
N ALA A 230 11.88 23.55 -25.08
CA ALA A 230 10.63 22.78 -25.08
C ALA A 230 10.31 22.31 -26.48
N LYS A 231 10.97 21.23 -26.90
CA LYS A 231 10.83 20.69 -28.26
C LYS A 231 9.38 20.32 -28.57
N VAL A 232 8.67 19.78 -27.59
CA VAL A 232 7.27 19.39 -27.78
C VAL A 232 6.39 20.58 -28.12
N ARG A 233 6.65 21.72 -27.48
CA ARG A 233 5.87 22.95 -27.75
C ARG A 233 6.12 23.47 -29.16
N ARG A 234 7.38 23.48 -29.58
CA ARG A 234 7.74 23.94 -30.92
C ARG A 234 7.11 23.09 -32.00
N GLU A 235 7.17 21.77 -31.83
CA GLU A 235 6.59 20.83 -32.80
C GLU A 235 5.07 21.02 -32.94
N GLY A 236 4.37 21.09 -31.81
CA GLY A 236 2.91 21.23 -31.82
C GLY A 236 2.43 22.56 -32.36
N VAL A 237 3.07 23.64 -31.92
CA VAL A 237 2.73 24.98 -32.35
C VAL A 237 3.00 25.13 -33.85
N ALA A 238 4.12 24.59 -34.32
CA ALA A 238 4.44 24.60 -35.74
C ALA A 238 3.31 23.99 -36.56
N SER A 239 2.81 22.84 -36.10
CA SER A 239 1.73 22.14 -36.79
C SER A 239 0.39 22.87 -36.68
N THR A 240 0.16 23.52 -35.56
CA THR A 240 -1.07 24.28 -35.35
C THR A 240 -1.13 25.48 -36.30
N ILE A 241 -0.01 26.17 -36.46
CA ILE A 241 0.08 27.29 -37.41
C ILE A 241 -0.19 26.81 -38.83
N LYS A 242 0.46 25.71 -39.21
CA LYS A 242 0.27 25.13 -40.53
C LYS A 242 -1.18 24.73 -40.76
N ASN A 243 -1.78 24.07 -39.78
CA ASN A 243 -3.16 23.63 -39.89
C ASN A 243 -4.16 24.79 -39.86
N SER A 244 -3.78 25.88 -39.20
CA SER A 244 -4.64 27.07 -39.15
C SER A 244 -4.73 27.79 -40.50
N LEU A 245 -3.78 27.53 -41.39
CA LEU A 245 -3.71 28.19 -42.69
C LEU A 245 -4.26 27.35 -43.85
N PHE A 246 -5.07 26.34 -43.56
CA PHE A 246 -5.59 25.44 -44.59
C PHE A 246 -6.42 26.16 -45.67
N ASP A 247 -7.11 27.23 -45.28
CA ASP A 247 -8.02 27.96 -46.18
C ASP A 247 -7.33 29.18 -46.82
N SER A 248 -7.16 29.13 -48.14
CA SER A 248 -6.50 30.22 -48.89
C SER A 248 -7.10 31.59 -48.61
N GLU A 249 -8.42 31.65 -48.58
CA GLU A 249 -9.14 32.90 -48.46
C GLU A 249 -8.94 33.59 -47.11
N THR A 250 -8.48 32.85 -46.11
CA THR A 250 -8.16 33.43 -44.81
C THR A 250 -6.77 34.06 -44.75
N HIS A 251 -5.93 33.83 -45.76
CA HIS A 251 -4.52 34.24 -45.69
C HIS A 251 -4.32 35.75 -45.67
N GLU A 252 -5.07 36.49 -46.48
CA GLU A 252 -4.90 37.92 -46.54
C GLU A 252 -5.21 38.56 -45.18
N ARG A 253 -6.34 38.16 -44.59
CA ARG A 253 -6.76 38.69 -43.30
C ARG A 253 -5.71 38.43 -42.20
N LEU A 254 -5.14 37.23 -42.20
CA LEU A 254 -4.24 36.81 -41.13
C LEU A 254 -2.86 37.47 -41.22
N LEU A 255 -2.34 37.57 -42.44
CA LEU A 255 -1.02 38.19 -42.66
C LEU A 255 -1.04 39.68 -42.32
N LYS A 256 -2.15 40.34 -42.61
CA LYS A 256 -2.25 41.79 -42.48
C LYS A 256 -2.72 42.25 -41.10
N ASP A 257 -3.32 41.36 -40.32
CA ASP A 257 -3.71 41.66 -38.94
C ASP A 257 -2.46 41.85 -38.09
N GLU A 258 -2.17 43.10 -37.75
CA GLU A 258 -0.98 43.45 -36.99
C GLU A 258 -1.05 43.02 -35.53
N LYS A 259 -2.27 42.76 -35.04
CA LYS A 259 -2.44 42.26 -33.67
C LYS A 259 -2.09 40.78 -33.57
N ILE A 260 -2.27 40.03 -34.67
CA ILE A 260 -1.80 38.64 -34.72
C ILE A 260 -0.29 38.61 -34.94
N ASN A 261 0.16 39.31 -35.98
CA ASN A 261 1.58 39.44 -36.32
C ASN A 261 2.20 38.07 -36.61
N LEU A 262 1.60 37.38 -37.58
CA LEU A 262 1.90 35.97 -37.83
C LEU A 262 3.28 35.70 -38.39
N LEU A 263 3.62 36.38 -39.48
CA LEU A 263 4.76 36.00 -40.32
C LEU A 263 6.13 35.90 -39.62
N PRO A 264 6.47 36.87 -38.75
CA PRO A 264 7.81 36.86 -38.14
C PRO A 264 8.12 35.60 -37.33
N TYR A 265 7.09 35.01 -36.73
CA TYR A 265 7.28 33.81 -35.89
C TYR A 265 7.33 32.52 -36.69
N ILE A 266 6.93 32.57 -37.97
CA ILE A 266 7.15 31.48 -38.91
C ILE A 266 8.57 31.57 -39.48
N LEU A 267 9.06 32.80 -39.62
CA LEU A 267 10.38 33.05 -40.22
C LEU A 267 11.54 32.90 -39.24
N LEU A 268 11.35 33.32 -37.99
CA LEU A 268 12.44 33.33 -37.02
C LEU A 268 13.18 31.98 -36.88
N PRO A 269 12.44 30.87 -36.78
CA PRO A 269 13.12 29.57 -36.71
C PRO A 269 13.92 29.15 -37.96
N ILE A 270 13.73 29.80 -39.11
CA ILE A 270 14.56 29.53 -40.30
C ILE A 270 15.63 30.61 -40.52
N ALA A 271 15.76 31.52 -39.57
CA ALA A 271 16.71 32.62 -39.68
C ALA A 271 17.92 32.39 -38.78
N SER A 272 19.08 32.83 -39.25
CA SER A 272 20.32 32.74 -38.50
C SER A 272 21.15 34.01 -38.72
N ALA A 273 21.88 34.40 -37.68
CA ALA A 273 22.79 35.54 -37.80
C ALA A 273 24.05 35.15 -38.55
N LYS A 274 24.61 34.00 -38.19
CA LYS A 274 25.95 33.63 -38.64
C LYS A 274 25.96 33.02 -40.05
N ASP A 275 25.18 31.95 -40.25
CA ASP A 275 25.15 31.25 -41.55
C ASP A 275 24.08 31.84 -42.46
N SER A 276 24.30 33.07 -42.90
CA SER A 276 23.30 33.80 -43.68
C SER A 276 23.88 35.10 -44.22
N GLU A 277 23.94 35.21 -45.54
CA GLU A 277 24.33 36.46 -46.19
C GLU A 277 23.15 37.01 -46.98
N ILE A 278 22.57 38.08 -46.44
CA ILE A 278 21.47 38.83 -47.07
C ILE A 278 21.96 40.26 -47.19
N ASP A 279 21.89 40.86 -48.39
CA ASP A 279 22.38 42.24 -48.55
C ASP A 279 21.44 43.23 -47.86
N GLU A 280 21.93 44.45 -47.63
CA GLU A 280 21.22 45.37 -46.74
C GLU A 280 19.91 45.91 -47.31
N GLU A 281 19.77 45.94 -48.64
CA GLU A 281 18.48 46.30 -49.25
C GLU A 281 17.39 45.33 -48.83
N ASP A 282 17.68 44.03 -48.93
CA ASP A 282 16.74 42.98 -48.54
C ASP A 282 16.42 43.02 -47.05
N MET A 283 17.43 43.31 -46.22
CA MET A 283 17.26 43.29 -44.76
C MET A 283 16.32 44.38 -44.26
N PHE A 284 16.28 45.51 -44.95
CA PHE A 284 15.38 46.61 -44.57
C PHE A 284 13.90 46.29 -44.83
N ASN A 285 13.62 45.25 -45.62
CA ASN A 285 12.25 44.80 -45.86
C ASN A 285 11.79 43.70 -44.91
N LEU A 286 12.73 43.09 -44.20
CA LEU A 286 12.40 42.05 -43.22
C LEU A 286 11.54 42.63 -42.09
N PRO A 287 10.66 41.80 -41.50
CA PRO A 287 9.91 42.28 -40.34
C PRO A 287 10.84 42.76 -39.24
N ASP A 288 10.40 43.74 -38.46
CA ASP A 288 11.21 44.27 -37.36
C ASP A 288 11.96 43.17 -36.58
N GLU A 289 11.22 42.12 -36.24
CA GLU A 289 11.74 41.02 -35.41
C GLU A 289 12.90 40.25 -36.06
N LEU A 290 12.99 40.31 -37.39
CA LEU A 290 14.08 39.65 -38.14
C LEU A 290 15.28 40.53 -38.39
N GLN A 291 15.19 41.81 -38.01
CA GLN A 291 16.31 42.75 -38.18
C GLN A 291 17.13 42.83 -36.91
N LEU A 292 18.42 43.13 -37.06
CA LEU A 292 19.36 43.23 -35.91
C LEU A 292 19.22 42.04 -34.97
N LEU A 293 19.39 40.84 -35.51
CA LEU A 293 19.26 39.61 -34.72
C LEU A 293 20.45 39.46 -33.79
N PRO A 294 20.24 38.83 -32.62
CA PRO A 294 21.37 38.59 -31.73
C PRO A 294 22.50 37.86 -32.44
N GLU A 295 23.73 38.05 -31.97
CA GLU A 295 24.89 37.38 -32.56
C GLU A 295 24.77 35.87 -32.47
N ASP A 296 24.14 35.37 -31.41
CA ASP A 296 24.01 33.94 -31.15
C ASP A 296 22.74 33.31 -31.77
N LYS A 297 22.04 34.07 -32.61
CA LYS A 297 20.76 33.60 -33.17
C LYS A 297 20.99 32.48 -34.18
N GLU A 298 20.37 31.33 -33.94
CA GLU A 298 20.47 30.17 -34.83
C GLU A 298 19.12 29.64 -35.28
N ARG A 299 19.14 28.83 -36.33
CA ARG A 299 17.94 28.18 -36.82
C ARG A 299 17.53 27.07 -35.88
N ASP A 300 16.26 26.70 -35.93
CA ASP A 300 15.76 25.53 -35.19
C ASP A 300 16.55 24.34 -35.69
N PRO A 301 17.20 23.59 -34.78
CA PRO A 301 18.02 22.46 -35.23
C PRO A 301 17.22 21.25 -35.75
N ILE A 302 15.93 21.16 -35.43
CA ILE A 302 15.12 20.00 -35.81
C ILE A 302 14.55 20.20 -37.23
N PRO A 303 15.05 19.42 -38.23
CA PRO A 303 14.61 19.64 -39.60
C PRO A 303 13.11 19.43 -39.81
N ALA A 304 12.52 18.50 -39.06
CA ALA A 304 11.09 18.24 -39.14
C ALA A 304 10.27 19.49 -38.81
N ILE A 305 10.77 20.30 -37.88
CA ILE A 305 10.09 21.52 -37.48
C ILE A 305 10.28 22.61 -38.53
N ILE A 306 11.49 22.72 -39.08
CA ILE A 306 11.76 23.68 -40.14
C ILE A 306 10.89 23.40 -41.36
N CYS A 307 10.80 22.13 -41.74
CA CYS A 307 9.99 21.72 -42.90
C CYS A 307 8.53 22.11 -42.70
N CYS A 308 8.05 21.96 -41.47
CA CYS A 308 6.69 22.34 -41.14
C CYS A 308 6.45 23.82 -41.38
N HIS A 309 7.40 24.66 -40.93
CA HIS A 309 7.32 26.11 -41.16
C HIS A 309 7.39 26.45 -42.65
N LEU A 310 8.26 25.76 -43.38
CA LEU A 310 8.33 25.93 -44.83
C LEU A 310 7.02 25.54 -45.53
N GLU A 311 6.33 24.51 -45.02
CA GLU A 311 5.01 24.13 -45.51
C GLU A 311 3.99 25.25 -45.27
N SER A 312 4.11 25.94 -44.13
CA SER A 312 3.25 27.09 -43.83
C SER A 312 3.50 28.23 -44.82
N ILE A 313 4.78 28.56 -45.02
CA ILE A 313 5.16 29.59 -46.00
C ILE A 313 4.64 29.20 -47.38
N LEU A 314 4.78 27.93 -47.72
CA LEU A 314 4.32 27.44 -49.02
C LEU A 314 2.80 27.58 -49.17
N LEU A 315 2.07 27.31 -48.10
CA LEU A 315 0.62 27.52 -48.09
C LEU A 315 0.27 28.98 -48.38
N LEU A 316 0.96 29.89 -47.70
CA LEU A 316 0.75 31.33 -47.87
C LEU A 316 1.03 31.80 -49.30
N CYS A 317 1.91 31.09 -50.02
CA CYS A 317 2.18 31.35 -51.44
C CYS A 317 1.04 30.97 -52.40
N THR A 318 -0.01 30.31 -51.90
CA THR A 318 -1.13 29.92 -52.76
C THR A 318 -1.73 31.12 -53.48
N THR A 319 -2.08 32.15 -52.72
CA THR A 319 -2.74 33.34 -53.23
C THR A 319 -1.74 34.43 -53.66
N HIS A 320 -2.12 35.20 -54.68
CA HIS A 320 -1.28 36.30 -55.17
C HIS A 320 -1.02 37.38 -54.11
N ALA A 321 -2.06 37.75 -53.37
CA ALA A 321 -1.95 38.74 -52.32
C ALA A 321 -0.96 38.26 -51.25
N GLY A 322 -0.99 36.96 -50.96
CA GLY A 322 -0.05 36.36 -50.02
C GLY A 322 1.36 36.35 -50.55
N ARG A 323 1.52 36.00 -51.83
CA ARG A 323 2.85 36.02 -52.45
C ARG A 323 3.46 37.42 -52.44
N GLU A 324 2.66 38.43 -52.75
CA GLU A 324 3.14 39.81 -52.71
C GLU A 324 3.58 40.19 -51.31
N TYR A 325 2.81 39.76 -50.30
CA TYR A 325 3.14 40.05 -48.91
C TYR A 325 4.46 39.42 -48.50
N LEU A 326 4.65 38.15 -48.88
CA LEU A 326 5.87 37.43 -48.57
C LEU A 326 7.08 38.04 -49.27
N ARG A 327 6.93 38.34 -50.56
CA ARG A 327 8.00 38.98 -51.33
C ARG A 327 8.44 40.29 -50.67
N ASP A 328 7.47 41.12 -50.32
CA ASP A 328 7.72 42.42 -49.70
C ASP A 328 8.35 42.36 -48.31
N LYS A 329 8.33 41.18 -47.68
CA LYS A 329 8.93 41.01 -46.36
C LYS A 329 10.24 40.19 -46.43
N SER A 330 10.86 40.18 -47.61
CA SER A 330 12.13 39.50 -47.85
C SER A 330 12.11 38.03 -47.42
N VAL A 331 11.01 37.35 -47.72
CA VAL A 331 10.91 35.92 -47.46
C VAL A 331 11.81 35.12 -48.41
N TYR A 332 11.97 35.61 -49.65
CA TYR A 332 12.83 34.90 -50.61
C TYR A 332 14.29 34.79 -50.12
N PRO A 333 14.93 35.92 -49.77
CA PRO A 333 16.31 35.82 -49.27
C PRO A 333 16.48 34.89 -48.08
N LEU A 334 15.52 34.88 -47.14
CA LEU A 334 15.59 33.96 -46.00
C LEU A 334 15.58 32.51 -46.46
N VAL A 335 14.71 32.20 -47.42
CA VAL A 335 14.59 30.85 -47.96
C VAL A 335 15.85 30.47 -48.74
N ARG A 336 16.38 31.41 -49.53
CA ARG A 336 17.62 31.19 -50.24
C ARG A 336 18.77 30.81 -49.30
N GLU A 337 18.92 31.55 -48.22
CA GLU A 337 20.02 31.30 -47.28
C GLU A 337 19.82 30.03 -46.46
N LEU A 338 18.57 29.69 -46.13
CA LEU A 338 18.27 28.38 -45.54
C LEU A 338 18.73 27.27 -46.47
N HIS A 339 18.37 27.38 -47.74
CA HIS A 339 18.78 26.41 -48.76
C HIS A 339 20.29 26.27 -48.82
N LYS A 340 20.98 27.40 -48.95
CA LYS A 340 22.44 27.42 -49.02
C LYS A 340 23.13 26.73 -47.85
N ASN A 341 22.61 26.95 -46.65
CA ASN A 341 23.35 26.66 -45.42
C ASN A 341 22.92 25.43 -44.64
N VAL A 342 21.87 24.75 -45.09
CA VAL A 342 21.41 23.53 -44.41
C VAL A 342 21.34 22.39 -45.41
N GLU A 343 22.23 21.40 -45.25
CA GLU A 343 22.38 20.30 -46.18
C GLU A 343 21.13 19.41 -46.33
N ASN A 344 20.32 19.31 -45.29
CA ASN A 344 19.09 18.50 -45.33
C ASN A 344 18.33 18.60 -46.66
N GLU A 345 17.91 17.44 -47.18
CA GLU A 345 17.36 17.36 -48.53
C GLU A 345 15.86 17.66 -48.60
N ASP A 346 15.14 17.35 -47.53
CA ASP A 346 13.71 17.68 -47.45
C ASP A 346 13.51 19.18 -47.36
N ILE A 347 14.35 19.82 -46.53
CA ILE A 347 14.36 21.28 -46.41
C ILE A 347 14.65 21.91 -47.78
N GLY A 348 15.63 21.34 -48.49
CA GLY A 348 16.01 21.85 -49.80
C GLY A 348 14.90 21.75 -50.82
N GLU A 349 14.26 20.59 -50.88
CA GLU A 349 13.15 20.37 -51.82
C GLU A 349 12.05 21.40 -51.59
N LEU A 350 11.70 21.65 -50.32
CA LEU A 350 10.68 22.63 -49.99
C LEU A 350 11.11 24.06 -50.34
N CYS A 351 12.39 24.36 -50.14
CA CYS A 351 12.90 25.69 -50.48
C CYS A 351 12.69 25.99 -51.95
N TYR A 352 13.02 25.05 -52.82
CA TYR A 352 12.77 25.26 -54.24
C TYR A 352 11.30 25.44 -54.57
N ARG A 353 10.42 24.68 -53.91
CA ARG A 353 8.99 24.77 -54.18
C ARG A 353 8.44 26.14 -53.80
N ILE A 354 8.96 26.70 -52.71
CA ILE A 354 8.62 28.07 -52.31
C ILE A 354 9.09 29.08 -53.35
N VAL A 355 10.31 28.91 -53.84
CA VAL A 355 10.88 29.84 -54.82
C VAL A 355 10.11 29.76 -56.13
N ASN A 356 9.69 28.55 -56.50
CA ASN A 356 8.85 28.34 -57.69
C ASN A 356 7.57 29.16 -57.61
N MET A 357 6.97 29.17 -56.44
CA MET A 357 5.73 29.91 -56.21
C MET A 357 5.97 31.41 -56.24
N LEU A 358 6.98 31.87 -55.49
CA LEU A 358 7.25 33.28 -55.38
C LEU A 358 7.74 33.88 -56.71
N MET A 359 8.12 33.01 -57.64
CA MET A 359 8.53 33.45 -58.97
C MET A 359 7.34 33.85 -59.87
N ARG A 360 6.13 33.42 -59.51
CA ARG A 360 4.93 33.72 -60.31
C ARG A 360 4.60 35.22 -60.33
N GLY A 361 4.05 35.68 -61.45
CA GLY A 361 3.55 37.05 -61.58
C GLY A 361 2.10 37.18 -61.11
N GLU A 362 1.27 37.93 -61.83
CA GLU A 362 -0.16 38.06 -61.47
C GLU A 362 -1.04 37.21 -62.40
N PRO A 363 -1.93 36.36 -61.83
CA PRO A 363 -2.84 35.59 -62.70
C PRO A 363 -3.95 36.45 -63.29
N GLY B 5 81.55 24.82 -78.49
CA GLY B 5 80.54 25.47 -77.62
C GLY B 5 79.26 24.67 -77.37
N GLY B 6 78.51 25.13 -76.37
CA GLY B 6 77.27 24.48 -75.92
C GLY B 6 76.12 24.69 -76.92
N MET B 7 74.91 24.27 -76.55
CA MET B 7 73.75 24.41 -77.44
C MET B 7 73.38 25.86 -77.73
N THR B 8 73.40 26.71 -76.70
CA THR B 8 73.13 28.15 -76.88
C THR B 8 74.08 28.73 -77.93
N SER B 9 75.36 28.36 -77.87
CA SER B 9 76.37 28.82 -78.82
C SER B 9 76.10 28.30 -80.25
N GLN B 10 75.60 27.07 -80.35
CA GLN B 10 75.28 26.48 -81.66
C GLN B 10 74.07 27.14 -82.29
N LEU B 11 73.04 27.39 -81.49
CA LEU B 11 71.79 27.97 -81.99
C LEU B 11 71.93 29.44 -82.39
N ASN B 12 72.71 30.20 -81.63
CA ASN B 12 72.97 31.61 -81.96
C ASN B 12 73.58 31.77 -83.34
N GLU B 13 74.49 30.87 -83.71
CA GLU B 13 75.10 30.86 -85.03
C GLU B 13 74.10 30.39 -86.09
N LEU B 14 73.31 29.37 -85.72
CA LEU B 14 72.35 28.76 -86.65
C LEU B 14 71.24 29.73 -87.04
N VAL B 15 70.72 30.46 -86.07
CA VAL B 15 69.58 31.35 -86.30
C VAL B 15 69.87 32.43 -87.34
N GLU B 16 71.12 32.89 -87.40
CA GLU B 16 71.54 33.93 -88.35
C GLU B 16 71.38 33.48 -89.80
N PHE B 17 71.44 32.18 -90.05
CA PHE B 17 71.26 31.65 -91.40
C PHE B 17 69.82 31.79 -91.92
N LEU B 18 68.89 32.21 -91.06
CA LEU B 18 67.53 32.53 -91.50
C LEU B 18 67.48 33.74 -92.44
N HIS B 19 68.52 34.57 -92.45
CA HIS B 19 68.61 35.67 -93.41
C HIS B 19 69.79 35.52 -94.37
N SER B 20 70.21 34.28 -94.62
CA SER B 20 71.20 34.00 -95.66
C SER B 20 70.58 34.33 -97.02
N PRO B 21 71.38 34.86 -97.96
CA PRO B 21 70.82 35.13 -99.28
C PRO B 21 70.41 33.88 -100.06
N GLN B 22 70.99 32.72 -99.73
CA GLN B 22 70.67 31.49 -100.44
C GLN B 22 69.45 30.79 -99.85
N PRO B 23 68.46 30.45 -100.70
CA PRO B 23 67.27 29.71 -100.25
C PRO B 23 67.57 28.35 -99.61
N ALA B 24 68.46 27.58 -100.24
CA ALA B 24 68.84 26.25 -99.73
C ALA B 24 69.31 26.29 -98.28
N VAL B 25 70.08 27.33 -97.94
CA VAL B 25 70.62 27.50 -96.58
C VAL B 25 69.51 27.79 -95.58
N ARG B 26 68.60 28.69 -95.95
CA ARG B 26 67.46 29.03 -95.11
C ARG B 26 66.59 27.81 -94.83
N GLN B 27 66.27 27.06 -95.87
CA GLN B 27 65.43 25.86 -95.77
C GLN B 27 65.97 24.89 -94.72
N ILE B 28 67.28 24.71 -94.71
CA ILE B 28 67.94 23.84 -93.74
C ILE B 28 67.89 24.45 -92.35
N ALA B 29 68.22 25.74 -92.26
CA ALA B 29 68.25 26.45 -90.98
C ALA B 29 66.95 26.32 -90.22
N ILE B 30 65.84 26.64 -90.88
CA ILE B 30 64.51 26.59 -90.26
C ILE B 30 64.07 25.16 -89.95
N ASP B 31 64.54 24.19 -90.74
CA ASP B 31 64.22 22.78 -90.49
C ASP B 31 64.78 22.32 -89.14
N ASN B 32 66.00 22.74 -88.83
CA ASN B 32 66.65 22.41 -87.56
C ASN B 32 66.08 23.22 -86.38
N LEU B 33 65.76 24.49 -86.64
CA LEU B 33 65.33 25.42 -85.60
C LEU B 33 63.93 25.13 -85.06
N VAL B 34 63.03 24.67 -85.92
CA VAL B 34 61.63 24.44 -85.54
C VAL B 34 61.49 23.59 -84.28
N GLY B 35 62.38 22.61 -84.11
CA GLY B 35 62.38 21.76 -82.92
C GLY B 35 62.70 22.48 -81.62
N PHE B 36 63.49 23.56 -81.72
CA PHE B 36 63.93 24.30 -80.54
C PHE B 36 63.02 25.49 -80.18
N SER B 37 61.91 25.64 -80.89
CA SER B 37 61.01 26.78 -80.66
C SER B 37 60.07 26.58 -79.47
N ALA B 38 60.01 25.36 -78.94
CA ALA B 38 59.22 25.07 -77.74
C ALA B 38 60.18 24.74 -76.59
N GLY B 39 59.99 25.39 -75.46
CA GLY B 39 60.89 25.20 -74.31
C GLY B 39 61.98 26.26 -74.23
N PRO B 40 62.81 26.20 -73.18
CA PRO B 40 63.79 27.24 -72.82
C PRO B 40 64.73 27.69 -73.94
N THR B 41 64.96 26.83 -74.93
CA THR B 41 65.85 27.16 -76.05
C THR B 41 65.28 28.22 -76.98
N SER B 42 63.97 28.47 -76.89
CA SER B 42 63.31 29.44 -77.76
C SER B 42 63.75 30.88 -77.56
N LYS B 43 64.51 31.15 -76.51
CA LYS B 43 65.08 32.48 -76.27
C LYS B 43 65.94 32.96 -77.45
N VAL B 44 66.52 32.02 -78.19
CA VAL B 44 67.38 32.32 -79.35
C VAL B 44 66.64 33.10 -80.44
N PHE B 45 65.35 32.85 -80.58
CA PHE B 45 64.54 33.57 -81.57
C PHE B 45 64.29 35.04 -81.21
N LYS B 46 64.74 35.45 -80.03
CA LYS B 46 64.58 36.83 -79.56
C LYS B 46 65.89 37.62 -79.63
N ASN B 47 66.89 37.07 -80.32
CA ASN B 47 68.17 37.76 -80.50
C ASN B 47 68.04 38.94 -81.45
N ASP B 48 68.95 39.91 -81.33
CA ASP B 48 68.97 41.06 -82.21
C ASP B 48 67.60 41.74 -82.24
N SER B 49 67.10 42.09 -81.06
CA SER B 49 65.71 42.52 -80.89
C SER B 49 64.79 41.84 -81.93
N TYR B 50 64.65 40.53 -81.77
CA TYR B 50 63.69 39.70 -82.50
C TYR B 50 63.93 39.60 -84.02
N ARG B 51 65.20 39.60 -84.43
CA ARG B 51 65.56 39.47 -85.84
C ARG B 51 65.13 38.13 -86.46
N PRO B 52 65.28 37.02 -85.71
CA PRO B 52 64.82 35.72 -86.21
C PRO B 52 63.33 35.66 -86.51
N ILE B 53 62.53 36.38 -85.71
CA ILE B 53 61.08 36.44 -85.94
C ILE B 53 60.81 37.14 -87.26
N LYS B 54 61.52 38.24 -87.49
CA LYS B 54 61.37 39.01 -88.73
C LYS B 54 61.80 38.21 -89.95
N ASP B 55 62.91 37.50 -89.85
CA ASP B 55 63.41 36.67 -90.95
C ASP B 55 62.46 35.52 -91.29
N ILE B 56 61.85 34.93 -90.27
CA ILE B 56 60.90 33.84 -90.45
C ILE B 56 59.62 34.35 -91.13
N ILE B 57 59.16 35.53 -90.73
CA ILE B 57 57.98 36.14 -91.34
C ILE B 57 58.23 36.37 -92.85
N LYS B 58 59.40 36.91 -93.20
CA LYS B 58 59.76 37.12 -94.61
C LYS B 58 59.79 35.81 -95.40
N MET B 59 60.31 34.76 -94.79
CA MET B 59 60.36 33.43 -95.42
C MET B 59 58.98 32.87 -95.74
N ILE B 60 58.04 33.07 -94.82
CA ILE B 60 56.68 32.58 -94.99
C ILE B 60 55.98 33.30 -96.16
N MET B 61 56.11 34.63 -96.19
CA MET B 61 55.41 35.46 -97.19
C MET B 61 56.05 35.42 -98.57
N ASP B 62 57.33 35.06 -98.65
CA ASP B 62 58.03 34.97 -99.92
C ASP B 62 57.23 34.10 -100.90
N PRO B 63 56.76 34.69 -102.02
CA PRO B 63 55.92 33.94 -102.95
C PRO B 63 56.66 32.81 -103.71
N GLU B 64 57.94 32.99 -104.00
CA GLU B 64 58.72 31.98 -104.73
C GLU B 64 59.30 30.89 -103.81
N HIS B 65 59.99 31.29 -102.75
CA HIS B 65 60.75 30.35 -101.93
C HIS B 65 60.04 29.86 -100.67
N GLY B 66 58.86 30.41 -100.38
CA GLY B 66 58.06 29.98 -99.25
C GLY B 66 57.23 28.75 -99.58
N THR B 67 57.86 27.58 -99.55
CA THR B 67 57.20 26.32 -99.89
C THR B 67 56.20 25.92 -98.81
N ARG B 68 55.48 24.81 -99.03
CA ARG B 68 54.53 24.29 -98.06
C ARG B 68 55.19 23.99 -96.71
N VAL B 69 56.31 23.28 -96.76
CA VAL B 69 57.01 22.87 -95.54
C VAL B 69 57.57 24.08 -94.79
N ILE B 70 58.15 25.01 -95.53
CA ILE B 70 58.74 26.23 -94.93
C ILE B 70 57.66 27.07 -94.24
N ILE B 71 56.50 27.20 -94.87
CA ILE B 71 55.37 27.91 -94.25
C ILE B 71 54.93 27.18 -92.98
N GLN B 72 54.82 25.86 -93.05
CA GLN B 72 54.37 25.04 -91.92
C GLN B 72 55.32 25.17 -90.72
N GLN B 73 56.62 25.11 -91.00
CA GLN B 73 57.63 25.23 -89.97
C GLN B 73 57.71 26.65 -89.40
N GLY B 74 57.63 27.66 -90.27
CA GLY B 74 57.66 29.05 -89.84
C GLY B 74 56.46 29.41 -88.97
N VAL B 75 55.28 28.97 -89.38
CA VAL B 75 54.06 29.21 -88.61
C VAL B 75 54.10 28.45 -87.29
N THR B 76 54.60 27.21 -87.32
CA THR B 76 54.72 26.42 -86.11
C THR B 76 55.61 27.11 -85.09
N ILE B 77 56.70 27.72 -85.55
CA ILE B 77 57.58 28.49 -84.68
C ILE B 77 56.81 29.70 -84.14
N LEU B 78 56.17 30.45 -85.03
CA LEU B 78 55.46 31.65 -84.61
C LEU B 78 54.32 31.34 -83.62
N VAL B 79 53.65 30.19 -83.79
CA VAL B 79 52.62 29.77 -82.83
C VAL B 79 53.24 29.59 -81.45
N ASN B 80 54.38 28.92 -81.37
CA ASN B 80 55.05 28.69 -80.09
C ASN B 80 55.54 29.99 -79.46
N LEU B 81 56.11 30.86 -80.28
CA LEU B 81 56.69 32.10 -79.79
C LEU B 81 55.64 33.18 -79.47
N SER B 82 54.41 33.01 -79.97
CA SER B 82 53.35 34.00 -79.77
C SER B 82 52.71 33.96 -78.37
N GLU B 83 53.23 33.10 -77.50
CA GLU B 83 52.88 33.15 -76.08
C GLU B 83 53.42 34.45 -75.45
N ASP B 84 54.62 34.84 -75.85
CA ASP B 84 55.23 36.09 -75.40
C ASP B 84 54.51 37.26 -76.05
N LYS B 85 54.03 38.20 -75.22
CA LYS B 85 53.33 39.40 -75.69
C LYS B 85 54.22 40.27 -76.59
N LEU B 86 55.49 40.38 -76.24
CA LEU B 86 56.43 41.20 -77.01
C LEU B 86 56.63 40.68 -78.43
N VAL B 87 56.49 39.36 -78.62
CA VAL B 87 56.65 38.76 -79.95
C VAL B 87 55.43 39.05 -80.82
N ARG B 88 54.24 38.97 -80.23
CA ARG B 88 52.99 39.25 -80.94
C ARG B 88 53.03 40.67 -81.50
N ASN B 89 53.59 41.58 -80.72
CA ASN B 89 53.78 42.95 -81.14
C ASN B 89 54.59 43.04 -82.44
N ILE B 90 55.69 42.29 -82.51
CA ILE B 90 56.55 42.27 -83.70
C ILE B 90 55.80 41.67 -84.91
N ILE B 91 55.01 40.63 -84.67
CA ILE B 91 54.29 39.95 -85.73
C ILE B 91 53.28 40.89 -86.40
N LEU B 92 52.55 41.66 -85.58
CA LEU B 92 51.52 42.57 -86.09
C LEU B 92 52.08 43.90 -86.59
N SER B 93 52.92 44.54 -85.75
CA SER B 93 53.30 45.94 -85.97
C SER B 93 54.58 46.17 -86.79
N ASP B 94 55.52 45.23 -86.77
CA ASP B 94 56.80 45.41 -87.48
C ASP B 94 56.61 45.38 -89.00
N ASP B 95 55.77 44.47 -89.47
CA ASP B 95 55.38 44.41 -90.88
C ASP B 95 53.87 44.21 -91.00
N LYS B 96 53.18 45.26 -91.47
CA LYS B 96 51.72 45.27 -91.55
C LYS B 96 51.18 44.34 -92.63
N LYS B 97 52.06 43.93 -93.55
CA LYS B 97 51.71 42.99 -94.61
C LYS B 97 51.30 41.63 -94.06
N PHE B 98 51.99 41.18 -93.00
CA PHE B 98 51.83 39.81 -92.53
C PHE B 98 50.40 39.47 -92.10
N LEU B 99 49.76 40.38 -91.38
CA LEU B 99 48.38 40.15 -90.94
C LEU B 99 47.46 39.98 -92.14
N LYS B 100 47.63 40.82 -93.18
CA LYS B 100 46.89 40.69 -94.43
C LYS B 100 47.19 39.36 -95.10
N PHE B 101 48.47 39.04 -95.22
CA PHE B 101 48.92 37.77 -95.77
C PHE B 101 48.26 36.59 -95.05
N LEU B 102 48.23 36.67 -93.72
CA LEU B 102 47.76 35.57 -92.89
C LEU B 102 46.27 35.29 -93.09
N VAL B 103 45.44 36.32 -92.94
CA VAL B 103 43.98 36.16 -93.06
C VAL B 103 43.57 35.71 -94.45
N TRP B 104 44.22 36.24 -95.48
CA TRP B 104 43.88 35.89 -96.87
C TRP B 104 44.34 34.49 -97.22
N LYS B 105 45.37 34.00 -96.53
CA LYS B 105 45.87 32.66 -96.79
C LYS B 105 45.06 31.59 -96.05
N ILE B 106 44.38 31.99 -94.98
CA ILE B 106 43.43 31.09 -94.31
C ILE B 106 42.24 30.81 -95.20
N VAL B 107 41.71 31.86 -95.83
CA VAL B 107 40.54 31.75 -96.70
C VAL B 107 40.87 31.14 -98.07
N ASP B 108 42.15 31.01 -98.38
CA ASP B 108 42.60 30.22 -99.53
C ASP B 108 42.31 28.76 -99.20
N LEU B 109 41.37 28.16 -99.92
CA LEU B 109 40.92 26.80 -99.62
C LEU B 109 41.81 25.73 -100.23
N THR B 110 42.93 26.14 -100.81
CA THR B 110 43.96 25.21 -101.25
C THR B 110 45.18 25.26 -100.32
N ASN B 111 45.12 26.15 -99.32
CA ASN B 111 46.20 26.26 -98.32
C ASN B 111 46.15 25.08 -97.35
N PRO B 112 47.18 24.21 -97.40
CA PRO B 112 47.20 23.08 -96.48
C PRO B 112 47.53 23.45 -95.02
N ASN B 113 48.09 24.63 -94.80
CA ASN B 113 48.44 25.08 -93.45
C ASN B 113 47.42 26.09 -92.87
N ALA B 114 46.16 25.91 -93.20
CA ALA B 114 45.13 26.85 -92.77
C ALA B 114 44.88 26.78 -91.26
N ASP B 115 44.69 25.57 -90.74
CA ASP B 115 44.39 25.38 -89.32
C ASP B 115 45.52 25.88 -88.40
N ILE B 116 46.76 25.55 -88.74
CA ILE B 116 47.89 26.00 -87.95
C ILE B 116 47.97 27.54 -87.99
N MET B 117 47.57 28.14 -89.11
CA MET B 117 47.52 29.60 -89.23
C MET B 117 46.38 30.22 -88.40
N CYS B 118 45.25 29.52 -88.31
CA CYS B 118 44.15 29.97 -87.45
C CYS B 118 44.59 30.02 -85.99
N ILE B 119 45.39 29.03 -85.58
CA ILE B 119 45.91 29.01 -84.22
C ILE B 119 46.78 30.25 -83.98
N LEU B 120 47.62 30.58 -84.97
CA LEU B 120 48.45 31.77 -84.86
C LEU B 120 47.59 33.03 -84.75
N LEU B 121 46.55 33.10 -85.58
CA LEU B 121 45.65 34.25 -85.57
C LEU B 121 44.97 34.41 -84.20
N SER B 122 44.49 33.31 -83.64
CA SER B 122 43.82 33.35 -82.34
C SER B 122 44.74 33.82 -81.22
N ASN B 123 46.03 33.47 -81.31
CA ASN B 123 47.04 33.97 -80.37
C ASN B 123 47.30 35.47 -80.51
N LEU B 124 47.31 35.95 -81.74
CA LEU B 124 47.52 37.37 -82.01
C LEU B 124 46.33 38.23 -81.59
N ALA B 125 45.16 37.62 -81.41
CA ALA B 125 43.94 38.35 -81.04
C ALA B 125 43.94 38.89 -79.60
N LYS B 126 44.92 38.49 -78.80
CA LYS B 126 45.08 39.03 -77.45
C LYS B 126 45.55 40.48 -77.51
N ASP B 127 46.55 40.72 -78.35
CA ASP B 127 47.04 42.05 -78.67
C ASP B 127 45.96 42.87 -79.40
N ASP B 128 45.70 44.10 -78.96
CA ASP B 128 44.65 44.92 -79.59
C ASP B 128 44.97 45.41 -81.02
N GLY B 129 46.20 45.17 -81.49
CA GLY B 129 46.56 45.42 -82.88
C GLY B 129 45.83 44.53 -83.86
N ILE B 130 45.15 43.51 -83.33
CA ILE B 130 44.33 42.61 -84.14
C ILE B 130 43.12 43.32 -84.79
N LEU B 131 42.66 44.41 -84.17
CA LEU B 131 41.51 45.17 -84.70
C LEU B 131 41.70 45.59 -86.16
N ALA B 132 42.95 45.65 -86.61
CA ALA B 132 43.27 45.88 -88.02
C ALA B 132 42.48 44.97 -88.96
N VAL B 133 42.18 43.75 -88.54
CA VAL B 133 41.46 42.78 -89.37
C VAL B 133 40.11 43.32 -89.85
N LEU B 134 39.47 44.14 -89.01
CA LEU B 134 38.15 44.70 -89.34
C LEU B 134 38.20 45.64 -90.55
N ASN B 135 39.37 46.18 -90.86
CA ASN B 135 39.56 47.08 -91.99
C ASN B 135 40.22 46.45 -93.21
N ILE B 136 40.77 45.24 -93.06
CA ILE B 136 41.43 44.56 -94.16
C ILE B 136 40.41 44.13 -95.22
N LYS B 137 40.38 44.86 -96.33
CA LYS B 137 39.56 44.49 -97.49
C LYS B 137 40.48 44.29 -98.68
N ARG B 138 39.90 43.94 -99.82
CA ARG B 138 40.65 43.84 -101.08
C ARG B 138 39.83 44.39 -102.24
N ASN B 139 40.52 44.83 -103.30
CA ASN B 139 39.87 45.49 -104.43
C ASN B 139 38.96 44.56 -105.23
N SER B 140 39.48 43.41 -105.63
CA SER B 140 38.76 42.50 -106.53
C SER B 140 38.69 41.06 -105.99
N SER B 141 37.79 40.30 -106.60
CA SER B 141 37.55 38.90 -106.24
C SER B 141 38.69 37.99 -106.69
N GLY B 142 39.24 38.26 -107.87
CA GLY B 142 40.32 37.44 -108.43
C GLY B 142 41.70 37.81 -107.90
N GLU B 143 42.73 37.30 -108.56
CA GLU B 143 44.11 37.50 -108.13
C GLU B 143 44.48 38.98 -108.10
N GLU B 144 45.34 39.34 -107.15
CA GLU B 144 45.59 40.74 -106.82
C GLU B 144 46.93 40.91 -106.12
N VAL B 145 47.53 42.09 -106.27
CA VAL B 145 48.80 42.41 -105.61
C VAL B 145 48.58 43.54 -104.59
N ASP B 146 48.58 43.16 -103.31
CA ASP B 146 48.32 44.10 -102.21
C ASP B 146 49.63 44.38 -101.46
N ASP B 147 50.21 45.55 -101.69
CA ASP B 147 51.49 45.92 -101.07
C ASP B 147 52.55 44.84 -101.29
N GLY B 148 52.70 44.42 -102.54
CA GLY B 148 53.70 43.41 -102.91
C GLY B 148 53.39 41.99 -102.46
N LEU B 149 52.12 41.70 -102.18
CA LEU B 149 51.69 40.35 -101.79
C LEU B 149 50.81 39.78 -102.89
N LYS B 150 51.17 38.61 -103.41
CA LYS B 150 50.31 37.91 -104.36
C LYS B 150 49.17 37.22 -103.62
N LEU B 151 48.01 37.88 -103.59
CA LEU B 151 46.82 37.30 -102.97
C LEU B 151 46.15 36.35 -103.95
N ALA B 152 45.87 35.13 -103.49
CA ALA B 152 45.20 34.13 -104.30
C ALA B 152 43.78 34.58 -104.63
N ALA B 153 43.28 34.15 -105.79
CA ALA B 153 41.93 34.49 -106.19
C ALA B 153 40.94 33.79 -105.25
N LEU B 154 39.95 34.54 -104.77
CA LEU B 154 38.92 33.98 -103.90
C LEU B 154 38.03 32.99 -104.67
N ASN B 155 37.47 32.04 -103.94
CA ASN B 155 36.43 31.17 -104.45
C ASN B 155 35.12 31.96 -104.47
N LYS B 156 34.76 32.47 -105.66
CA LYS B 156 33.54 33.30 -105.81
C LYS B 156 32.29 32.55 -105.37
N GLU B 157 32.31 31.23 -105.54
CA GLU B 157 31.19 30.36 -105.17
C GLU B 157 30.95 30.31 -103.65
N VAL B 158 32.01 30.47 -102.87
CA VAL B 158 31.92 30.41 -101.42
C VAL B 158 31.86 31.80 -100.77
N PHE B 159 32.85 32.64 -101.09
CA PHE B 159 33.01 33.95 -100.45
C PHE B 159 32.43 35.08 -101.31
N LYS B 160 31.38 35.71 -100.79
CA LYS B 160 30.71 36.81 -101.49
C LYS B 160 31.24 38.18 -101.09
N SER B 161 32.07 38.23 -100.04
CA SER B 161 32.60 39.48 -99.53
C SER B 161 34.04 39.70 -99.98
N LEU B 162 34.45 40.97 -99.99
CA LEU B 162 35.84 41.32 -100.18
C LEU B 162 36.48 41.74 -98.84
N ARG B 163 35.71 41.64 -97.76
CA ARG B 163 36.21 41.95 -96.42
C ARG B 163 36.78 40.69 -95.79
N ALA B 164 37.90 40.83 -95.11
CA ALA B 164 38.59 39.68 -94.52
C ALA B 164 37.76 39.07 -93.40
N MET B 165 37.26 39.92 -92.50
CA MET B 165 36.49 39.46 -91.35
C MET B 165 35.25 38.68 -91.80
N ASP B 166 34.63 39.15 -92.87
CA ASP B 166 33.47 38.46 -93.46
C ASP B 166 33.87 37.08 -93.97
N CYS B 167 35.03 36.98 -94.63
CA CYS B 167 35.50 35.73 -95.19
C CYS B 167 35.94 34.73 -94.13
N LEU B 168 36.47 35.22 -93.02
CA LEU B 168 36.83 34.36 -91.90
C LEU B 168 35.58 33.79 -91.24
N MET B 169 34.53 34.62 -91.10
CA MET B 169 33.23 34.14 -90.64
C MET B 169 32.73 33.01 -91.55
N ASP B 170 32.81 33.21 -92.87
CA ASP B 170 32.38 32.19 -93.83
C ASP B 170 33.15 30.88 -93.63
N CYS B 171 34.46 30.97 -93.45
CA CYS B 171 35.28 29.78 -93.23
C CYS B 171 34.86 29.00 -91.98
N PHE B 172 34.65 29.72 -90.88
CA PHE B 172 34.24 29.11 -89.63
C PHE B 172 32.85 28.47 -89.73
N VAL B 173 31.91 29.20 -90.32
CA VAL B 173 30.50 28.79 -90.35
C VAL B 173 30.23 27.68 -91.36
N LYS B 174 30.96 27.66 -92.47
CA LYS B 174 30.75 26.69 -93.53
C LYS B 174 31.84 25.63 -93.63
N GLY B 175 32.98 25.85 -92.96
CA GLY B 175 34.14 24.97 -93.11
C GLY B 175 34.31 23.89 -92.05
N TYR B 176 33.42 23.86 -91.06
CA TYR B 176 33.47 22.82 -90.01
C TYR B 176 33.43 21.43 -90.62
N ASP B 177 34.04 20.47 -89.92
CA ASP B 177 34.12 19.07 -90.39
C ASP B 177 34.65 18.97 -91.83
N LYS B 178 35.70 19.72 -92.13
CA LYS B 178 36.40 19.65 -93.42
C LYS B 178 35.48 19.84 -94.63
N LYS B 179 34.50 20.74 -94.51
CA LYS B 179 33.48 20.90 -95.55
C LYS B 179 33.86 21.86 -96.69
N LEU B 180 34.81 22.75 -96.44
CA LEU B 180 35.34 23.62 -97.49
C LEU B 180 36.72 23.16 -97.96
N THR B 181 37.53 22.69 -97.02
CA THR B 181 38.89 22.21 -97.30
C THR B 181 39.06 20.83 -96.70
N LYS B 182 39.80 19.96 -97.39
CA LYS B 182 40.20 18.67 -96.82
C LYS B 182 41.28 18.85 -95.74
N TYR B 183 41.98 19.99 -95.80
CA TYR B 183 43.11 20.28 -94.91
C TYR B 183 42.72 20.91 -93.57
N ALA B 184 41.50 21.44 -93.44
CA ALA B 184 41.16 22.24 -92.26
C ALA B 184 39.67 22.35 -91.95
N SER B 185 39.38 22.50 -90.66
CA SER B 185 38.02 22.74 -90.15
C SER B 185 37.85 24.12 -89.48
N PHE B 186 38.92 24.90 -89.43
CA PHE B 186 38.90 26.30 -88.96
C PHE B 186 38.46 26.51 -87.52
N ASN B 187 38.54 25.46 -86.69
CA ASN B 187 38.03 25.52 -85.31
C ASN B 187 38.58 26.68 -84.50
N TYR B 188 39.89 26.92 -84.60
CA TYR B 188 40.53 27.93 -83.75
C TYR B 188 40.16 29.37 -84.08
N LEU B 189 39.39 29.59 -85.15
CA LEU B 189 38.81 30.91 -85.39
C LEU B 189 37.78 31.27 -84.31
N ALA B 190 37.26 30.26 -83.61
CA ALA B 190 36.36 30.48 -82.47
C ALA B 190 37.05 31.29 -81.39
N PHE B 191 38.32 30.98 -81.12
CA PHE B 191 39.12 31.73 -80.16
C PHE B 191 39.51 33.11 -80.69
N PHE B 192 39.67 33.21 -82.01
CA PHE B 192 39.90 34.50 -82.65
C PHE B 192 38.70 35.43 -82.41
N PHE B 193 37.50 34.92 -82.69
CA PHE B 193 36.27 35.68 -82.46
C PHE B 193 36.06 36.01 -80.97
N ALA B 194 36.42 35.06 -80.11
CA ALA B 194 36.31 35.26 -78.68
C ALA B 194 37.17 36.42 -78.19
N ASP B 195 38.44 36.44 -78.60
CA ASP B 195 39.37 37.46 -78.12
C ASP B 195 39.18 38.83 -78.76
N ILE B 196 38.75 38.87 -80.01
CA ILE B 196 38.54 40.15 -80.70
C ILE B 196 37.25 40.84 -80.26
N SER B 197 36.24 40.06 -79.88
CA SER B 197 34.97 40.61 -79.40
C SER B 197 35.06 41.22 -78.00
N ARG B 198 36.18 40.98 -77.31
CA ARG B 198 36.47 41.68 -76.07
C ARG B 198 36.62 43.19 -76.27
N PHE B 199 37.09 43.59 -77.46
CA PHE B 199 37.28 45.00 -77.77
C PHE B 199 35.97 45.60 -78.29
N LYS B 200 35.77 46.88 -78.03
CA LYS B 200 34.52 47.54 -78.39
C LYS B 200 34.21 47.34 -79.88
N LEU B 201 35.14 47.77 -80.74
CA LEU B 201 34.94 47.69 -82.19
C LEU B 201 34.73 46.25 -82.68
N GLY B 202 35.30 45.30 -81.94
CA GLY B 202 35.11 43.88 -82.26
C GLY B 202 33.71 43.40 -81.94
N ARG B 203 33.22 43.74 -80.74
CA ARG B 203 31.84 43.44 -80.35
C ARG B 203 30.88 44.01 -81.40
N MET B 204 31.16 45.22 -81.84
CA MET B 204 30.29 45.93 -82.78
C MET B 204 30.13 45.22 -84.13
N TYR B 205 31.13 44.46 -84.55
CA TYR B 205 31.01 43.66 -85.77
C TYR B 205 29.95 42.58 -85.59
N PHE B 206 30.00 41.90 -84.45
CA PHE B 206 29.16 40.72 -84.24
C PHE B 206 27.68 41.02 -84.01
N ILE B 207 27.36 42.23 -83.55
CA ILE B 207 25.97 42.59 -83.20
C ILE B 207 25.31 43.56 -84.19
N GLU B 208 25.96 43.82 -85.31
CA GLU B 208 25.41 44.70 -86.35
C GLU B 208 25.31 43.98 -87.69
N GLU B 209 24.27 44.29 -88.47
CA GLU B 209 24.12 43.78 -89.84
C GLU B 209 25.34 44.10 -90.69
N GLN B 210 25.81 43.10 -91.45
CA GLN B 210 26.89 43.30 -92.41
C GLN B 210 26.31 43.23 -93.82
N GLU B 211 26.84 44.06 -94.72
CA GLU B 211 26.25 44.22 -96.05
C GLU B 211 26.27 42.92 -96.87
N TYR B 212 27.38 42.20 -96.86
CA TYR B 212 27.62 41.14 -97.85
C TYR B 212 26.56 40.02 -97.84
N ASP B 213 25.99 39.72 -96.68
CA ASP B 213 24.89 38.76 -96.59
C ASP B 213 23.70 39.24 -95.75
N GLY B 214 23.72 40.51 -95.34
CA GLY B 214 22.59 41.14 -94.66
C GLY B 214 22.18 40.54 -93.33
N VAL B 215 23.10 39.86 -92.64
CA VAL B 215 22.79 39.26 -91.35
C VAL B 215 23.73 39.74 -90.24
N VAL B 216 23.27 39.57 -89.01
CA VAL B 216 24.03 39.92 -87.81
C VAL B 216 24.94 38.73 -87.47
N PRO B 217 26.27 38.90 -87.55
CA PRO B 217 27.19 37.76 -87.48
C PRO B 217 27.00 36.82 -86.29
N ILE B 218 26.68 37.36 -85.12
CA ILE B 218 26.59 36.52 -83.91
C ILE B 218 25.58 35.37 -84.09
N SER B 219 24.54 35.61 -84.89
CA SER B 219 23.54 34.59 -85.19
C SER B 219 24.13 33.36 -85.88
N LYS B 220 25.07 33.59 -86.78
CA LYS B 220 25.68 32.51 -87.54
C LYS B 220 26.53 31.56 -86.68
N LEU B 221 27.05 32.06 -85.56
CA LEU B 221 27.85 31.25 -84.63
C LEU B 221 27.01 30.41 -83.67
N LEU B 222 25.77 30.84 -83.42
CA LEU B 222 24.94 30.26 -82.36
C LEU B 222 24.79 28.74 -82.45
N VAL B 223 24.61 28.22 -83.65
CA VAL B 223 24.37 26.79 -83.85
C VAL B 223 25.48 25.90 -83.26
N PHE B 224 26.69 26.45 -83.13
CA PHE B 224 27.85 25.67 -82.68
C PHE B 224 27.96 25.49 -81.16
N THR B 225 27.02 26.04 -80.40
CA THR B 225 26.99 25.79 -78.96
C THR B 225 26.63 24.34 -78.67
N GLU B 226 25.99 23.69 -79.63
CA GLU B 226 25.61 22.28 -79.53
C GLU B 226 26.56 21.33 -80.25
N LYS B 227 27.75 21.82 -80.60
CA LYS B 227 28.68 21.00 -81.37
C LYS B 227 29.62 20.23 -80.44
N TYR B 228 29.14 19.08 -79.96
CA TYR B 228 29.82 18.32 -78.91
C TYR B 228 30.97 17.42 -79.38
N ASP B 229 31.43 17.60 -80.62
CA ASP B 229 32.67 16.97 -81.06
C ASP B 229 33.74 18.02 -81.39
N ALA B 230 33.51 19.27 -80.99
CA ALA B 230 34.46 20.36 -81.21
C ALA B 230 34.47 21.29 -80.00
N LYS B 231 35.19 20.86 -78.96
CA LYS B 231 35.27 21.60 -77.70
C LYS B 231 35.78 23.02 -77.89
N VAL B 232 36.75 23.19 -78.78
CA VAL B 232 37.33 24.51 -79.05
C VAL B 232 36.28 25.48 -79.59
N ARG B 233 35.41 24.99 -80.47
CA ARG B 233 34.35 25.82 -81.05
C ARG B 233 33.36 26.28 -79.99
N ARG B 234 32.95 25.36 -79.13
CA ARG B 234 31.99 25.65 -78.07
C ARG B 234 32.53 26.69 -77.10
N GLU B 235 33.79 26.53 -76.70
CA GLU B 235 34.45 27.46 -75.77
C GLU B 235 34.52 28.87 -76.34
N GLY B 236 34.97 28.99 -77.59
CA GLY B 236 35.14 30.27 -78.23
C GLY B 236 33.83 30.98 -78.51
N VAL B 237 32.86 30.23 -79.04
CA VAL B 237 31.55 30.79 -79.35
C VAL B 237 30.84 31.23 -78.07
N ALA B 238 30.95 30.43 -77.01
CA ALA B 238 30.38 30.79 -75.71
C ALA B 238 30.88 32.15 -75.24
N SER B 239 32.20 32.36 -75.36
CA SER B 239 32.83 33.62 -74.96
C SER B 239 32.45 34.77 -75.88
N THR B 240 32.30 34.48 -77.17
CA THR B 240 31.92 35.51 -78.15
C THR B 240 30.51 36.03 -77.86
N ILE B 241 29.60 35.11 -77.53
CA ILE B 241 28.23 35.48 -77.17
C ILE B 241 28.23 36.36 -75.92
N LYS B 242 28.97 35.92 -74.90
CA LYS B 242 29.06 36.67 -73.66
C LYS B 242 29.66 38.05 -73.90
N ASN B 243 30.73 38.13 -74.68
CA ASN B 243 31.39 39.39 -74.99
C ASN B 243 30.53 40.30 -75.88
N SER B 244 29.67 39.70 -76.70
CA SER B 244 28.77 40.47 -77.56
C SER B 244 27.66 41.19 -76.79
N LEU B 245 27.39 40.71 -75.56
CA LEU B 245 26.31 41.27 -74.72
C LEU B 245 26.80 42.24 -73.64
N PHE B 246 28.01 42.80 -73.82
CA PHE B 246 28.58 43.71 -72.81
C PHE B 246 27.73 44.96 -72.55
N ASP B 247 27.01 45.43 -73.58
CA ASP B 247 26.22 46.66 -73.49
C ASP B 247 24.74 46.36 -73.16
N SER B 248 24.28 46.79 -71.98
CA SER B 248 22.89 46.58 -71.53
C SER B 248 21.85 47.03 -72.57
N GLU B 249 22.08 48.21 -73.13
CA GLU B 249 21.12 48.83 -74.04
C GLU B 249 20.91 48.06 -75.34
N THR B 250 21.85 47.18 -75.68
CA THR B 250 21.70 46.32 -76.86
C THR B 250 20.85 45.08 -76.60
N HIS B 251 20.55 44.77 -75.34
CA HIS B 251 19.89 43.49 -75.00
C HIS B 251 18.48 43.35 -75.53
N GLU B 252 17.68 44.40 -75.47
CA GLU B 252 16.30 44.31 -75.92
C GLU B 252 16.26 44.01 -77.42
N ARG B 253 17.06 44.75 -78.20
CA ARG B 253 17.11 44.55 -79.64
C ARG B 253 17.52 43.12 -80.02
N LEU B 254 18.51 42.58 -79.32
CA LEU B 254 19.07 41.26 -79.66
C LEU B 254 18.16 40.09 -79.30
N LEU B 255 17.53 40.16 -78.12
CA LEU B 255 16.63 39.12 -77.67
C LEU B 255 15.37 39.02 -78.55
N LYS B 256 14.89 40.17 -79.02
CA LYS B 256 13.63 40.25 -79.76
C LYS B 256 13.78 40.06 -81.27
N ASP B 257 15.00 40.22 -81.79
CA ASP B 257 15.26 39.96 -83.20
C ASP B 257 15.13 38.45 -83.47
N GLU B 258 14.03 38.08 -84.13
CA GLU B 258 13.75 36.67 -84.40
C GLU B 258 14.67 36.08 -85.46
N LYS B 259 15.31 36.93 -86.26
CA LYS B 259 16.28 36.44 -87.26
C LYS B 259 17.61 36.06 -86.60
N ILE B 260 17.95 36.70 -85.48
CA ILE B 260 19.10 36.27 -84.69
C ILE B 260 18.74 35.02 -83.89
N ASN B 261 17.66 35.10 -83.13
CA ASN B 261 17.14 33.99 -82.33
C ASN B 261 18.18 33.54 -81.31
N LEU B 262 18.61 34.49 -80.48
CA LEU B 262 19.76 34.30 -79.57
C LEU B 262 19.53 33.30 -78.46
N LEU B 263 18.45 33.51 -77.70
CA LEU B 263 18.26 32.84 -76.41
C LEU B 263 18.33 31.30 -76.40
N PRO B 264 17.68 30.63 -77.36
CA PRO B 264 17.65 29.17 -77.32
C PRO B 264 19.02 28.50 -77.35
N TYR B 265 19.98 29.13 -78.02
CA TYR B 265 21.32 28.56 -78.15
C TYR B 265 22.22 28.85 -76.95
N ILE B 266 21.80 29.77 -76.09
CA ILE B 266 22.43 29.98 -74.79
C ILE B 266 21.86 28.95 -73.79
N LEU B 267 20.59 28.61 -73.96
CA LEU B 267 19.89 27.70 -73.06
C LEU B 267 20.15 26.22 -73.34
N LEU B 268 20.25 25.86 -74.61
CA LEU B 268 20.36 24.44 -74.97
C LEU B 268 21.49 23.70 -74.24
N PRO B 269 22.69 24.30 -74.13
CA PRO B 269 23.77 23.62 -73.42
C PRO B 269 23.58 23.44 -71.90
N ILE B 270 22.60 24.15 -71.31
CA ILE B 270 22.26 23.92 -69.90
C ILE B 270 20.99 23.08 -69.73
N ALA B 271 20.46 22.55 -70.84
CA ALA B 271 19.23 21.76 -70.81
C ALA B 271 19.52 20.28 -70.99
N SER B 272 18.73 19.45 -70.33
CA SER B 272 18.85 18.00 -70.41
C SER B 272 17.47 17.37 -70.44
N ALA B 273 17.33 16.25 -71.15
CA ALA B 273 16.09 15.51 -71.17
C ALA B 273 15.94 14.71 -69.89
N LYS B 274 17.01 14.03 -69.50
CA LYS B 274 16.95 13.02 -68.45
C LYS B 274 17.00 13.61 -67.03
N ASP B 275 18.04 14.39 -66.73
CA ASP B 275 18.21 14.99 -65.40
C ASP B 275 17.55 16.36 -65.33
N SER B 276 16.22 16.38 -65.37
CA SER B 276 15.48 17.64 -65.41
C SER B 276 13.98 17.39 -65.27
N GLU B 277 13.40 17.93 -64.19
CA GLU B 277 11.96 17.89 -64.00
C GLU B 277 11.41 19.31 -64.05
N ILE B 278 10.75 19.62 -65.17
CA ILE B 278 10.06 20.87 -65.38
C ILE B 278 8.60 20.52 -65.67
N ASP B 279 7.64 21.11 -64.95
CA ASP B 279 6.24 20.76 -65.17
C ASP B 279 5.76 21.31 -66.52
N GLU B 280 4.65 20.80 -67.01
CA GLU B 280 4.25 21.06 -68.39
C GLU B 280 3.80 22.51 -68.65
N GLU B 281 3.31 23.21 -67.63
CA GLU B 281 3.01 24.65 -67.77
C GLU B 281 4.26 25.43 -68.17
N ASP B 282 5.36 25.19 -67.45
CA ASP B 282 6.64 25.85 -67.71
C ASP B 282 7.20 25.49 -69.08
N MET B 283 7.05 24.23 -69.48
CA MET B 283 7.62 23.74 -70.74
C MET B 283 6.97 24.39 -71.96
N PHE B 284 5.71 24.77 -71.86
CA PHE B 284 5.02 25.43 -72.97
C PHE B 284 5.47 26.87 -73.22
N ASN B 285 6.20 27.43 -72.27
CA ASN B 285 6.79 28.77 -72.43
C ASN B 285 8.23 28.73 -72.95
N LEU B 286 8.86 27.56 -72.91
CA LEU B 286 10.22 27.41 -73.43
C LEU B 286 10.25 27.67 -74.94
N PRO B 287 11.39 28.19 -75.44
CA PRO B 287 11.51 28.37 -76.89
C PRO B 287 11.30 27.04 -77.61
N ASP B 288 10.75 27.11 -78.83
CA ASP B 288 10.48 25.90 -79.63
C ASP B 288 11.60 24.88 -79.52
N GLU B 289 12.83 25.36 -79.66
CA GLU B 289 14.02 24.51 -79.70
C GLU B 289 14.27 23.73 -78.40
N LEU B 290 13.75 24.24 -77.28
CA LEU B 290 13.89 23.60 -75.97
C LEU B 290 12.75 22.63 -75.65
N GLN B 291 11.73 22.57 -76.51
CA GLN B 291 10.60 21.66 -76.30
C GLN B 291 10.81 20.36 -77.06
N LEU B 292 10.24 19.27 -76.55
CA LEU B 292 10.37 17.95 -77.18
C LEU B 292 11.83 17.64 -77.54
N LEU B 293 12.70 17.69 -76.54
CA LEU B 293 14.13 17.42 -76.74
C LEU B 293 14.36 15.95 -76.99
N PRO B 294 15.41 15.61 -77.78
CA PRO B 294 15.74 14.20 -77.98
C PRO B 294 15.94 13.47 -76.65
N GLU B 295 15.70 12.17 -76.65
CA GLU B 295 15.86 11.37 -75.44
C GLU B 295 17.31 11.40 -74.93
N ASP B 296 18.27 11.49 -75.85
CA ASP B 296 19.70 11.49 -75.51
C ASP B 296 20.29 12.88 -75.28
N LYS B 297 19.43 13.90 -75.17
CA LYS B 297 19.90 15.28 -75.01
C LYS B 297 20.52 15.48 -73.62
N GLU B 298 21.77 15.92 -73.59
CA GLU B 298 22.48 16.19 -72.33
C GLU B 298 23.05 17.60 -72.27
N ARG B 299 23.42 18.02 -71.07
CA ARG B 299 24.05 19.31 -70.87
C ARG B 299 25.48 19.22 -71.35
N ASP B 300 26.06 20.38 -71.66
CA ASP B 300 27.49 20.47 -71.97
C ASP B 300 28.26 19.96 -70.76
N PRO B 301 29.15 18.97 -70.96
CA PRO B 301 29.85 18.40 -69.79
C PRO B 301 30.94 19.30 -69.20
N ILE B 302 31.38 20.31 -69.94
CA ILE B 302 32.44 21.20 -69.50
C ILE B 302 31.88 22.34 -68.63
N PRO B 303 32.13 22.32 -67.31
CA PRO B 303 31.53 23.34 -66.44
C PRO B 303 31.95 24.77 -66.78
N ALA B 304 33.18 24.93 -67.26
CA ALA B 304 33.68 26.24 -67.67
C ALA B 304 32.82 26.86 -68.77
N ILE B 305 32.31 26.02 -69.66
CA ILE B 305 31.47 26.47 -70.76
C ILE B 305 30.06 26.80 -70.26
N ILE B 306 29.52 25.96 -69.38
CA ILE B 306 28.21 26.23 -68.78
C ILE B 306 28.22 27.54 -68.02
N CYS B 307 29.26 27.76 -67.21
CA CYS B 307 29.37 28.99 -66.43
C CYS B 307 29.38 30.22 -67.33
N CYS B 308 30.06 30.11 -68.47
CA CYS B 308 30.11 31.17 -69.45
C CYS B 308 28.71 31.53 -69.94
N HIS B 309 27.91 30.50 -70.26
CA HIS B 309 26.53 30.71 -70.69
C HIS B 309 25.68 31.32 -69.58
N LEU B 310 25.89 30.86 -68.35
CA LEU B 310 25.20 31.43 -67.20
C LEU B 310 25.56 32.91 -66.99
N GLU B 311 26.82 33.26 -67.26
CA GLU B 311 27.25 34.66 -67.23
C GLU B 311 26.51 35.48 -68.29
N SER B 312 26.26 34.88 -69.47
CA SER B 312 25.50 35.56 -70.53
C SER B 312 24.06 35.79 -70.08
N ILE B 313 23.43 34.75 -69.53
CA ILE B 313 22.07 34.86 -68.98
C ILE B 313 22.03 35.94 -67.90
N LEU B 314 23.04 35.94 -67.04
CA LEU B 314 23.12 36.91 -65.96
C LEU B 314 23.24 38.34 -66.51
N LEU B 315 24.01 38.51 -67.58
CA LEU B 315 24.13 39.81 -68.26
C LEU B 315 22.77 40.28 -68.74
N LEU B 316 22.04 39.37 -69.38
CA LEU B 316 20.71 39.68 -69.91
C LEU B 316 19.70 40.09 -68.82
N CYS B 317 19.93 39.60 -67.59
CA CYS B 317 19.12 39.98 -66.43
C CYS B 317 19.37 41.43 -65.94
N THR B 318 20.36 42.13 -66.49
CA THR B 318 20.64 43.51 -66.08
C THR B 318 19.40 44.39 -66.20
N THR B 319 18.79 44.37 -67.39
CA THR B 319 17.65 45.23 -67.70
C THR B 319 16.31 44.56 -67.39
N HIS B 320 15.32 45.37 -67.01
CA HIS B 320 13.97 44.87 -66.72
C HIS B 320 13.31 44.19 -67.93
N ALA B 321 13.44 44.81 -69.10
CA ALA B 321 12.90 44.26 -70.34
C ALA B 321 13.51 42.90 -70.63
N GLY B 322 14.80 42.76 -70.34
CA GLY B 322 15.50 41.48 -70.50
C GLY B 322 15.02 40.44 -69.50
N ARG B 323 14.85 40.85 -68.25
CA ARG B 323 14.35 39.95 -67.21
C ARG B 323 12.96 39.43 -67.54
N GLU B 324 12.08 40.31 -68.01
CA GLU B 324 10.74 39.89 -68.41
C GLU B 324 10.77 38.92 -69.58
N TYR B 325 11.69 39.13 -70.51
CA TYR B 325 11.86 38.22 -71.65
C TYR B 325 12.31 36.83 -71.18
N LEU B 326 13.29 36.81 -70.28
CA LEU B 326 13.84 35.55 -69.77
C LEU B 326 12.80 34.80 -68.95
N ARG B 327 12.09 35.50 -68.07
CA ARG B 327 11.01 34.89 -67.29
C ARG B 327 9.97 34.24 -68.18
N ASP B 328 9.53 34.97 -69.20
CA ASP B 328 8.49 34.49 -70.13
C ASP B 328 8.92 33.30 -71.00
N LYS B 329 10.22 33.02 -71.05
CA LYS B 329 10.73 31.88 -71.81
C LYS B 329 11.19 30.73 -70.90
N SER B 330 10.65 30.70 -69.68
CA SER B 330 10.95 29.65 -68.70
C SER B 330 12.46 29.45 -68.47
N VAL B 331 13.19 30.55 -68.38
CA VAL B 331 14.61 30.50 -68.06
C VAL B 331 14.82 30.10 -66.60
N TYR B 332 13.90 30.51 -65.71
CA TYR B 332 14.05 30.15 -64.30
C TYR B 332 14.03 28.62 -64.07
N PRO B 333 13.00 27.92 -64.56
CA PRO B 333 13.00 26.45 -64.38
C PRO B 333 14.25 25.75 -64.92
N LEU B 334 14.78 26.19 -66.06
CA LEU B 334 16.01 25.62 -66.60
C LEU B 334 17.17 25.80 -65.64
N VAL B 335 17.29 27.00 -65.08
CA VAL B 335 18.34 27.31 -64.13
C VAL B 335 18.17 26.51 -62.84
N ARG B 336 16.93 26.40 -62.37
CA ARG B 336 16.62 25.60 -61.19
C ARG B 336 17.10 24.15 -61.37
N GLU B 337 16.77 23.55 -62.49
CA GLU B 337 17.11 22.15 -62.73
C GLU B 337 18.61 21.93 -62.95
N LEU B 338 19.27 22.91 -63.57
CA LEU B 338 20.73 22.89 -63.66
C LEU B 338 21.34 22.86 -62.25
N HIS B 339 20.86 23.75 -61.40
CA HIS B 339 21.30 23.82 -60.01
C HIS B 339 21.10 22.47 -59.30
N LYS B 340 19.89 21.93 -59.38
CA LYS B 340 19.56 20.65 -58.74
C LYS B 340 20.47 19.50 -59.17
N ASN B 341 20.78 19.45 -60.46
CA ASN B 341 21.35 18.24 -61.05
C ASN B 341 22.84 18.25 -61.39
N VAL B 342 23.51 19.39 -61.15
CA VAL B 342 24.96 19.48 -61.37
C VAL B 342 25.65 19.96 -60.11
N GLU B 343 26.43 19.07 -59.49
CA GLU B 343 27.09 19.32 -58.20
C GLU B 343 28.08 20.48 -58.21
N ASN B 344 28.70 20.76 -59.35
CA ASN B 344 29.67 21.86 -59.47
C ASN B 344 29.25 23.13 -58.72
N GLU B 345 30.21 23.72 -58.01
CA GLU B 345 29.92 24.81 -57.09
C GLU B 345 29.92 26.19 -57.75
N ASP B 346 30.72 26.36 -58.79
CA ASP B 346 30.73 27.61 -59.55
C ASP B 346 29.42 27.77 -60.32
N ILE B 347 28.97 26.67 -60.92
CA ILE B 347 27.68 26.63 -61.59
C ILE B 347 26.55 26.99 -60.62
N GLY B 348 26.63 26.43 -59.42
CA GLY B 348 25.63 26.67 -58.38
C GLY B 348 25.58 28.11 -57.93
N GLU B 349 26.75 28.69 -57.68
CA GLU B 349 26.84 30.09 -57.26
C GLU B 349 26.19 31.00 -58.33
N LEU B 350 26.48 30.76 -59.59
CA LEU B 350 25.90 31.55 -60.69
C LEU B 350 24.39 31.35 -60.80
N CYS B 351 23.93 30.13 -60.57
CA CYS B 351 22.49 29.83 -60.62
C CYS B 351 21.72 30.69 -59.62
N TYR B 352 22.22 30.76 -58.39
CA TYR B 352 21.62 31.61 -57.38
C TYR B 352 21.59 33.09 -57.79
N ARG B 353 22.68 33.57 -58.38
CA ARG B 353 22.78 34.98 -58.76
C ARG B 353 21.77 35.31 -59.85
N ILE B 354 21.55 34.38 -60.76
CA ILE B 354 20.52 34.54 -61.79
C ILE B 354 19.12 34.60 -61.17
N VAL B 355 18.86 33.71 -60.21
CA VAL B 355 17.55 33.67 -59.55
C VAL B 355 17.31 34.94 -58.75
N ASN B 356 18.36 35.45 -58.11
CA ASN B 356 18.28 36.72 -57.39
C ASN B 356 17.83 37.85 -58.30
N MET B 357 18.36 37.88 -59.51
CA MET B 357 18.02 38.91 -60.48
C MET B 357 16.59 38.73 -60.98
N LEU B 358 16.25 37.51 -61.37
CA LEU B 358 14.93 37.23 -61.94
C LEU B 358 13.82 37.39 -60.89
N MET B 359 14.19 37.45 -59.63
CA MET B 359 13.24 37.67 -58.56
C MET B 359 12.80 39.14 -58.44
N ARG B 360 13.56 40.06 -59.04
CA ARG B 360 13.24 41.49 -58.97
C ARG B 360 11.93 41.80 -59.69
N GLY B 361 11.20 42.77 -59.17
CA GLY B 361 9.97 43.24 -59.79
C GLY B 361 10.19 44.27 -60.87
N GLU B 362 9.18 45.11 -61.02
CA GLU B 362 9.19 46.21 -61.97
C GLU B 362 9.61 47.48 -61.23
N PRO B 363 10.66 48.16 -61.74
CA PRO B 363 11.23 49.30 -61.01
C PRO B 363 10.26 50.48 -60.84
N GLY B 364 10.35 51.16 -59.70
CA GLY B 364 9.51 52.32 -59.42
C GLY B 364 8.05 51.94 -59.21
N GLY C 5 -58.73 5.55 97.88
CA GLY C 5 -58.14 4.18 97.78
C GLY C 5 -58.04 3.68 96.35
N GLY C 6 -56.89 3.93 95.70
CA GLY C 6 -56.59 3.36 94.39
C GLY C 6 -56.37 1.85 94.52
N MET C 7 -55.94 1.19 93.44
CA MET C 7 -55.73 -0.26 93.47
C MET C 7 -54.62 -0.70 94.42
N THR C 8 -53.50 0.01 94.43
CA THR C 8 -52.41 -0.28 95.35
C THR C 8 -52.91 -0.27 96.80
N SER C 9 -53.74 0.72 97.14
CA SER C 9 -54.33 0.84 98.48
C SER C 9 -55.28 -0.32 98.79
N GLN C 10 -56.02 -0.79 97.79
CA GLN C 10 -56.94 -1.90 97.97
C GLN C 10 -56.21 -3.21 98.18
N LEU C 11 -55.16 -3.44 97.39
CA LEU C 11 -54.41 -4.69 97.45
C LEU C 11 -53.57 -4.84 98.72
N ASN C 12 -52.99 -3.74 99.19
CA ASN C 12 -52.23 -3.73 100.44
C ASN C 12 -53.07 -4.21 101.63
N GLU C 13 -54.33 -3.78 101.67
CA GLU C 13 -55.26 -4.23 102.71
C GLU C 13 -55.68 -5.67 102.49
N LEU C 14 -55.90 -6.03 101.22
CA LEU C 14 -56.36 -7.37 100.86
C LEU C 14 -55.34 -8.44 101.19
N VAL C 15 -54.07 -8.17 100.88
CA VAL C 15 -53.02 -9.16 101.05
C VAL C 15 -52.85 -9.62 102.50
N GLU C 16 -53.12 -8.72 103.44
CA GLU C 16 -53.00 -9.03 104.88
C GLU C 16 -53.97 -10.12 105.32
N PHE C 17 -55.08 -10.26 104.62
CA PHE C 17 -56.07 -11.31 104.93
C PHE C 17 -55.56 -12.72 104.62
N LEU C 18 -54.40 -12.84 103.96
CA LEU C 18 -53.75 -14.14 103.75
C LEU C 18 -53.30 -14.79 105.06
N HIS C 19 -53.15 -14.01 106.13
CA HIS C 19 -52.86 -14.56 107.47
C HIS C 19 -53.97 -14.32 108.48
N SER C 20 -55.20 -14.19 107.98
CA SER C 20 -56.38 -14.15 108.86
C SER C 20 -56.53 -15.51 109.54
N PRO C 21 -56.97 -15.53 110.81
CA PRO C 21 -57.15 -16.83 111.47
C PRO C 21 -58.28 -17.67 110.86
N GLN C 22 -59.24 -17.04 110.19
CA GLN C 22 -60.36 -17.77 109.60
C GLN C 22 -60.02 -18.30 108.20
N PRO C 23 -60.24 -19.61 107.98
CA PRO C 23 -60.03 -20.20 106.65
C PRO C 23 -60.87 -19.58 105.53
N ALA C 24 -62.15 -19.36 105.78
CA ALA C 24 -63.06 -18.76 104.80
C ALA C 24 -62.51 -17.44 104.24
N VAL C 25 -61.94 -16.62 105.11
CA VAL C 25 -61.40 -15.31 104.74
C VAL C 25 -60.19 -15.45 103.84
N ARG C 26 -59.29 -16.36 104.20
CA ARG C 26 -58.10 -16.65 103.40
C ARG C 26 -58.46 -17.14 102.00
N GLN C 27 -59.39 -18.09 101.93
CA GLN C 27 -59.85 -18.65 100.67
C GLN C 27 -60.30 -17.57 99.68
N ILE C 28 -61.03 -16.59 100.19
CA ILE C 28 -61.50 -15.47 99.38
C ILE C 28 -60.34 -14.56 99.00
N ALA C 29 -59.49 -14.24 99.97
CA ALA C 29 -58.36 -13.34 99.74
C ALA C 29 -57.47 -13.82 98.59
N ILE C 30 -57.05 -15.08 98.64
CA ILE C 30 -56.19 -15.65 97.61
C ILE C 30 -56.90 -15.80 96.26
N ASP C 31 -58.21 -16.00 96.28
CA ASP C 31 -59.00 -16.09 95.04
C ASP C 31 -58.93 -14.78 94.26
N ASN C 32 -59.03 -13.66 94.96
CA ASN C 32 -58.93 -12.34 94.34
C ASN C 32 -57.50 -11.97 93.95
N LEU C 33 -56.54 -12.35 94.78
CA LEU C 33 -55.15 -11.96 94.60
C LEU C 33 -54.46 -12.64 93.43
N VAL C 34 -54.82 -13.90 93.17
CA VAL C 34 -54.16 -14.69 92.12
C VAL C 34 -54.11 -13.97 90.77
N GLY C 35 -55.15 -13.20 90.46
CA GLY C 35 -55.20 -12.42 89.22
C GLY C 35 -54.17 -11.30 89.14
N PHE C 36 -53.78 -10.76 90.30
CA PHE C 36 -52.85 -9.64 90.35
C PHE C 36 -51.39 -10.06 90.52
N SER C 37 -51.11 -11.35 90.47
CA SER C 37 -49.74 -11.85 90.65
C SER C 37 -48.88 -11.77 89.38
N ALA C 38 -49.50 -11.48 88.25
CA ALA C 38 -48.77 -11.25 87.00
C ALA C 38 -48.91 -9.79 86.60
N GLY C 39 -47.78 -9.15 86.30
CA GLY C 39 -47.77 -7.73 85.96
C GLY C 39 -47.43 -6.85 87.16
N PRO C 40 -47.35 -5.52 86.94
CA PRO C 40 -46.84 -4.53 87.91
C PRO C 40 -47.48 -4.57 89.30
N THR C 41 -48.71 -5.07 89.39
CA THR C 41 -49.41 -5.16 90.68
C THR C 41 -48.82 -6.20 91.63
N SER C 42 -47.99 -7.11 91.11
CA SER C 42 -47.39 -8.17 91.92
C SER C 42 -46.42 -7.69 92.99
N LYS C 43 -46.04 -6.40 92.95
CA LYS C 43 -45.19 -5.81 93.98
C LYS C 43 -45.82 -5.94 95.38
N VAL C 44 -47.14 -6.02 95.45
CA VAL C 44 -47.88 -6.15 96.72
C VAL C 44 -47.50 -7.41 97.51
N PHE C 45 -47.16 -8.48 96.78
CA PHE C 45 -46.74 -9.74 97.42
C PHE C 45 -45.37 -9.65 98.08
N LYS C 46 -44.69 -8.52 97.91
CA LYS C 46 -43.37 -8.31 98.49
C LYS C 46 -43.41 -7.37 99.70
N ASN C 47 -44.61 -7.08 100.20
CA ASN C 47 -44.76 -6.23 101.39
C ASN C 47 -44.29 -6.95 102.65
N ASP C 48 -43.92 -6.17 103.67
CA ASP C 48 -43.49 -6.73 104.96
C ASP C 48 -42.39 -7.76 104.76
N SER C 49 -41.34 -7.34 104.08
CA SER C 49 -40.30 -8.26 103.60
C SER C 49 -40.90 -9.64 103.28
N TYR C 50 -41.73 -9.66 102.24
CA TYR C 50 -42.26 -10.89 101.63
C TYR C 50 -43.20 -11.71 102.53
N ARG C 51 -43.97 -11.04 103.38
CA ARG C 51 -44.93 -11.73 104.26
C ARG C 51 -46.02 -12.47 103.50
N PRO C 52 -46.55 -11.88 102.41
CA PRO C 52 -47.56 -12.58 101.60
C PRO C 52 -47.07 -13.88 100.98
N ILE C 53 -45.79 -13.94 100.63
CA ILE C 53 -45.19 -15.17 100.10
C ILE C 53 -45.20 -16.24 101.18
N LYS C 54 -44.82 -15.85 102.39
CA LYS C 54 -44.78 -16.77 103.53
C LYS C 54 -46.17 -17.29 103.89
N ASP C 55 -47.16 -16.40 103.90
CA ASP C 55 -48.54 -16.78 104.21
C ASP C 55 -49.12 -17.73 103.17
N ILE C 56 -48.78 -17.51 101.90
CA ILE C 56 -49.24 -18.36 100.81
C ILE C 56 -48.62 -19.75 100.91
N ILE C 57 -47.34 -19.81 101.25
CA ILE C 57 -46.66 -21.09 101.43
C ILE C 57 -47.34 -21.90 102.54
N LYS C 58 -47.65 -21.26 103.67
CA LYS C 58 -48.35 -21.92 104.78
C LYS C 58 -49.72 -22.45 104.37
N MET C 59 -50.44 -21.67 103.57
CA MET C 59 -51.76 -22.07 103.07
C MET C 59 -51.69 -23.34 102.20
N ILE C 60 -50.66 -23.42 101.36
CA ILE C 60 -50.49 -24.56 100.45
C ILE C 60 -50.21 -25.84 101.25
N MET C 61 -49.30 -25.74 102.21
CA MET C 61 -48.86 -26.91 102.99
C MET C 61 -49.86 -27.36 104.06
N ASP C 62 -50.76 -26.46 104.47
CA ASP C 62 -51.76 -26.80 105.48
C ASP C 62 -52.53 -28.05 105.05
N PRO C 63 -52.45 -29.13 105.85
CA PRO C 63 -53.07 -30.39 105.45
C PRO C 63 -54.61 -30.36 105.47
N GLU C 64 -55.21 -29.60 106.38
CA GLU C 64 -56.66 -29.52 106.49
C GLU C 64 -57.29 -28.50 105.53
N HIS C 65 -56.78 -27.27 105.55
CA HIS C 65 -57.41 -26.16 104.83
C HIS C 65 -56.84 -25.87 103.44
N GLY C 66 -55.76 -26.55 103.08
CA GLY C 66 -55.15 -26.40 101.76
C GLY C 66 -55.85 -27.26 100.73
N THR C 67 -56.98 -26.79 100.22
CA THR C 67 -57.79 -27.54 99.25
C THR C 67 -57.10 -27.56 97.88
N ARG C 68 -57.70 -28.26 96.92
CA ARG C 68 -57.17 -28.32 95.56
C ARG C 68 -57.04 -26.94 94.94
N VAL C 69 -58.10 -26.15 95.03
CA VAL C 69 -58.13 -24.82 94.41
C VAL C 69 -57.11 -23.89 95.08
N ILE C 70 -57.05 -23.94 96.41
CA ILE C 70 -56.13 -23.08 97.17
C ILE C 70 -54.67 -23.40 96.81
N ILE C 71 -54.35 -24.68 96.69
CA ILE C 71 -53.01 -25.10 96.26
C ILE C 71 -52.72 -24.59 94.85
N GLN C 72 -53.69 -24.75 93.96
CA GLN C 72 -53.53 -24.34 92.56
C GLN C 72 -53.27 -22.83 92.43
N GLN C 73 -54.05 -22.06 93.18
CA GLN C 73 -53.92 -20.61 93.18
C GLN C 73 -52.62 -20.16 93.85
N GLY C 74 -52.26 -20.77 94.97
CA GLY C 74 -51.03 -20.44 95.67
C GLY C 74 -49.78 -20.75 94.85
N VAL C 75 -49.78 -21.91 94.21
CA VAL C 75 -48.66 -22.30 93.35
C VAL C 75 -48.60 -21.40 92.11
N THR C 76 -49.77 -21.07 91.55
CA THR C 76 -49.81 -20.19 90.38
C THR C 76 -49.22 -18.82 90.71
N ILE C 77 -49.49 -18.32 91.91
CA ILE C 77 -48.88 -17.07 92.37
C ILE C 77 -47.37 -17.25 92.51
N LEU C 78 -46.95 -18.31 93.20
CA LEU C 78 -45.52 -18.55 93.41
C LEU C 78 -44.75 -18.75 92.09
N VAL C 79 -45.38 -19.37 91.11
CA VAL C 79 -44.76 -19.52 89.78
C VAL C 79 -44.49 -18.13 89.18
N ASN C 80 -45.47 -17.24 89.24
CA ASN C 80 -45.33 -15.89 88.70
C ASN C 80 -44.29 -15.07 89.45
N LEU C 81 -44.30 -15.18 90.78
CA LEU C 81 -43.39 -14.41 91.62
C LEU C 81 -41.96 -14.97 91.66
N SER C 82 -41.77 -16.22 91.23
CA SER C 82 -40.45 -16.87 91.25
C SER C 82 -39.51 -16.41 90.14
N GLU C 83 -39.94 -15.45 89.32
CA GLU C 83 -39.06 -14.78 88.37
C GLU C 83 -38.04 -13.93 89.14
N ASP C 84 -38.48 -13.30 90.23
CA ASP C 84 -37.61 -12.51 91.09
C ASP C 84 -36.73 -13.47 91.90
N LYS C 85 -35.41 -13.26 91.83
CA LYS C 85 -34.43 -14.07 92.56
C LYS C 85 -34.63 -13.99 94.07
N LEU C 86 -34.96 -12.80 94.58
CA LEU C 86 -35.16 -12.61 96.01
C LEU C 86 -36.33 -13.41 96.56
N VAL C 87 -37.34 -13.66 95.72
CA VAL C 87 -38.51 -14.44 96.14
C VAL C 87 -38.17 -15.93 96.23
N ARG C 88 -37.40 -16.43 95.26
CA ARG C 88 -36.96 -17.83 95.25
C ARG C 88 -36.21 -18.14 96.53
N ASN C 89 -35.40 -17.19 96.98
CA ASN C 89 -34.68 -17.30 98.23
C ASN C 89 -35.61 -17.57 99.41
N ILE C 90 -36.71 -16.81 99.48
CA ILE C 90 -37.70 -16.96 100.55
C ILE C 90 -38.39 -18.33 100.46
N ILE C 91 -38.69 -18.77 99.24
CA ILE C 91 -39.39 -20.03 99.03
C ILE C 91 -38.55 -21.21 99.54
N LEU C 92 -37.25 -21.20 99.26
CA LEU C 92 -36.36 -22.29 99.65
C LEU C 92 -35.87 -22.18 101.10
N SER C 93 -35.36 -21.01 101.46
CA SER C 93 -34.60 -20.84 102.71
C SER C 93 -35.42 -20.43 103.94
N ASP C 94 -36.54 -19.72 103.75
CA ASP C 94 -37.34 -19.25 104.90
C ASP C 94 -38.03 -20.39 105.63
N ASP C 95 -38.54 -21.36 104.88
CA ASP C 95 -39.11 -22.58 105.44
C ASP C 95 -38.63 -23.79 104.64
N LYS C 96 -37.78 -24.59 105.27
CA LYS C 96 -37.13 -25.74 104.61
C LYS C 96 -38.11 -26.87 104.33
N LYS C 97 -39.26 -26.84 105.00
CA LYS C 97 -40.32 -27.83 104.80
C LYS C 97 -40.87 -27.78 103.38
N PHE C 98 -41.00 -26.58 102.82
CA PHE C 98 -41.72 -26.39 101.55
C PHE C 98 -41.11 -27.18 100.40
N LEU C 99 -39.78 -27.17 100.29
CA LEU C 99 -39.11 -27.91 99.22
C LEU C 99 -39.40 -29.40 99.34
N LYS C 100 -39.36 -29.94 100.56
CA LYS C 100 -39.75 -31.34 100.82
C LYS C 100 -41.20 -31.58 100.43
N PHE C 101 -42.08 -30.71 100.91
CA PHE C 101 -43.49 -30.76 100.58
C PHE C 101 -43.72 -30.79 99.07
N LEU C 102 -42.99 -29.93 98.37
CA LEU C 102 -43.18 -29.74 96.93
C LEU C 102 -42.80 -30.99 96.13
N VAL C 103 -41.58 -31.50 96.35
CA VAL C 103 -41.11 -32.65 95.59
C VAL C 103 -41.93 -33.91 95.87
N TRP C 104 -42.34 -34.10 97.13
CA TRP C 104 -43.13 -35.28 97.49
C TRP C 104 -44.55 -35.19 96.96
N LYS C 105 -45.04 -33.97 96.76
CA LYS C 105 -46.39 -33.80 96.26
C LYS C 105 -46.46 -33.93 94.73
N ILE C 106 -45.32 -33.71 94.06
CA ILE C 106 -45.22 -33.97 92.62
C ILE C 106 -45.33 -35.48 92.35
N VAL C 107 -44.61 -36.27 93.16
CA VAL C 107 -44.59 -37.73 93.00
C VAL C 107 -45.87 -38.40 93.51
N ASP C 108 -46.71 -37.65 94.23
CA ASP C 108 -48.06 -38.10 94.55
C ASP C 108 -48.85 -38.11 93.25
N LEU C 109 -49.22 -39.31 92.78
CA LEU C 109 -49.86 -39.46 91.49
C LEU C 109 -51.37 -39.22 91.53
N THR C 110 -51.86 -38.77 92.68
CA THR C 110 -53.24 -38.30 92.80
C THR C 110 -53.30 -36.79 92.91
N ASN C 111 -52.12 -36.14 92.92
CA ASN C 111 -52.04 -34.68 92.96
C ASN C 111 -52.41 -34.07 91.61
N PRO C 112 -53.55 -33.36 91.55
CA PRO C 112 -53.94 -32.76 90.28
C PRO C 112 -53.11 -31.54 89.87
N ASN C 113 -52.37 -30.95 90.83
CA ASN C 113 -51.53 -29.78 90.55
C ASN C 113 -50.05 -30.13 90.41
N ALA C 114 -49.76 -31.31 89.85
CA ALA C 114 -48.38 -31.77 89.74
C ALA C 114 -47.57 -30.95 88.73
N ASP C 115 -48.13 -30.76 87.54
CA ASP C 115 -47.44 -30.04 86.46
C ASP C 115 -47.14 -28.59 86.83
N ILE C 116 -48.12 -27.90 87.42
CA ILE C 116 -47.92 -26.52 87.83
C ILE C 116 -46.84 -26.44 88.92
N MET C 117 -46.75 -27.48 89.76
CA MET C 117 -45.69 -27.58 90.77
C MET C 117 -44.31 -27.86 90.16
N CYS C 118 -44.27 -28.66 89.10
CA CYS C 118 -43.01 -28.90 88.38
C CYS C 118 -42.46 -27.60 87.81
N ILE C 119 -43.34 -26.75 87.31
CA ILE C 119 -42.93 -25.45 86.78
C ILE C 119 -42.30 -24.63 87.90
N LEU C 120 -42.91 -24.66 89.08
CA LEU C 120 -42.37 -23.95 90.24
C LEU C 120 -40.99 -24.50 90.60
N LEU C 121 -40.86 -25.82 90.61
CA LEU C 121 -39.59 -26.47 90.93
C LEU C 121 -38.49 -26.06 89.95
N SER C 122 -38.81 -26.06 88.66
CA SER C 122 -37.84 -25.70 87.63
C SER C 122 -37.36 -24.25 87.77
N ASN C 123 -38.25 -23.35 88.21
CA ASN C 123 -37.88 -21.96 88.50
C ASN C 123 -36.96 -21.84 89.70
N LEU C 124 -37.22 -22.64 90.73
CA LEU C 124 -36.39 -22.65 91.94
C LEU C 124 -34.99 -23.23 91.70
N ALA C 125 -34.82 -23.99 90.62
CA ALA C 125 -33.54 -24.66 90.32
C ALA C 125 -32.43 -23.70 89.88
N LYS C 126 -32.78 -22.44 89.63
CA LYS C 126 -31.79 -21.40 89.32
C LYS C 126 -30.96 -21.07 90.55
N ASP C 127 -31.66 -20.87 91.67
CA ASP C 127 -31.05 -20.69 92.99
C ASP C 127 -30.31 -21.97 93.41
N ASP C 128 -29.06 -21.86 93.87
CA ASP C 128 -28.29 -23.05 94.25
C ASP C 128 -28.77 -23.75 95.54
N GLY C 129 -29.74 -23.15 96.23
CA GLY C 129 -30.40 -23.80 97.36
C GLY C 129 -31.21 -25.02 96.96
N ILE C 130 -31.40 -25.19 95.65
CA ILE C 130 -32.08 -26.36 95.09
C ILE C 130 -31.33 -27.67 95.36
N LEU C 131 -30.01 -27.59 95.52
CA LEU C 131 -29.18 -28.79 95.77
C LEU C 131 -29.68 -29.61 96.95
N ALA C 132 -30.43 -28.97 97.85
CA ALA C 132 -31.09 -29.68 98.95
C ALA C 132 -31.87 -30.92 98.49
N VAL C 133 -32.43 -30.86 97.28
CA VAL C 133 -33.23 -31.97 96.75
C VAL C 133 -32.44 -33.30 96.71
N LEU C 134 -31.14 -33.21 96.49
CA LEU C 134 -30.28 -34.40 96.42
C LEU C 134 -30.20 -35.15 97.75
N ASN C 135 -30.49 -34.47 98.85
CA ASN C 135 -30.46 -35.08 100.19
C ASN C 135 -31.84 -35.40 100.76
N ILE C 136 -32.90 -34.92 100.13
CA ILE C 136 -34.26 -35.17 100.61
C ILE C 136 -34.62 -36.64 100.41
N LYS C 137 -34.63 -37.39 101.51
CA LYS C 137 -35.09 -38.77 101.51
C LYS C 137 -36.25 -38.88 102.49
N ARG C 138 -36.81 -40.09 102.62
CA ARG C 138 -37.84 -40.37 103.62
C ARG C 138 -37.63 -41.75 104.24
N ASN C 139 -38.14 -41.93 105.46
CA ASN C 139 -37.92 -43.16 106.22
C ASN C 139 -38.58 -44.39 105.61
N SER C 140 -39.87 -44.28 105.30
CA SER C 140 -40.67 -45.42 104.84
C SER C 140 -41.43 -45.14 103.55
N SER C 141 -41.88 -46.23 102.94
CA SER C 141 -42.63 -46.20 101.68
C SER C 141 -44.04 -45.65 101.87
N GLY C 142 -44.68 -46.02 102.99
CA GLY C 142 -46.05 -45.62 103.28
C GLY C 142 -46.15 -44.23 103.91
N GLU C 143 -47.34 -43.90 104.42
CA GLU C 143 -47.59 -42.58 104.99
C GLU C 143 -46.64 -42.26 106.15
N GLU C 144 -46.30 -40.97 106.28
CA GLU C 144 -45.21 -40.56 107.15
C GLU C 144 -45.36 -39.09 107.53
N VAL C 145 -44.82 -38.72 108.69
CA VAL C 145 -44.85 -37.33 109.16
C VAL C 145 -43.42 -36.79 109.23
N ASP C 146 -43.05 -35.96 108.27
CA ASP C 146 -41.70 -35.41 108.15
C ASP C 146 -41.72 -33.93 108.55
N ASP C 147 -41.23 -33.63 109.75
CA ASP C 147 -41.22 -32.25 110.28
C ASP C 147 -42.62 -31.61 110.19
N GLY C 148 -43.62 -32.34 110.68
CA GLY C 148 -45.01 -31.87 110.70
C GLY C 148 -45.70 -31.81 109.34
N LEU C 149 -45.19 -32.58 108.37
CA LEU C 149 -45.81 -32.67 107.05
C LEU C 149 -46.37 -34.07 106.85
N LYS C 150 -47.66 -34.16 106.52
CA LYS C 150 -48.25 -35.44 106.17
C LYS C 150 -47.88 -35.81 104.74
N LEU C 151 -46.85 -36.65 104.59
CA LEU C 151 -46.43 -37.13 103.29
C LEU C 151 -47.32 -38.30 102.87
N ALA C 152 -47.87 -38.21 101.66
CA ALA C 152 -48.70 -39.27 101.12
C ALA C 152 -47.89 -40.54 100.91
N ALA C 153 -48.54 -41.69 101.04
CA ALA C 153 -47.88 -42.97 100.82
C ALA C 153 -47.49 -43.08 99.35
N LEU C 154 -46.24 -43.49 99.10
CA LEU C 154 -45.76 -43.70 97.74
C LEU C 154 -46.46 -44.89 97.08
N ASN C 155 -46.54 -44.83 95.75
CA ASN C 155 -46.96 -45.96 94.95
C ASN C 155 -45.80 -46.94 94.85
N LYS C 156 -45.84 -47.99 95.69
CA LYS C 156 -44.75 -48.99 95.73
C LYS C 156 -44.51 -49.63 94.37
N GLU C 157 -45.58 -49.75 93.59
CA GLU C 157 -45.52 -50.36 92.27
C GLU C 157 -44.71 -49.53 91.26
N VAL C 158 -44.68 -48.21 91.45
CA VAL C 158 -43.98 -47.32 90.55
C VAL C 158 -42.60 -46.90 91.10
N PHE C 159 -42.59 -46.37 92.32
CA PHE C 159 -41.38 -45.80 92.92
C PHE C 159 -40.70 -46.78 93.87
N LYS C 160 -39.49 -47.21 93.50
CA LYS C 160 -38.72 -48.17 94.30
C LYS C 160 -37.75 -47.49 95.25
N SER C 161 -37.59 -46.17 95.10
CA SER C 161 -36.64 -45.41 95.93
C SER C 161 -37.35 -44.65 97.02
N LEU C 162 -36.61 -44.33 98.07
CA LEU C 162 -37.07 -43.39 99.09
C LEU C 162 -36.39 -42.03 98.93
N ARG C 163 -35.58 -41.87 97.88
CA ARG C 163 -34.91 -40.61 97.59
C ARG C 163 -35.79 -39.79 96.66
N ALA C 164 -35.87 -38.49 96.92
CA ALA C 164 -36.74 -37.61 96.16
C ALA C 164 -36.27 -37.49 94.72
N MET C 165 -34.97 -37.24 94.55
CA MET C 165 -34.39 -37.06 93.21
C MET C 165 -34.62 -38.29 92.34
N ASP C 166 -34.52 -39.48 92.95
CA ASP C 166 -34.79 -40.74 92.25
C ASP C 166 -36.27 -40.81 91.81
N CYS C 167 -37.18 -40.38 92.68
CA CYS C 167 -38.61 -40.43 92.38
C CYS C 167 -39.03 -39.41 91.33
N LEU C 168 -38.35 -38.25 91.30
CA LEU C 168 -38.60 -37.26 90.26
C LEU C 168 -38.12 -37.76 88.90
N MET C 169 -36.97 -38.43 88.87
CA MET C 169 -36.50 -39.11 87.67
C MET C 169 -37.55 -40.10 87.17
N ASP C 170 -38.09 -40.90 88.08
CA ASP C 170 -39.13 -41.89 87.74
C ASP C 170 -40.35 -41.21 87.10
N CYS C 171 -40.79 -40.10 87.70
CA CYS C 171 -41.95 -39.36 87.17
C CYS C 171 -41.70 -38.87 85.75
N PHE C 172 -40.53 -38.29 85.51
CA PHE C 172 -40.18 -37.76 84.19
C PHE C 172 -40.07 -38.87 83.15
N VAL C 173 -39.39 -39.96 83.52
CA VAL C 173 -39.06 -41.03 82.57
C VAL C 173 -40.27 -41.93 82.26
N LYS C 174 -41.16 -42.11 83.23
CA LYS C 174 -42.31 -42.99 83.08
C LYS C 174 -43.63 -42.27 82.94
N GLY C 175 -43.67 -40.98 83.28
CA GLY C 175 -44.92 -40.22 83.33
C GLY C 175 -45.28 -39.41 82.08
N TYR C 176 -44.41 -39.41 81.08
CA TYR C 176 -44.67 -38.69 79.83
C TYR C 176 -45.98 -39.15 79.20
N ASP C 177 -46.64 -38.25 78.47
CA ASP C 177 -47.94 -38.52 77.84
C ASP C 177 -48.97 -39.09 78.83
N LYS C 178 -49.04 -38.48 80.01
CA LYS C 178 -50.05 -38.83 81.01
C LYS C 178 -50.08 -40.32 81.39
N LYS C 179 -48.91 -40.95 81.45
CA LYS C 179 -48.84 -42.41 81.64
C LYS C 179 -48.88 -42.86 83.10
N LEU C 180 -48.52 -41.98 84.03
CA LEU C 180 -48.63 -42.27 85.46
C LEU C 180 -49.83 -41.56 86.08
N THR C 181 -50.09 -40.32 85.64
CA THR C 181 -51.20 -39.51 86.13
C THR C 181 -52.01 -39.00 84.94
N LYS C 182 -53.32 -38.93 85.11
CA LYS C 182 -54.18 -38.27 84.12
C LYS C 182 -54.01 -36.74 84.16
N TYR C 183 -53.52 -36.25 85.29
CA TYR C 183 -53.37 -34.81 85.55
C TYR C 183 -52.07 -34.19 85.02
N ALA C 184 -51.06 -35.01 84.72
CA ALA C 184 -49.73 -34.47 84.43
C ALA C 184 -48.83 -35.36 83.60
N SER C 185 -47.93 -34.72 82.85
CA SER C 185 -46.88 -35.39 82.07
C SER C 185 -45.46 -35.05 82.53
N PHE C 186 -45.34 -34.20 83.55
CA PHE C 186 -44.07 -33.89 84.21
C PHE C 186 -42.99 -33.25 83.32
N ASN C 187 -43.40 -32.66 82.20
CA ASN C 187 -42.45 -32.12 81.23
C ASN C 187 -41.44 -31.14 81.82
N TYR C 188 -41.90 -30.25 82.67
CA TYR C 188 -41.05 -29.18 83.18
C TYR C 188 -39.95 -29.65 84.15
N LEU C 189 -39.98 -30.93 84.52
CA LEU C 189 -38.86 -31.50 85.26
C LEU C 189 -37.58 -31.55 84.41
N ALA C 190 -37.75 -31.48 83.09
CA ALA C 190 -36.61 -31.39 82.17
C ALA C 190 -35.79 -30.14 82.45
N PHE C 191 -36.47 -29.02 82.70
CA PHE C 191 -35.80 -27.77 83.04
C PHE C 191 -35.22 -27.81 84.45
N PHE C 192 -35.87 -28.57 85.34
CA PHE C 192 -35.34 -28.80 86.67
C PHE C 192 -33.98 -29.52 86.57
N PHE C 193 -33.95 -30.61 85.81
CA PHE C 193 -32.71 -31.36 85.60
C PHE C 193 -31.64 -30.52 84.90
N ALA C 194 -32.08 -29.70 83.95
CA ALA C 194 -31.17 -28.83 83.21
C ALA C 194 -30.47 -27.85 84.16
N ASP C 195 -31.23 -27.16 85.01
CA ASP C 195 -30.67 -26.13 85.88
C ASP C 195 -29.88 -26.68 87.06
N ILE C 196 -30.27 -27.84 87.58
CA ILE C 196 -29.57 -28.43 88.72
C ILE C 196 -28.25 -29.09 88.31
N SER C 197 -28.18 -29.60 87.09
CA SER C 197 -26.96 -30.23 86.57
C SER C 197 -25.85 -29.21 86.24
N ARG C 198 -26.20 -27.92 86.24
CA ARG C 198 -25.20 -26.86 86.15
C ARG C 198 -24.27 -26.85 87.36
N PHE C 199 -24.77 -27.29 88.51
CA PHE C 199 -23.95 -27.35 89.74
C PHE C 199 -23.18 -28.65 89.80
N LYS C 200 -22.00 -28.61 90.41
CA LYS C 200 -21.12 -29.78 90.46
C LYS C 200 -21.85 -31.00 91.01
N LEU C 201 -22.39 -30.88 92.23
CA LEU C 201 -23.09 -32.00 92.88
C LEU C 201 -24.29 -32.49 92.08
N GLY C 202 -24.89 -31.60 91.30
CA GLY C 202 -26.01 -31.96 90.44
C GLY C 202 -25.57 -32.81 89.26
N ARG C 203 -24.51 -32.37 88.58
CA ARG C 203 -23.90 -33.14 87.49
C ARG C 203 -23.55 -34.56 87.99
N MET C 204 -22.99 -34.62 89.19
CA MET C 204 -22.54 -35.89 89.76
C MET C 204 -23.66 -36.91 89.97
N TYR C 205 -24.89 -36.45 90.18
CA TYR C 205 -26.03 -37.37 90.26
C TYR C 205 -26.25 -38.06 88.91
N PHE C 206 -26.21 -37.28 87.84
CA PHE C 206 -26.61 -37.77 86.53
C PHE C 206 -25.59 -38.72 85.88
N ILE C 207 -24.33 -38.63 86.29
CA ILE C 207 -23.26 -39.43 85.66
C ILE C 207 -22.72 -40.57 86.54
N GLU C 208 -23.38 -40.84 87.66
CA GLU C 208 -22.99 -41.92 88.56
C GLU C 208 -24.14 -42.90 88.78
N GLU C 209 -23.82 -44.18 88.91
CA GLU C 209 -24.81 -45.21 89.26
C GLU C 209 -25.55 -44.87 90.54
N GLN C 210 -26.87 -45.04 90.53
CA GLN C 210 -27.69 -44.88 91.72
C GLN C 210 -28.18 -46.25 92.18
N GLU C 211 -28.24 -46.44 93.50
CA GLU C 211 -28.52 -47.77 94.06
C GLU C 211 -29.89 -48.32 93.65
N TYR C 212 -30.93 -47.49 93.71
CA TYR C 212 -32.31 -47.99 93.66
C TYR C 212 -32.65 -48.78 92.39
N ASP C 213 -32.04 -48.44 91.27
CA ASP C 213 -32.21 -49.22 90.02
C ASP C 213 -30.90 -49.54 89.30
N GLY C 214 -29.77 -49.23 89.94
CA GLY C 214 -28.45 -49.62 89.43
C GLY C 214 -28.05 -49.05 88.08
N VAL C 215 -28.63 -47.90 87.69
CA VAL C 215 -28.30 -47.28 86.41
C VAL C 215 -27.83 -45.83 86.57
N VAL C 216 -27.13 -45.36 85.55
CA VAL C 216 -26.63 -44.00 85.49
C VAL C 216 -27.75 -43.11 84.94
N PRO C 217 -28.26 -42.16 85.76
CA PRO C 217 -29.50 -41.44 85.39
C PRO C 217 -29.52 -40.81 84.00
N ILE C 218 -28.40 -40.26 83.54
CA ILE C 218 -28.38 -39.54 82.27
C ILE C 218 -28.85 -40.42 81.11
N SER C 219 -28.60 -41.72 81.21
CA SER C 219 -29.04 -42.70 80.19
C SER C 219 -30.56 -42.73 80.03
N LYS C 220 -31.27 -42.63 81.16
CA LYS C 220 -32.73 -42.70 81.15
C LYS C 220 -33.39 -41.51 80.45
N LEU C 221 -32.69 -40.37 80.41
CA LEU C 221 -33.21 -39.16 79.74
C LEU C 221 -32.97 -39.15 78.23
N LEU C 222 -31.97 -39.91 77.78
CA LEU C 222 -31.50 -39.82 76.39
C LEU C 222 -32.59 -40.02 75.34
N VAL C 223 -33.48 -40.97 75.58
CA VAL C 223 -34.54 -41.30 74.61
C VAL C 223 -35.40 -40.09 74.23
N PHE C 224 -35.49 -39.10 75.12
CA PHE C 224 -36.38 -37.94 74.91
C PHE C 224 -35.82 -36.85 73.99
N THR C 225 -34.60 -37.02 73.48
CA THR C 225 -34.06 -36.09 72.49
C THR C 225 -34.83 -36.19 71.17
N GLU C 226 -35.49 -37.33 70.96
CA GLU C 226 -36.30 -37.56 69.77
C GLU C 226 -37.80 -37.34 70.01
N LYS C 227 -38.16 -36.70 71.11
CA LYS C 227 -39.57 -36.53 71.44
C LYS C 227 -40.11 -35.23 70.86
N TYR C 228 -40.51 -35.28 69.59
CA TYR C 228 -40.86 -34.08 68.82
C TYR C 228 -42.28 -33.56 69.03
N ASP C 229 -42.97 -34.03 70.06
CA ASP C 229 -44.23 -33.43 70.49
C ASP C 229 -44.10 -32.83 71.90
N ALA C 230 -42.88 -32.72 72.40
CA ALA C 230 -42.61 -32.14 73.72
C ALA C 230 -41.33 -31.30 73.68
N LYS C 231 -41.47 -30.08 73.16
CA LYS C 231 -40.34 -29.17 72.99
C LYS C 231 -39.61 -28.89 74.30
N VAL C 232 -40.37 -28.76 75.39
CA VAL C 232 -39.79 -28.48 76.71
C VAL C 232 -38.86 -29.61 77.16
N ARG C 233 -39.25 -30.85 76.89
CA ARG C 233 -38.44 -32.01 77.25
C ARG C 233 -37.12 -32.03 76.49
N ARG C 234 -37.20 -31.77 75.19
CA ARG C 234 -36.02 -31.78 74.33
C ARG C 234 -35.01 -30.72 74.75
N GLU C 235 -35.52 -29.52 75.02
CA GLU C 235 -34.67 -28.40 75.45
C GLU C 235 -33.95 -28.70 76.76
N GLY C 236 -34.68 -29.20 77.75
CA GLY C 236 -34.11 -29.47 79.07
C GLY C 236 -33.13 -30.63 79.04
N VAL C 237 -33.50 -31.72 78.38
CA VAL C 237 -32.64 -32.90 78.28
C VAL C 237 -31.36 -32.56 77.52
N ALA C 238 -31.49 -31.78 76.45
CA ALA C 238 -30.31 -31.33 75.69
C ALA C 238 -29.32 -30.62 76.60
N SER C 239 -29.83 -29.73 77.44
CA SER C 239 -28.98 -28.97 78.37
C SER C 239 -28.40 -29.84 79.47
N THR C 240 -29.17 -30.83 79.93
CA THR C 240 -28.72 -31.74 80.97
C THR C 240 -27.56 -32.59 80.48
N ILE C 241 -27.65 -33.07 79.23
CA ILE C 241 -26.57 -33.84 78.62
C ILE C 241 -25.30 -32.98 78.50
N LYS C 242 -25.47 -31.76 78.01
CA LYS C 242 -24.35 -30.84 77.87
C LYS C 242 -23.71 -30.53 79.22
N ASN C 243 -24.54 -30.27 80.23
CA ASN C 243 -24.05 -29.97 81.57
C ASN C 243 -23.43 -31.18 82.26
N SER C 244 -23.88 -32.38 81.90
CA SER C 244 -23.32 -33.62 82.45
C SER C 244 -21.90 -33.91 81.95
N LEU C 245 -21.51 -33.30 80.83
CA LEU C 245 -20.20 -33.54 80.22
C LEU C 245 -19.17 -32.43 80.50
N PHE C 246 -19.39 -31.64 81.56
CA PHE C 246 -18.49 -30.54 81.90
C PHE C 246 -17.05 -30.98 82.19
N ASP C 247 -16.88 -32.19 82.72
CA ASP C 247 -15.55 -32.70 83.12
C ASP C 247 -14.93 -33.58 82.01
N SER C 248 -13.83 -33.14 81.43
CA SER C 248 -13.13 -33.87 80.35
C SER C 248 -12.83 -35.32 80.72
N GLU C 249 -12.36 -35.52 81.94
CA GLU C 249 -11.90 -36.83 82.39
C GLU C 249 -13.01 -37.87 82.50
N THR C 250 -14.26 -37.42 82.55
CA THR C 250 -15.41 -38.32 82.56
C THR C 250 -15.81 -38.80 81.16
N HIS C 251 -15.27 -38.19 80.10
CA HIS C 251 -15.76 -38.46 78.74
C HIS C 251 -15.48 -39.88 78.24
N GLU C 252 -14.29 -40.40 78.53
CA GLU C 252 -13.96 -41.73 78.05
C GLU C 252 -14.90 -42.77 78.66
N ARG C 253 -15.11 -42.69 79.97
CA ARG C 253 -15.99 -43.62 80.67
C ARG C 253 -17.42 -43.59 80.13
N LEU C 254 -17.93 -42.40 79.84
CA LEU C 254 -19.32 -42.22 79.44
C LEU C 254 -19.60 -42.67 77.99
N LEU C 255 -18.68 -42.35 77.08
CA LEU C 255 -18.81 -42.75 75.69
C LEU C 255 -18.75 -44.25 75.51
N LYS C 256 -17.91 -44.91 76.29
CA LYS C 256 -17.64 -46.35 76.15
C LYS C 256 -18.59 -47.24 76.94
N ASP C 257 -19.29 -46.69 77.93
CA ASP C 257 -20.30 -47.44 78.67
C ASP C 257 -21.48 -47.74 77.75
N GLU C 258 -21.58 -48.98 77.32
CA GLU C 258 -22.63 -49.41 76.39
C GLU C 258 -24.01 -49.44 77.02
N LYS C 259 -24.08 -49.48 78.35
CA LYS C 259 -25.36 -49.43 79.05
C LYS C 259 -25.93 -48.02 79.07
N ILE C 260 -25.06 -47.00 79.04
CA ILE C 260 -25.52 -45.62 78.88
C ILE C 260 -25.88 -45.37 77.42
N ASN C 261 -24.95 -45.67 76.53
CA ASN C 261 -25.14 -45.54 75.08
C ASN C 261 -25.44 -44.09 74.71
N LEU C 262 -24.53 -43.21 75.10
CA LEU C 262 -24.75 -41.76 75.03
C LEU C 262 -24.83 -41.19 73.62
N LEU C 263 -23.81 -41.47 72.81
CA LEU C 263 -23.58 -40.76 71.55
C LEU C 263 -24.75 -40.73 70.55
N PRO C 264 -25.42 -41.87 70.32
CA PRO C 264 -26.47 -41.89 69.28
C PRO C 264 -27.60 -40.90 69.53
N TYR C 265 -27.91 -40.63 70.79
CA TYR C 265 -29.01 -39.73 71.13
C TYR C 265 -28.61 -38.25 71.10
N ILE C 266 -27.32 -37.97 71.04
CA ILE C 266 -26.82 -36.63 70.75
C ILE C 266 -26.82 -36.40 69.24
N LEU C 267 -26.58 -37.47 68.48
CA LEU C 267 -26.48 -37.39 67.02
C LEU C 267 -27.83 -37.41 66.31
N LEU C 268 -28.77 -38.19 66.81
CA LEU C 268 -30.05 -38.37 66.12
C LEU C 268 -30.75 -37.05 65.76
N PRO C 269 -30.80 -36.09 66.70
CA PRO C 269 -31.45 -34.81 66.37
C PRO C 269 -30.75 -33.96 65.32
N ILE C 270 -29.49 -34.26 64.98
CA ILE C 270 -28.81 -33.57 63.87
C ILE C 270 -28.77 -34.40 62.60
N ALA C 271 -29.46 -35.55 62.60
CA ALA C 271 -29.46 -36.47 61.46
C ALA C 271 -30.79 -36.39 60.70
N SER C 272 -30.71 -36.54 59.39
CA SER C 272 -31.89 -36.53 58.53
C SER C 272 -31.72 -37.58 57.43
N ALA C 273 -32.84 -38.17 57.01
CA ALA C 273 -32.83 -39.11 55.91
C ALA C 273 -32.73 -38.38 54.59
N LYS C 274 -33.54 -37.33 54.44
CA LYS C 274 -33.74 -36.69 53.15
C LYS C 274 -32.62 -35.70 52.79
N ASP C 275 -32.37 -34.72 53.66
CA ASP C 275 -31.35 -33.68 53.40
C ASP C 275 -29.99 -34.11 53.95
N SER C 276 -29.38 -35.12 53.35
CA SER C 276 -28.13 -35.69 53.84
C SER C 276 -27.56 -36.70 52.87
N GLU C 277 -26.37 -36.41 52.35
CA GLU C 277 -25.64 -37.35 51.52
C GLU C 277 -24.36 -37.78 52.22
N ILE C 278 -24.37 -39.01 52.73
CA ILE C 278 -23.23 -39.64 53.35
C ILE C 278 -22.97 -40.92 52.56
N ASP C 279 -21.73 -41.14 52.10
CA ASP C 279 -21.45 -42.35 51.30
C ASP C 279 -21.48 -43.59 52.19
N GLU C 280 -21.60 -44.75 51.58
CA GLU C 280 -21.89 -45.97 52.33
C GLU C 280 -20.75 -46.46 53.22
N GLU C 281 -19.50 -46.12 52.89
CA GLU C 281 -18.38 -46.41 53.79
C GLU C 281 -18.58 -45.74 55.15
N ASP C 282 -18.89 -44.44 55.12
CA ASP C 282 -19.13 -43.66 56.33
C ASP C 282 -20.33 -44.17 57.12
N MET C 283 -21.38 -44.57 56.42
CA MET C 283 -22.63 -45.00 57.07
C MET C 283 -22.45 -46.28 57.87
N PHE C 284 -21.54 -47.14 57.45
CA PHE C 284 -21.28 -48.38 58.19
C PHE C 284 -20.55 -48.20 59.51
N ASN C 285 -20.00 -47.01 59.72
CA ASN C 285 -19.37 -46.67 61.00
C ASN C 285 -20.31 -45.95 61.97
N LEU C 286 -21.45 -45.46 61.46
CA LEU C 286 -22.44 -44.82 62.31
C LEU C 286 -22.99 -45.79 63.34
N PRO C 287 -23.39 -45.28 64.52
CA PRO C 287 -24.02 -46.15 65.50
C PRO C 287 -25.24 -46.83 64.91
N ASP C 288 -25.55 -48.04 65.36
CA ASP C 288 -26.71 -48.80 64.86
C ASP C 288 -27.94 -47.91 64.66
N GLU C 289 -28.22 -47.08 65.67
CA GLU C 289 -29.41 -46.23 65.70
C GLU C 289 -29.46 -45.19 64.57
N LEU C 290 -28.30 -44.83 64.04
CA LEU C 290 -28.20 -43.86 62.95
C LEU C 290 -28.24 -44.49 61.55
N GLN C 291 -28.24 -45.83 61.49
CA GLN C 291 -28.27 -46.53 60.22
C GLN C 291 -29.71 -46.90 59.87
N LEU C 292 -30.00 -46.99 58.57
CA LEU C 292 -31.34 -47.33 58.07
C LEU C 292 -32.42 -46.51 58.78
N LEU C 293 -32.29 -45.19 58.69
CA LEU C 293 -33.24 -44.28 59.33
C LEU C 293 -34.57 -44.29 58.59
N PRO C 294 -35.68 -44.05 59.31
CA PRO C 294 -36.98 -43.96 58.64
C PRO C 294 -36.96 -42.94 57.52
N GLU C 295 -37.82 -43.12 56.52
CA GLU C 295 -37.90 -42.20 55.40
C GLU C 295 -38.28 -40.79 55.85
N ASP C 296 -39.11 -40.69 56.90
CA ASP C 296 -39.59 -39.40 57.41
C ASP C 296 -38.72 -38.80 58.50
N LYS C 297 -37.52 -39.35 58.70
CA LYS C 297 -36.63 -38.87 59.76
C LYS C 297 -36.07 -37.49 59.43
N GLU C 298 -36.31 -36.52 60.32
CA GLU C 298 -35.83 -35.16 60.15
C GLU C 298 -35.01 -34.66 61.34
N ARG C 299 -34.28 -33.58 61.13
CA ARG C 299 -33.52 -32.95 62.20
C ARG C 299 -34.47 -32.22 63.11
N ASP C 300 -34.03 -31.97 64.33
CA ASP C 300 -34.78 -31.13 65.26
C ASP C 300 -34.92 -29.75 64.62
N PRO C 301 -36.15 -29.24 64.49
CA PRO C 301 -36.31 -27.95 63.79
C PRO C 301 -35.86 -26.73 64.60
N ILE C 302 -35.68 -26.90 65.91
CA ILE C 302 -35.30 -25.79 66.78
C ILE C 302 -33.77 -25.61 66.80
N PRO C 303 -33.26 -24.53 66.18
CA PRO C 303 -31.79 -24.39 66.09
C PRO C 303 -31.10 -24.28 67.45
N ALA C 304 -31.78 -23.69 68.42
CA ALA C 304 -31.24 -23.56 69.78
C ALA C 304 -30.93 -24.92 70.39
N ILE C 305 -31.76 -25.92 70.07
CA ILE C 305 -31.58 -27.27 70.58
C ILE C 305 -30.44 -27.97 69.83
N ILE C 306 -30.38 -27.79 68.52
CA ILE C 306 -29.29 -28.35 67.72
C ILE C 306 -27.94 -27.82 68.18
N CYS C 307 -27.86 -26.52 68.40
CA CYS C 307 -26.61 -25.88 68.84
C CYS C 307 -26.16 -26.46 70.17
N CYS C 308 -27.12 -26.73 71.06
CA CYS C 308 -26.83 -27.33 72.34
C CYS C 308 -26.17 -28.70 72.17
N HIS C 309 -26.72 -29.51 71.28
CA HIS C 309 -26.14 -30.84 70.97
C HIS C 309 -24.75 -30.70 70.36
N LEU C 310 -24.58 -29.73 69.46
CA LEU C 310 -23.28 -29.47 68.87
C LEU C 310 -22.25 -29.03 69.92
N GLU C 311 -22.69 -28.28 70.93
CA GLU C 311 -21.83 -27.92 72.06
C GLU C 311 -21.42 -29.17 72.86
N SER C 312 -22.33 -30.14 72.98
CA SER C 312 -22.00 -31.42 73.64
C SER C 312 -20.94 -32.17 72.84
N ILE C 313 -21.15 -32.30 71.53
CA ILE C 313 -20.17 -32.94 70.64
C ILE C 313 -18.83 -32.23 70.74
N LEU C 314 -18.87 -30.89 70.76
CA LEU C 314 -17.65 -30.10 70.86
C LEU C 314 -16.92 -30.37 72.18
N LEU C 315 -17.68 -30.50 73.27
CA LEU C 315 -17.09 -30.85 74.57
C LEU C 315 -16.36 -32.18 74.49
N LEU C 316 -17.02 -33.17 73.89
CA LEU C 316 -16.44 -34.50 73.74
C LEU C 316 -15.15 -34.51 72.91
N CYS C 317 -15.00 -33.53 72.01
CA CYS C 317 -13.76 -33.34 71.24
C CYS C 317 -12.57 -32.80 72.04
N THR C 318 -12.79 -32.43 73.31
CA THR C 318 -11.69 -31.92 74.15
C THR C 318 -10.53 -32.92 74.21
N THR C 319 -10.84 -34.16 74.56
CA THR C 319 -9.84 -35.22 74.75
C THR C 319 -9.57 -36.02 73.47
N HIS C 320 -8.34 -36.50 73.33
CA HIS C 320 -7.94 -37.30 72.16
C HIS C 320 -8.74 -38.61 72.05
N ALA C 321 -8.92 -39.29 73.19
CA ALA C 321 -9.69 -40.52 73.25
C ALA C 321 -11.12 -40.28 72.78
N GLY C 322 -11.68 -39.13 73.16
CA GLY C 322 -13.01 -38.74 72.73
C GLY C 322 -13.07 -38.43 71.24
N ARG C 323 -12.08 -37.71 70.74
CA ARG C 323 -12.00 -37.40 69.30
C ARG C 323 -11.92 -38.66 68.46
N GLU C 324 -11.09 -39.62 68.88
CA GLU C 324 -10.97 -40.89 68.17
C GLU C 324 -12.29 -41.66 68.17
N TYR C 325 -13.02 -41.60 69.29
CA TYR C 325 -14.33 -42.25 69.39
C TYR C 325 -15.34 -41.62 68.43
N LEU C 326 -15.36 -40.28 68.39
CA LEU C 326 -16.27 -39.56 67.52
C LEU C 326 -15.96 -39.80 66.05
N ARG C 327 -14.68 -39.72 65.69
CA ARG C 327 -14.25 -40.00 64.32
C ARG C 327 -14.69 -41.39 63.87
N ASP C 328 -14.45 -42.39 64.71
CA ASP C 328 -14.79 -43.79 64.40
C ASP C 328 -16.29 -44.06 64.29
N LYS C 329 -17.12 -43.13 64.76
CA LYS C 329 -18.57 -43.29 64.67
C LYS C 329 -19.18 -42.35 63.62
N SER C 330 -18.37 -41.94 62.65
CA SER C 330 -18.79 -41.08 61.54
C SER C 330 -19.52 -39.80 62.01
N VAL C 331 -19.00 -39.18 63.07
CA VAL C 331 -19.52 -37.91 63.55
C VAL C 331 -19.20 -36.78 62.57
N TYR C 332 -18.05 -36.86 61.91
CA TYR C 332 -17.68 -35.82 60.96
C TYR C 332 -18.68 -35.69 59.79
N PRO C 333 -18.98 -36.80 59.09
CA PRO C 333 -19.97 -36.70 58.00
C PRO C 333 -21.33 -36.14 58.44
N LEU C 334 -21.79 -36.50 59.63
CA LEU C 334 -23.06 -35.97 60.13
C LEU C 334 -22.99 -34.46 60.30
N VAL C 335 -21.88 -33.98 60.85
CA VAL C 335 -21.67 -32.55 61.05
C VAL C 335 -21.53 -31.84 59.70
N ARG C 336 -20.82 -32.45 58.76
CA ARG C 336 -20.70 -31.89 57.42
C ARG C 336 -22.07 -31.68 56.76
N GLU C 337 -22.92 -32.69 56.82
CA GLU C 337 -24.23 -32.61 56.19
C GLU C 337 -25.18 -31.65 56.91
N LEU C 338 -25.08 -31.57 58.23
CA LEU C 338 -25.80 -30.53 58.97
C LEU C 338 -25.41 -29.14 58.47
N HIS C 339 -24.11 -28.91 58.36
CA HIS C 339 -23.58 -27.66 57.86
C HIS C 339 -24.13 -27.34 56.46
N LYS C 340 -24.02 -28.30 55.55
CA LYS C 340 -24.50 -28.14 54.18
C LYS C 340 -25.97 -27.77 54.08
N ASN C 341 -26.80 -28.39 54.91
CA ASN C 341 -28.24 -28.40 54.71
C ASN C 341 -29.08 -27.51 55.63
N VAL C 342 -28.43 -26.84 56.59
CA VAL C 342 -29.14 -25.92 57.48
C VAL C 342 -28.47 -24.54 57.44
N GLU C 343 -29.18 -23.57 56.89
CA GLU C 343 -28.66 -22.21 56.66
C GLU C 343 -28.25 -21.47 57.93
N ASN C 344 -28.90 -21.77 59.05
CA ASN C 344 -28.59 -21.12 60.33
C ASN C 344 -27.10 -20.89 60.58
N GLU C 345 -26.74 -19.70 61.04
CA GLU C 345 -25.35 -19.28 61.13
C GLU C 345 -24.66 -19.71 62.42
N ASP C 346 -25.42 -19.81 63.49
CA ASP C 346 -24.88 -20.29 64.77
C ASP C 346 -24.54 -21.78 64.67
N ILE C 347 -25.43 -22.53 64.04
CA ILE C 347 -25.20 -23.95 63.75
C ILE C 347 -23.94 -24.11 62.90
N GLY C 348 -23.80 -23.26 61.89
CA GLY C 348 -22.65 -23.31 60.99
C GLY C 348 -21.35 -23.03 61.70
N GLU C 349 -21.33 -21.98 62.52
CA GLU C 349 -20.13 -21.62 63.27
C GLU C 349 -19.67 -22.79 64.15
N LEU C 350 -20.61 -23.43 64.84
CA LEU C 350 -20.29 -24.59 65.68
C LEU C 350 -19.81 -25.78 64.87
N CYS C 351 -20.39 -25.99 63.70
CA CYS C 351 -19.98 -27.10 62.83
C CYS C 351 -18.50 -26.98 62.47
N TYR C 352 -18.07 -25.79 62.08
CA TYR C 352 -16.66 -25.54 61.79
C TYR C 352 -15.76 -25.82 62.99
N ARG C 353 -16.20 -25.40 64.18
CA ARG C 353 -15.39 -25.56 65.40
C ARG C 353 -15.20 -27.04 65.73
N ILE C 354 -16.24 -27.83 65.49
CA ILE C 354 -16.16 -29.27 65.67
C ILE C 354 -15.17 -29.89 64.69
N VAL C 355 -15.24 -29.45 63.42
CA VAL C 355 -14.35 -30.00 62.40
C VAL C 355 -12.90 -29.62 62.68
N ASN C 356 -12.69 -28.40 63.18
CA ASN C 356 -11.35 -27.96 63.60
C ASN C 356 -10.76 -28.88 64.64
N MET C 357 -11.59 -29.31 65.59
CA MET C 357 -11.14 -30.20 66.65
C MET C 357 -10.86 -31.59 66.12
N LEU C 358 -11.80 -32.13 65.35
CA LEU C 358 -11.68 -33.49 64.84
C LEU C 358 -10.54 -33.62 63.82
N MET C 359 -10.05 -32.47 63.34
CA MET C 359 -8.91 -32.47 62.43
C MET C 359 -7.57 -32.70 63.14
N ARG C 360 -7.53 -32.52 64.46
CA ARG C 360 -6.29 -32.69 65.23
C ARG C 360 -5.81 -34.14 65.20
N GLY C 361 -4.49 -34.30 65.22
CA GLY C 361 -3.87 -35.62 65.32
C GLY C 361 -3.68 -36.01 66.77
N GLU C 362 -2.46 -36.45 67.07
CA GLU C 362 -2.12 -37.15 68.29
C GLU C 362 -0.95 -36.48 68.99
N GLY D 6 -26.27 -15.56 -4.84
CA GLY D 6 -26.17 -15.19 -3.41
C GLY D 6 -24.73 -15.17 -2.87
N MET D 7 -24.57 -14.95 -1.57
CA MET D 7 -23.23 -14.87 -0.95
C MET D 7 -22.47 -16.19 -1.01
N THR D 8 -23.15 -17.31 -0.74
CA THR D 8 -22.53 -18.63 -0.85
C THR D 8 -21.94 -18.84 -2.24
N SER D 9 -22.68 -18.45 -3.27
CA SER D 9 -22.22 -18.55 -4.66
C SER D 9 -21.00 -17.65 -4.94
N GLN D 10 -20.98 -16.47 -4.32
CA GLN D 10 -19.86 -15.54 -4.50
C GLN D 10 -18.59 -16.04 -3.81
N LEU D 11 -18.74 -16.57 -2.60
CA LEU D 11 -17.60 -17.03 -1.81
C LEU D 11 -16.97 -18.31 -2.36
N ASN D 12 -17.79 -19.23 -2.87
CA ASN D 12 -17.30 -20.45 -3.51
C ASN D 12 -16.35 -20.16 -4.67
N GLU D 13 -16.68 -19.15 -5.47
CA GLU D 13 -15.84 -18.72 -6.57
C GLU D 13 -14.60 -17.99 -6.05
N LEU D 14 -14.79 -17.19 -5.01
CA LEU D 14 -13.71 -16.38 -4.43
C LEU D 14 -12.62 -17.24 -3.79
N VAL D 15 -13.03 -18.26 -3.03
CA VAL D 15 -12.08 -19.11 -2.30
C VAL D 15 -11.07 -19.80 -3.22
N GLU D 16 -11.51 -20.16 -4.42
CA GLU D 16 -10.65 -20.84 -5.40
C GLU D 16 -9.44 -20.00 -5.80
N PHE D 17 -9.57 -18.67 -5.73
CA PHE D 17 -8.46 -17.77 -6.06
C PHE D 17 -7.31 -17.84 -5.07
N LEU D 18 -7.51 -18.55 -3.95
CA LEU D 18 -6.42 -18.78 -2.99
C LEU D 18 -5.30 -19.64 -3.58
N HIS D 19 -5.59 -20.38 -4.66
CA HIS D 19 -4.55 -21.14 -5.36
C HIS D 19 -4.33 -20.65 -6.78
N SER D 20 -4.62 -19.37 -7.04
CA SER D 20 -4.27 -18.74 -8.31
C SER D 20 -2.75 -18.67 -8.43
N PRO D 21 -2.22 -18.82 -9.66
CA PRO D 21 -0.76 -18.72 -9.79
C PRO D 21 -0.22 -17.30 -9.54
N GLN D 22 -1.07 -16.27 -9.69
CA GLN D 22 -0.68 -14.86 -9.48
C GLN D 22 -0.70 -14.49 -7.99
N PRO D 23 0.38 -13.90 -7.45
CA PRO D 23 0.42 -13.46 -6.05
C PRO D 23 -0.59 -12.37 -5.78
N ALA D 24 -0.64 -11.39 -6.68
CA ALA D 24 -1.58 -10.26 -6.56
C ALA D 24 -3.01 -10.72 -6.35
N VAL D 25 -3.42 -11.77 -7.06
CA VAL D 25 -4.77 -12.30 -6.99
C VAL D 25 -5.05 -12.95 -5.63
N ARG D 26 -4.08 -13.74 -5.16
CA ARG D 26 -4.17 -14.37 -3.85
C ARG D 26 -4.29 -13.35 -2.74
N GLN D 27 -3.42 -12.34 -2.77
CA GLN D 27 -3.40 -11.28 -1.77
C GLN D 27 -4.78 -10.63 -1.59
N ILE D 28 -5.46 -10.39 -2.71
CA ILE D 28 -6.79 -9.80 -2.71
C ILE D 28 -7.79 -10.81 -2.17
N ALA D 29 -7.73 -12.05 -2.66
CA ALA D 29 -8.66 -13.10 -2.27
C ALA D 29 -8.72 -13.28 -0.77
N ILE D 30 -7.56 -13.45 -0.14
CA ILE D 30 -7.48 -13.64 1.31
C ILE D 30 -7.86 -12.40 2.10
N ASP D 31 -7.65 -11.21 1.54
CA ASP D 31 -8.04 -9.96 2.18
C ASP D 31 -9.56 -9.89 2.36
N ASN D 32 -10.31 -10.32 1.34
CA ASN D 32 -11.77 -10.35 1.39
C ASN D 32 -12.31 -11.49 2.24
N LEU D 33 -11.63 -12.63 2.18
CA LEU D 33 -12.11 -13.85 2.83
C LEU D 33 -11.98 -13.81 4.35
N VAL D 34 -10.93 -13.17 4.85
CA VAL D 34 -10.65 -13.13 6.29
C VAL D 34 -11.87 -12.69 7.12
N GLY D 35 -12.67 -11.78 6.59
CA GLY D 35 -13.88 -11.32 7.26
C GLY D 35 -14.96 -12.38 7.40
N PHE D 36 -15.01 -13.33 6.46
CA PHE D 36 -16.05 -14.36 6.44
C PHE D 36 -15.65 -15.65 7.16
N SER D 37 -14.48 -15.64 7.81
CA SER D 37 -13.99 -16.84 8.49
C SER D 37 -14.61 -17.05 9.87
N ALA D 38 -15.32 -16.04 10.37
CA ALA D 38 -16.05 -16.17 11.64
C ALA D 38 -17.55 -16.14 11.34
N GLY D 39 -18.28 -17.11 11.88
CA GLY D 39 -19.72 -17.22 11.64
C GLY D 39 -20.05 -18.21 10.53
N PRO D 40 -21.35 -18.44 10.27
CA PRO D 40 -21.85 -19.47 9.35
C PRO D 40 -21.24 -19.51 7.95
N THR D 41 -20.72 -18.38 7.47
CA THR D 41 -20.11 -18.32 6.14
C THR D 41 -18.79 -19.09 6.05
N SER D 42 -18.20 -19.42 7.19
CA SER D 42 -16.90 -20.11 7.23
C SER D 42 -16.94 -21.54 6.67
N LYS D 43 -18.13 -22.06 6.40
CA LYS D 43 -18.27 -23.37 5.76
C LYS D 43 -17.56 -23.44 4.39
N VAL D 44 -17.43 -22.29 3.72
CA VAL D 44 -16.77 -22.20 2.42
C VAL D 44 -15.32 -22.66 2.45
N PHE D 45 -14.64 -22.45 3.58
CA PHE D 45 -13.24 -22.86 3.74
C PHE D 45 -13.08 -24.38 3.84
N LYS D 46 -14.20 -25.10 3.88
CA LYS D 46 -14.19 -26.55 3.96
C LYS D 46 -14.54 -27.23 2.63
N ASN D 47 -14.56 -26.45 1.55
CA ASN D 47 -14.83 -27.00 0.21
C ASN D 47 -13.67 -27.84 -0.31
N ASP D 48 -13.97 -28.75 -1.23
CA ASP D 48 -12.97 -29.62 -1.85
C ASP D 48 -12.15 -30.30 -0.77
N SER D 49 -12.84 -31.00 0.13
CA SER D 49 -12.23 -31.53 1.36
C SER D 49 -11.08 -30.62 1.84
N TYR D 50 -11.46 -29.43 2.28
CA TYR D 50 -10.58 -28.48 2.97
C TYR D 50 -9.43 -27.93 2.12
N ARG D 51 -9.67 -27.75 0.82
CA ARG D 51 -8.66 -27.17 -0.08
C ARG D 51 -8.26 -25.73 0.28
N PRO D 52 -9.23 -24.88 0.68
CA PRO D 52 -8.90 -23.51 1.10
C PRO D 52 -7.98 -23.45 2.31
N ILE D 53 -8.10 -24.41 3.22
CA ILE D 53 -7.22 -24.48 4.39
C ILE D 53 -5.79 -24.77 3.93
N LYS D 54 -5.67 -25.73 3.00
CA LYS D 54 -4.37 -26.10 2.46
C LYS D 54 -3.70 -24.96 1.71
N ASP D 55 -4.48 -24.25 0.89
CA ASP D 55 -3.97 -23.10 0.12
C ASP D 55 -3.51 -21.96 1.03
N ILE D 56 -4.24 -21.73 2.12
CA ILE D 56 -3.88 -20.69 3.07
C ILE D 56 -2.59 -21.05 3.81
N ILE D 57 -2.44 -22.31 4.17
CA ILE D 57 -1.22 -22.78 4.84
C ILE D 57 -0.01 -22.55 3.94
N LYS D 58 -0.13 -22.90 2.65
CA LYS D 58 0.96 -22.66 1.70
C LYS D 58 1.32 -21.18 1.57
N MET D 59 0.29 -20.32 1.55
CA MET D 59 0.50 -18.88 1.47
C MET D 59 1.29 -18.33 2.65
N ILE D 60 0.99 -18.83 3.85
CA ILE D 60 1.66 -18.39 5.06
C ILE D 60 3.15 -18.77 5.04
N MET D 61 3.43 -20.03 4.68
CA MET D 61 4.78 -20.57 4.70
C MET D 61 5.65 -20.10 3.54
N ASP D 62 5.03 -19.64 2.45
CA ASP D 62 5.78 -19.16 1.28
C ASP D 62 6.78 -18.08 1.71
N PRO D 63 8.09 -18.35 1.50
CA PRO D 63 9.12 -17.42 2.01
C PRO D 63 9.15 -16.09 1.24
N GLU D 64 8.82 -16.11 -0.05
CA GLU D 64 8.84 -14.90 -0.87
C GLU D 64 7.55 -14.08 -0.80
N HIS D 65 6.41 -14.72 -1.05
CA HIS D 65 5.12 -14.02 -1.19
C HIS D 65 4.27 -13.95 0.10
N GLY D 66 4.71 -14.62 1.17
CA GLY D 66 4.02 -14.58 2.46
C GLY D 66 4.40 -13.37 3.28
N THR D 67 3.79 -12.24 2.95
CA THR D 67 4.10 -10.97 3.62
C THR D 67 3.57 -10.95 5.05
N ARG D 68 3.85 -9.87 5.77
CA ARG D 68 3.35 -9.72 7.14
C ARG D 68 1.82 -9.78 7.21
N VAL D 69 1.16 -9.02 6.34
CA VAL D 69 -0.29 -8.94 6.33
C VAL D 69 -0.92 -10.29 5.93
N ILE D 70 -0.35 -10.93 4.91
CA ILE D 70 -0.85 -12.23 4.43
C ILE D 70 -0.73 -13.29 5.52
N ILE D 71 0.38 -13.31 6.26
CA ILE D 71 0.56 -14.22 7.39
C ILE D 71 -0.49 -13.92 8.46
N GLN D 72 -0.67 -12.64 8.77
CA GLN D 72 -1.63 -12.22 9.80
C GLN D 72 -3.07 -12.64 9.46
N GLN D 73 -3.46 -12.42 8.21
CA GLN D 73 -4.80 -12.78 7.74
C GLN D 73 -4.99 -14.30 7.65
N GLY D 74 -3.98 -15.01 7.16
CA GLY D 74 -4.03 -16.46 7.07
C GLY D 74 -4.11 -17.13 8.43
N VAL D 75 -3.31 -16.65 9.37
CA VAL D 75 -3.34 -17.17 10.73
C VAL D 75 -4.67 -16.81 11.40
N THR D 76 -5.15 -15.60 11.18
CA THR D 76 -6.44 -15.18 11.75
C THR D 76 -7.59 -16.10 11.28
N ILE D 77 -7.56 -16.49 10.00
CA ILE D 77 -8.54 -17.44 9.47
C ILE D 77 -8.36 -18.79 10.16
N LEU D 78 -7.13 -19.28 10.20
CA LEU D 78 -6.86 -20.58 10.79
C LEU D 78 -7.24 -20.62 12.27
N VAL D 79 -7.06 -19.51 12.98
CA VAL D 79 -7.49 -19.43 14.38
C VAL D 79 -9.01 -19.63 14.49
N ASN D 80 -9.77 -18.96 13.63
CA ASN D 80 -11.23 -19.09 13.64
C ASN D 80 -11.70 -20.49 13.23
N LEU D 81 -11.06 -21.05 12.21
CA LEU D 81 -11.46 -22.36 11.69
C LEU D 81 -10.98 -23.53 12.55
N SER D 82 -10.03 -23.27 13.45
CA SER D 82 -9.48 -24.33 14.30
C SER D 82 -10.39 -24.72 15.47
N GLU D 83 -11.58 -24.12 15.55
CA GLU D 83 -12.61 -24.60 16.48
C GLU D 83 -13.12 -25.99 16.02
N ASP D 84 -13.23 -26.21 14.71
CA ASP D 84 -13.61 -27.51 14.15
C ASP D 84 -12.45 -28.48 14.30
N LYS D 85 -12.73 -29.64 14.89
CA LYS D 85 -11.73 -30.69 15.09
C LYS D 85 -11.15 -31.21 13.78
N LEU D 86 -12.01 -31.36 12.77
CA LEU D 86 -11.58 -31.87 11.48
C LEU D 86 -10.58 -30.95 10.79
N VAL D 87 -10.66 -29.64 11.06
CA VAL D 87 -9.75 -28.67 10.46
C VAL D 87 -8.37 -28.74 11.10
N ARG D 88 -8.35 -28.90 12.43
CA ARG D 88 -7.10 -29.04 13.16
C ARG D 88 -6.30 -30.23 12.65
N ASN D 89 -7.02 -31.30 12.32
CA ASN D 89 -6.42 -32.48 11.72
C ASN D 89 -5.65 -32.14 10.43
N ILE D 90 -6.28 -31.34 9.56
CA ILE D 90 -5.66 -30.93 8.29
C ILE D 90 -4.43 -30.04 8.54
N ILE D 91 -4.53 -29.16 9.52
CA ILE D 91 -3.43 -28.24 9.84
C ILE D 91 -2.18 -29.00 10.27
N LEU D 92 -2.36 -30.01 11.13
CA LEU D 92 -1.23 -30.78 11.65
C LEU D 92 -0.76 -31.89 10.70
N SER D 93 -1.70 -32.69 10.20
CA SER D 93 -1.35 -33.95 9.53
C SER D 93 -1.20 -33.86 8.01
N ASP D 94 -1.86 -32.91 7.35
CA ASP D 94 -1.80 -32.81 5.89
C ASP D 94 -0.42 -32.35 5.40
N ASP D 95 0.16 -31.39 6.12
CA ASP D 95 1.53 -30.95 5.85
C ASP D 95 2.28 -30.82 7.18
N LYS D 96 3.23 -31.71 7.40
CA LYS D 96 3.97 -31.79 8.67
C LYS D 96 4.94 -30.62 8.86
N LYS D 97 5.24 -29.92 7.77
CA LYS D 97 6.10 -28.74 7.81
C LYS D 97 5.49 -27.63 8.64
N PHE D 98 4.17 -27.44 8.55
CA PHE D 98 3.50 -26.28 9.14
C PHE D 98 3.72 -26.18 10.65
N LEU D 99 3.60 -27.29 11.36
CA LEU D 99 3.81 -27.27 12.81
C LEU D 99 5.23 -26.83 13.17
N LYS D 100 6.22 -27.33 12.42
CA LYS D 100 7.62 -26.90 12.59
C LYS D 100 7.75 -25.42 12.27
N PHE D 101 7.19 -25.01 11.14
CA PHE D 101 7.18 -23.61 10.73
C PHE D 101 6.60 -22.73 11.83
N LEU D 102 5.48 -23.17 12.39
CA LEU D 102 4.73 -22.38 13.36
C LEU D 102 5.52 -22.16 14.65
N VAL D 103 6.00 -23.23 15.26
CA VAL D 103 6.73 -23.13 16.55
C VAL D 103 8.02 -22.34 16.41
N TRP D 104 8.73 -22.52 15.29
CA TRP D 104 9.99 -21.81 15.08
C TRP D 104 9.77 -20.34 14.76
N LYS D 105 8.60 -20.01 14.20
CA LYS D 105 8.28 -18.62 13.87
C LYS D 105 7.77 -17.85 15.10
N ILE D 106 7.26 -18.56 16.11
CA ILE D 106 6.91 -17.96 17.38
C ILE D 106 8.18 -17.51 18.13
N VAL D 107 9.19 -18.39 18.15
CA VAL D 107 10.44 -18.10 18.86
C VAL D 107 11.34 -17.12 18.08
N ASP D 108 10.98 -16.84 16.82
CA ASP D 108 11.60 -15.74 16.08
C ASP D 108 11.12 -14.44 16.73
N LEU D 109 12.05 -13.73 17.37
CA LEU D 109 11.70 -12.54 18.16
C LEU D 109 11.57 -11.29 17.29
N THR D 110 11.63 -11.45 15.97
CA THR D 110 11.32 -10.38 15.03
C THR D 110 9.98 -10.62 14.33
N ASN D 111 9.33 -11.74 14.64
CA ASN D 111 8.01 -12.04 14.08
C ASN D 111 6.93 -11.21 14.73
N PRO D 112 6.30 -10.30 13.95
CA PRO D 112 5.25 -9.47 14.54
C PRO D 112 3.94 -10.20 14.81
N ASN D 113 3.74 -11.36 14.19
CA ASN D 113 2.52 -12.15 14.38
C ASN D 113 2.71 -13.33 15.35
N ALA D 114 3.55 -13.14 16.37
CA ALA D 114 3.87 -14.24 17.29
C ALA D 114 2.67 -14.60 18.16
N ASP D 115 2.04 -13.60 18.77
CA ASP D 115 0.90 -13.83 19.66
C ASP D 115 -0.29 -14.49 18.96
N ILE D 116 -0.65 -14.00 17.77
CA ILE D 116 -1.75 -14.58 17.03
C ILE D 116 -1.42 -16.05 16.67
N MET D 117 -0.13 -16.34 16.43
CA MET D 117 0.33 -17.71 16.17
C MET D 117 0.27 -18.60 17.42
N CYS D 118 0.56 -18.02 18.58
CA CYS D 118 0.43 -18.74 19.85
C CYS D 118 -1.01 -19.17 20.07
N ILE D 119 -1.96 -18.31 19.70
CA ILE D 119 -3.38 -18.63 19.82
C ILE D 119 -3.70 -19.83 18.94
N LEU D 120 -3.16 -19.84 17.73
CA LEU D 120 -3.36 -20.97 16.82
C LEU D 120 -2.77 -22.25 17.41
N LEU D 121 -1.56 -22.14 17.97
CA LEU D 121 -0.90 -23.29 18.57
C LEU D 121 -1.74 -23.87 19.70
N SER D 122 -2.25 -22.99 20.56
CA SER D 122 -3.07 -23.42 21.70
C SER D 122 -4.35 -24.14 21.27
N ASN D 123 -4.94 -23.71 20.15
CA ASN D 123 -6.09 -24.41 19.59
C ASN D 123 -5.74 -25.79 19.03
N LEU D 124 -4.57 -25.90 18.41
CA LEU D 124 -4.12 -27.18 17.85
C LEU D 124 -3.75 -28.19 18.93
N ALA D 125 -3.52 -27.72 20.15
CA ALA D 125 -3.12 -28.59 21.24
C ALA D 125 -4.22 -29.51 21.76
N LYS D 126 -5.45 -29.30 21.30
CA LYS D 126 -6.55 -30.20 21.64
C LYS D 126 -6.40 -31.56 20.93
N ASP D 127 -6.07 -31.49 19.64
CA ASP D 127 -5.72 -32.68 18.83
C ASP D 127 -4.43 -33.29 19.33
N ASP D 128 -4.40 -34.61 19.51
CA ASP D 128 -3.21 -35.27 20.04
C ASP D 128 -2.01 -35.32 19.08
N GLY D 129 -2.21 -34.89 17.84
CA GLY D 129 -1.11 -34.72 16.89
C GLY D 129 -0.14 -33.62 17.28
N ILE D 130 -0.52 -32.82 18.27
CA ILE D 130 0.35 -31.77 18.83
C ILE D 130 1.60 -32.34 19.51
N LEU D 131 1.52 -33.59 19.99
CA LEU D 131 2.66 -34.23 20.65
C LEU D 131 3.92 -34.22 19.81
N ALA D 132 3.77 -34.07 18.50
CA ALA D 132 4.90 -33.89 17.59
C ALA D 132 5.87 -32.80 18.05
N VAL D 133 5.34 -31.76 18.71
CA VAL D 133 6.17 -30.64 19.19
C VAL D 133 7.31 -31.10 20.11
N LEU D 134 7.06 -32.15 20.89
CA LEU D 134 8.06 -32.69 21.81
C LEU D 134 9.30 -33.26 21.11
N ASN D 135 9.15 -33.62 19.83
CA ASN D 135 10.25 -34.15 19.03
C ASN D 135 10.86 -33.17 18.04
N ILE D 136 10.22 -32.02 17.83
CA ILE D 136 10.72 -31.02 16.88
C ILE D 136 11.99 -30.38 17.44
N LYS D 137 13.14 -30.76 16.88
CA LYS D 137 14.41 -30.15 17.21
C LYS D 137 14.99 -29.58 15.92
N ARG D 138 16.15 -28.96 16.02
CA ARG D 138 16.88 -28.47 14.84
C ARG D 138 18.37 -28.73 14.99
N ASN D 139 19.08 -28.82 13.87
CA ASN D 139 20.49 -29.17 13.86
C ASN D 139 21.40 -28.12 14.50
N SER D 140 21.24 -26.87 14.07
CA SER D 140 22.13 -25.79 14.50
C SER D 140 21.39 -24.58 15.04
N SER D 141 22.14 -23.73 15.72
CA SER D 141 21.63 -22.50 16.33
C SER D 141 21.30 -21.44 15.28
N GLY D 142 22.14 -21.34 14.24
CA GLY D 142 21.96 -20.34 13.18
C GLY D 142 20.97 -20.76 12.11
N GLU D 143 20.96 -20.02 11.00
CA GLU D 143 20.01 -20.25 9.91
C GLU D 143 20.15 -21.66 9.35
N GLU D 144 19.02 -22.21 8.91
CA GLU D 144 18.92 -23.63 8.58
C GLU D 144 17.76 -23.89 7.63
N VAL D 145 17.88 -24.95 6.83
CA VAL D 145 16.82 -25.37 5.92
C VAL D 145 16.29 -26.74 6.33
N ASP D 146 15.10 -26.75 6.94
CA ASP D 146 14.47 -27.96 7.46
C ASP D 146 13.29 -28.37 6.58
N ASP D 147 13.47 -29.40 5.75
CA ASP D 147 12.45 -29.85 4.81
C ASP D 147 11.93 -28.68 3.94
N GLY D 148 12.88 -27.94 3.35
CA GLY D 148 12.57 -26.82 2.46
C GLY D 148 12.02 -25.59 3.16
N LEU D 149 12.27 -25.49 4.46
CA LEU D 149 11.77 -24.39 5.25
C LEU D 149 12.95 -23.55 5.73
N LYS D 150 12.92 -22.25 5.44
CA LYS D 150 13.97 -21.35 5.87
C LYS D 150 13.74 -20.94 7.34
N LEU D 151 14.40 -21.64 8.25
CA LEU D 151 14.29 -21.32 9.68
C LEU D 151 15.23 -20.17 10.03
N ALA D 152 14.68 -19.15 10.68
CA ALA D 152 15.46 -18.01 11.13
C ALA D 152 16.48 -18.43 12.17
N ALA D 153 17.61 -17.74 12.21
CA ALA D 153 18.65 -18.02 13.20
C ALA D 153 18.12 -17.67 14.58
N LEU D 154 18.31 -18.58 15.54
CA LEU D 154 17.91 -18.35 16.93
C LEU D 154 18.75 -17.25 17.57
N ASN D 155 18.16 -16.59 18.54
CA ASN D 155 18.87 -15.68 19.40
C ASN D 155 19.65 -16.51 20.42
N LYS D 156 20.94 -16.72 20.16
CA LYS D 156 21.80 -17.53 21.03
C LYS D 156 21.85 -16.99 22.46
N GLU D 157 21.69 -15.67 22.60
CA GLU D 157 21.69 -15.00 23.91
C GLU D 157 20.47 -15.40 24.76
N VAL D 158 19.35 -15.70 24.12
CA VAL D 158 18.11 -16.03 24.82
C VAL D 158 17.89 -17.55 24.90
N PHE D 159 17.91 -18.21 23.74
CA PHE D 159 17.55 -19.63 23.64
C PHE D 159 18.80 -20.53 23.61
N LYS D 160 18.97 -21.34 24.66
CA LYS D 160 20.12 -22.24 24.78
C LYS D 160 19.84 -23.63 24.25
N SER D 161 18.58 -23.91 23.94
CA SER D 161 18.18 -25.23 23.47
C SER D 161 17.98 -25.22 21.96
N LEU D 162 18.08 -26.40 21.36
CA LEU D 162 17.70 -26.61 19.97
C LEU D 162 16.36 -27.34 19.89
N ARG D 163 15.73 -27.58 21.05
CA ARG D 163 14.42 -28.23 21.11
C ARG D 163 13.34 -27.16 21.08
N ALA D 164 12.27 -27.42 20.33
CA ALA D 164 11.22 -26.43 20.16
C ALA D 164 10.48 -26.20 21.47
N MET D 165 10.12 -27.29 22.14
CA MET D 165 9.36 -27.22 23.39
C MET D 165 10.12 -26.43 24.46
N ASP D 166 11.44 -26.61 24.51
CA ASP D 166 12.31 -25.86 25.40
C ASP D 166 12.27 -24.36 25.07
N CYS D 167 12.30 -24.04 23.77
CA CYS D 167 12.30 -22.64 23.33
C CYS D 167 10.96 -21.95 23.55
N LEU D 168 9.87 -22.70 23.45
CA LEU D 168 8.56 -22.16 23.75
C LEU D 168 8.41 -21.87 25.25
N MET D 169 8.95 -22.76 26.09
CA MET D 169 9.01 -22.50 27.54
C MET D 169 9.76 -21.21 27.80
N ASP D 170 10.91 -21.03 27.13
CA ASP D 170 11.72 -19.82 27.28
C ASP D 170 10.92 -18.57 26.92
N CYS D 171 10.19 -18.62 25.81
CA CYS D 171 9.36 -17.49 25.37
C CYS D 171 8.32 -17.12 26.41
N PHE D 172 7.63 -18.12 26.94
CA PHE D 172 6.58 -17.90 27.95
C PHE D 172 7.16 -17.34 29.25
N VAL D 173 8.25 -17.95 29.72
CA VAL D 173 8.81 -17.64 31.04
C VAL D 173 9.57 -16.31 31.05
N LYS D 174 10.19 -15.95 29.93
CA LYS D 174 11.00 -14.73 29.82
C LYS D 174 10.38 -13.61 29.00
N GLY D 175 9.34 -13.94 28.22
CA GLY D 175 8.75 -12.99 27.27
C GLY D 175 7.53 -12.23 27.76
N TYR D 176 7.06 -12.52 28.99
CA TYR D 176 5.91 -11.83 29.55
C TYR D 176 6.16 -10.32 29.60
N ASP D 177 5.08 -9.55 29.51
CA ASP D 177 5.15 -8.08 29.47
C ASP D 177 6.13 -7.55 28.43
N LYS D 178 6.05 -8.12 27.22
CA LYS D 178 6.83 -7.65 26.08
C LYS D 178 8.34 -7.57 26.35
N LYS D 179 8.88 -8.52 27.11
CA LYS D 179 10.27 -8.45 27.54
C LYS D 179 11.29 -9.03 26.55
N LEU D 180 10.84 -9.90 25.64
CA LEU D 180 11.70 -10.42 24.58
C LEU D 180 11.37 -9.78 23.22
N THR D 181 10.09 -9.53 22.98
CA THR D 181 9.61 -8.90 21.74
C THR D 181 8.71 -7.73 22.07
N LYS D 182 8.77 -6.67 21.28
CA LYS D 182 7.82 -5.56 21.40
C LYS D 182 6.44 -5.96 20.87
N TYR D 183 6.42 -7.00 20.02
CA TYR D 183 5.20 -7.47 19.36
C TYR D 183 4.36 -8.45 20.16
N ALA D 184 4.92 -9.07 21.20
CA ALA D 184 4.24 -10.18 21.85
C ALA D 184 4.67 -10.46 23.28
N SER D 185 3.73 -10.99 24.07
CA SER D 185 3.97 -11.43 25.45
C SER D 185 3.75 -12.94 25.65
N PHE D 186 3.39 -13.64 24.58
CA PHE D 186 3.32 -15.12 24.54
C PHE D 186 2.31 -15.74 25.51
N ASN D 187 1.34 -14.95 25.94
CA ASN D 187 0.39 -15.40 26.97
C ASN D 187 -0.31 -16.71 26.61
N TYR D 188 -0.75 -16.84 25.37
CA TYR D 188 -1.56 -17.99 24.97
C TYR D 188 -0.80 -19.32 24.92
N LEU D 189 0.52 -19.27 25.12
CA LEU D 189 1.28 -20.51 25.30
C LEU D 189 0.88 -21.21 26.60
N ALA D 190 0.29 -20.46 27.53
CA ALA D 190 -0.24 -21.03 28.76
C ALA D 190 -1.32 -22.08 28.45
N PHE D 191 -2.19 -21.77 27.48
CA PHE D 191 -3.22 -22.71 27.03
C PHE D 191 -2.63 -23.86 26.20
N PHE D 192 -1.52 -23.60 25.52
CA PHE D 192 -0.78 -24.65 24.82
C PHE D 192 -0.26 -25.67 25.83
N PHE D 193 0.41 -25.18 26.87
CA PHE D 193 0.92 -26.05 27.94
C PHE D 193 -0.20 -26.78 28.67
N ALA D 194 -1.32 -26.08 28.87
CA ALA D 194 -2.48 -26.67 29.52
C ALA D 194 -3.01 -27.87 28.73
N ASP D 195 -3.21 -27.70 27.44
CA ASP D 195 -3.81 -28.77 26.64
C ASP D 195 -2.86 -29.92 26.30
N ILE D 196 -1.57 -29.63 26.15
CA ILE D 196 -0.60 -30.69 25.83
C ILE D 196 -0.28 -31.56 27.04
N SER D 197 -0.34 -30.96 28.23
CA SER D 197 -0.08 -31.69 29.47
C SER D 197 -1.21 -32.67 29.84
N ARG D 198 -2.35 -32.57 29.16
CA ARG D 198 -3.41 -33.58 29.28
C ARG D 198 -2.95 -34.96 28.80
N PHE D 199 -2.03 -34.98 27.84
CA PHE D 199 -1.52 -36.24 27.31
C PHE D 199 -0.37 -36.76 28.15
N LYS D 200 -0.21 -38.07 28.21
CA LYS D 200 0.81 -38.68 29.04
C LYS D 200 2.19 -38.11 28.76
N LEU D 201 2.63 -38.22 27.50
CA LEU D 201 3.97 -37.73 27.11
C LEU D 201 4.14 -36.24 27.36
N GLY D 202 3.04 -35.49 27.32
CA GLY D 202 3.08 -34.06 27.60
C GLY D 202 3.30 -33.76 29.07
N ARG D 203 2.55 -34.44 29.92
CA ARG D 203 2.73 -34.34 31.37
C ARG D 203 4.20 -34.65 31.71
N MET D 204 4.74 -35.68 31.06
CA MET D 204 6.09 -36.15 31.35
C MET D 204 7.17 -35.11 31.07
N TYR D 205 6.93 -34.20 30.14
CA TYR D 205 7.86 -33.10 29.89
C TYR D 205 7.92 -32.18 31.11
N PHE D 206 6.75 -31.84 31.64
CA PHE D 206 6.66 -30.82 32.69
C PHE D 206 7.16 -31.27 34.06
N ILE D 207 7.17 -32.58 34.32
CA ILE D 207 7.55 -33.10 35.65
C ILE D 207 8.91 -33.81 35.68
N GLU D 208 9.69 -33.69 34.60
CA GLU D 208 11.02 -34.28 34.52
C GLU D 208 12.08 -33.22 34.18
N GLU D 209 13.27 -33.37 34.75
CA GLU D 209 14.41 -32.50 34.41
C GLU D 209 14.70 -32.50 32.91
N GLN D 210 14.93 -31.32 32.34
CA GLN D 210 15.34 -31.17 30.94
C GLN D 210 16.81 -30.75 30.87
N GLU D 211 17.54 -31.27 29.89
CA GLU D 211 18.99 -31.08 29.84
C GLU D 211 19.41 -29.62 29.70
N TYR D 212 18.75 -28.87 28.81
CA TYR D 212 19.26 -27.56 28.39
C TYR D 212 19.47 -26.55 29.53
N ASP D 213 18.64 -26.63 30.58
CA ASP D 213 18.83 -25.79 31.77
C ASP D 213 18.73 -26.55 33.11
N GLY D 214 18.64 -27.88 33.04
CA GLY D 214 18.70 -28.73 34.22
C GLY D 214 17.59 -28.55 35.24
N VAL D 215 16.44 -28.04 34.82
CA VAL D 215 15.31 -27.84 35.74
C VAL D 215 14.03 -28.54 35.28
N VAL D 216 13.13 -28.76 36.24
CA VAL D 216 11.83 -29.37 35.99
C VAL D 216 10.87 -28.28 35.53
N PRO D 217 10.42 -28.33 34.26
CA PRO D 217 9.70 -27.21 33.67
C PRO D 217 8.53 -26.65 34.48
N ILE D 218 7.76 -27.50 35.16
CA ILE D 218 6.56 -27.05 35.88
C ILE D 218 6.91 -25.96 36.91
N SER D 219 8.10 -26.04 37.50
CA SER D 219 8.57 -25.05 38.47
C SER D 219 8.66 -23.65 37.87
N LYS D 220 9.10 -23.56 36.61
CA LYS D 220 9.25 -22.27 35.92
C LYS D 220 7.92 -21.54 35.67
N LEU D 221 6.83 -22.29 35.59
CA LEU D 221 5.49 -21.70 35.40
C LEU D 221 4.84 -21.23 36.69
N LEU D 222 5.24 -21.80 37.83
CA LEU D 222 4.52 -21.59 39.11
C LEU D 222 4.33 -20.12 39.48
N VAL D 223 5.35 -19.31 39.25
CA VAL D 223 5.32 -17.91 39.65
C VAL D 223 4.14 -17.14 39.04
N PHE D 224 3.64 -17.61 37.90
CA PHE D 224 2.59 -16.91 37.17
C PHE D 224 1.16 -17.13 37.72
N THR D 225 1.01 -17.93 38.78
CA THR D 225 -0.29 -18.08 39.43
C THR D 225 -0.70 -16.80 40.14
N GLU D 226 0.28 -15.96 40.47
CA GLU D 226 0.03 -14.67 41.11
C GLU D 226 0.06 -13.50 40.11
N LYS D 227 -0.01 -13.78 38.81
CA LYS D 227 0.10 -12.73 37.79
C LYS D 227 -1.28 -12.15 37.44
N TYR D 228 -1.73 -11.21 38.26
CA TYR D 228 -3.10 -10.73 38.21
C TYR D 228 -3.38 -9.65 37.15
N ASP D 229 -2.46 -9.46 36.21
CA ASP D 229 -2.75 -8.66 35.02
C ASP D 229 -2.70 -9.50 33.74
N ALA D 230 -2.68 -10.82 33.89
CA ALA D 230 -2.68 -11.75 32.76
C ALA D 230 -3.54 -12.96 33.09
N LYS D 231 -4.86 -12.77 32.93
CA LYS D 231 -5.84 -13.81 33.23
C LYS D 231 -5.59 -15.10 32.44
N VAL D 232 -5.21 -14.97 31.19
CA VAL D 232 -4.95 -16.13 30.33
C VAL D 232 -3.80 -16.99 30.86
N ARG D 233 -2.76 -16.34 31.39
CA ARG D 233 -1.62 -17.05 31.97
C ARG D 233 -2.01 -17.85 33.21
N ARG D 234 -2.79 -17.21 34.08
CA ARG D 234 -3.24 -17.84 35.31
C ARG D 234 -4.10 -19.07 35.02
N GLU D 235 -5.03 -18.94 34.09
CA GLU D 235 -5.92 -20.03 33.72
C GLU D 235 -5.15 -21.24 33.16
N GLY D 236 -4.23 -20.99 32.24
CA GLY D 236 -3.46 -22.06 31.60
C GLY D 236 -2.50 -22.74 32.55
N VAL D 237 -1.77 -21.93 33.33
CA VAL D 237 -0.81 -22.47 34.28
C VAL D 237 -1.54 -23.29 35.35
N ALA D 238 -2.68 -22.80 35.81
CA ALA D 238 -3.51 -23.54 36.77
C ALA D 238 -3.83 -24.94 36.25
N SER D 239 -4.24 -25.01 34.99
CA SER D 239 -4.59 -26.29 34.35
C SER D 239 -3.37 -27.18 34.10
N THR D 240 -2.24 -26.57 33.79
CA THR D 240 -0.99 -27.32 33.57
C THR D 240 -0.52 -27.97 34.86
N ILE D 241 -0.61 -27.25 35.97
CA ILE D 241 -0.26 -27.80 37.29
C ILE D 241 -1.18 -28.98 37.62
N LYS D 242 -2.48 -28.79 37.42
CA LYS D 242 -3.46 -29.84 37.67
C LYS D 242 -3.18 -31.06 36.80
N ASN D 243 -2.92 -30.84 35.52
CA ASN D 243 -2.66 -31.94 34.61
C ASN D 243 -1.32 -32.64 34.86
N SER D 244 -0.35 -31.89 35.40
CA SER D 244 0.95 -32.45 35.74
C SER D 244 0.88 -33.43 36.91
N LEU D 245 -0.18 -33.34 37.71
CA LEU D 245 -0.34 -34.17 38.90
C LEU D 245 -1.28 -35.38 38.71
N PHE D 246 -1.50 -35.78 37.47
CA PHE D 246 -2.42 -36.89 37.18
C PHE D 246 -2.01 -38.22 37.83
N ASP D 247 -0.70 -38.44 38.00
CA ASP D 247 -0.17 -39.70 38.52
C ASP D 247 0.10 -39.61 40.03
N SER D 248 -0.63 -40.38 40.82
CA SER D 248 -0.50 -40.40 42.29
C SER D 248 0.94 -40.60 42.74
N GLU D 249 1.62 -41.55 42.10
CA GLU D 249 2.96 -41.97 42.51
C GLU D 249 4.02 -40.89 42.32
N THR D 250 3.72 -39.89 41.51
CA THR D 250 4.63 -38.75 41.33
C THR D 250 4.47 -37.68 42.41
N HIS D 251 3.42 -37.76 43.23
CA HIS D 251 3.11 -36.69 44.18
C HIS D 251 4.14 -36.50 45.27
N GLU D 252 4.65 -37.59 45.83
CA GLU D 252 5.62 -37.46 46.90
C GLU D 252 6.88 -36.75 46.42
N ARG D 253 7.39 -37.18 45.27
CA ARG D 253 8.60 -36.58 44.69
C ARG D 253 8.44 -35.09 44.44
N LEU D 254 7.28 -34.69 43.91
CA LEU D 254 7.07 -33.31 43.49
C LEU D 254 6.87 -32.36 44.67
N LEU D 255 6.12 -32.80 45.68
CA LEU D 255 5.86 -31.99 46.88
C LEU D 255 7.14 -31.74 47.67
N LYS D 256 8.01 -32.73 47.73
CA LYS D 256 9.20 -32.70 48.56
C LYS D 256 10.43 -32.08 47.86
N ASP D 257 10.40 -32.01 46.54
CA ASP D 257 11.48 -31.35 45.78
C ASP D 257 11.44 -29.85 46.06
N GLU D 258 12.40 -29.38 46.86
CA GLU D 258 12.47 -27.98 47.26
C GLU D 258 12.87 -27.06 46.13
N LYS D 259 13.48 -27.61 45.07
CA LYS D 259 13.84 -26.80 43.90
C LYS D 259 12.63 -26.51 43.03
N ILE D 260 11.63 -27.40 43.05
CA ILE D 260 10.36 -27.12 42.38
C ILE D 260 9.53 -26.17 43.24
N ASN D 261 9.34 -26.54 44.51
CA ASN D 261 8.61 -25.74 45.48
C ASN D 261 7.17 -25.51 45.06
N LEU D 262 6.46 -26.62 44.83
CA LEU D 262 5.17 -26.60 44.18
C LEU D 262 4.05 -25.98 45.01
N LEU D 263 3.88 -26.47 46.23
CA LEU D 263 2.67 -26.22 47.03
C LEU D 263 2.29 -24.74 47.27
N PRO D 264 3.26 -23.89 47.61
CA PRO D 264 2.91 -22.50 47.93
C PRO D 264 2.21 -21.75 46.81
N TYR D 265 2.54 -22.08 45.55
CA TYR D 265 1.97 -21.39 44.39
C TYR D 265 0.59 -21.92 44.00
N ILE D 266 0.22 -23.08 44.54
CA ILE D 266 -1.15 -23.58 44.44
C ILE D 266 -2.01 -22.93 45.53
N LEU D 267 -1.39 -22.65 46.68
CA LEU D 267 -2.11 -22.09 47.83
C LEU D 267 -2.28 -20.58 47.77
N LEU D 268 -1.28 -19.86 47.27
CA LEU D 268 -1.32 -18.39 47.27
C LEU D 268 -2.59 -17.79 46.67
N PRO D 269 -3.04 -18.28 45.51
CA PRO D 269 -4.29 -17.76 44.94
C PRO D 269 -5.57 -18.02 45.75
N ILE D 270 -5.54 -18.94 46.72
CA ILE D 270 -6.70 -19.15 47.61
C ILE D 270 -6.52 -18.49 48.98
N ALA D 271 -5.43 -17.73 49.13
CA ALA D 271 -5.11 -17.09 50.40
C ALA D 271 -5.41 -15.61 50.36
N SER D 272 -5.85 -15.08 51.49
CA SER D 272 -6.14 -13.65 51.64
C SER D 272 -5.68 -13.17 53.00
N ALA D 273 -5.24 -11.93 53.07
CA ALA D 273 -4.86 -11.32 54.35
C ALA D 273 -6.11 -10.91 55.12
N LYS D 274 -7.04 -10.27 54.44
CA LYS D 274 -8.16 -9.60 55.10
C LYS D 274 -9.30 -10.56 55.47
N ASP D 275 -9.82 -11.30 54.49
CA ASP D 275 -10.95 -12.22 54.72
C ASP D 275 -10.46 -13.61 55.08
N SER D 276 -9.86 -13.73 56.26
CA SER D 276 -9.22 -14.97 56.68
C SER D 276 -8.78 -14.90 58.13
N GLU D 277 -9.36 -15.76 58.97
CA GLU D 277 -8.93 -15.91 60.35
C GLU D 277 -8.34 -17.28 60.56
N ILE D 278 -7.02 -17.33 60.68
CA ILE D 278 -6.27 -18.53 60.97
C ILE D 278 -5.48 -18.24 62.25
N ASP D 279 -5.59 -19.09 63.27
CA ASP D 279 -4.88 -18.84 64.53
C ASP D 279 -3.37 -19.03 64.34
N GLU D 280 -2.59 -18.50 65.28
CA GLU D 280 -1.14 -18.37 65.14
C GLU D 280 -0.39 -19.73 65.12
N GLU D 281 -0.95 -20.73 65.79
CA GLU D 281 -0.39 -22.08 65.71
C GLU D 281 -0.40 -22.62 64.29
N ASP D 282 -1.54 -22.49 63.61
CA ASP D 282 -1.69 -22.93 62.22
C ASP D 282 -0.78 -22.15 61.27
N MET D 283 -0.65 -20.84 61.50
CA MET D 283 0.12 -19.98 60.60
C MET D 283 1.61 -20.31 60.58
N PHE D 284 2.13 -20.81 61.70
CA PHE D 284 3.55 -21.18 61.79
C PHE D 284 3.88 -22.45 60.99
N ASN D 285 2.86 -23.20 60.58
CA ASN D 285 3.05 -24.38 59.74
C ASN D 285 2.89 -24.09 58.23
N LEU D 286 2.34 -22.93 57.90
CA LEU D 286 2.20 -22.51 56.50
C LEU D 286 3.57 -22.36 55.83
N PRO D 287 3.65 -22.61 54.52
CA PRO D 287 4.92 -22.37 53.82
C PRO D 287 5.36 -20.92 53.98
N ASP D 288 6.66 -20.70 53.99
CA ASP D 288 7.22 -19.36 54.17
C ASP D 288 6.44 -18.30 53.37
N GLU D 289 6.15 -18.62 52.12
CA GLU D 289 5.50 -17.69 51.18
C GLU D 289 4.09 -17.29 51.61
N LEU D 290 3.44 -18.12 52.43
CA LEU D 290 2.08 -17.87 52.92
C LEU D 290 2.06 -17.14 54.27
N GLN D 291 3.23 -16.91 54.87
CA GLN D 291 3.32 -16.21 56.14
C GLN D 291 3.61 -14.74 55.91
N LEU D 292 3.15 -13.89 56.83
CA LEU D 292 3.36 -12.43 56.74
C LEU D 292 2.99 -11.92 55.34
N LEU D 293 1.76 -12.17 54.93
CA LEU D 293 1.28 -11.74 53.62
C LEU D 293 1.07 -10.24 53.60
N PRO D 294 1.25 -9.60 52.43
CA PRO D 294 0.98 -8.17 52.34
C PRO D 294 -0.42 -7.84 52.81
N GLU D 295 -0.63 -6.62 53.29
CA GLU D 295 -1.94 -6.19 53.75
C GLU D 295 -2.98 -6.24 52.62
N ASP D 296 -2.53 -5.97 51.39
CA ASP D 296 -3.43 -5.93 50.23
C ASP D 296 -3.59 -7.28 49.50
N LYS D 297 -3.10 -8.35 50.12
CA LYS D 297 -3.14 -9.68 49.48
C LYS D 297 -4.55 -10.21 49.41
N GLU D 298 -5.01 -10.52 48.20
CA GLU D 298 -6.34 -11.08 47.97
C GLU D 298 -6.33 -12.39 47.20
N ARG D 299 -7.44 -13.10 47.25
CA ARG D 299 -7.61 -14.33 46.49
C ARG D 299 -7.80 -14.00 45.02
N ASP D 300 -7.51 -14.96 44.16
CA ASP D 300 -7.80 -14.85 42.74
C ASP D 300 -9.30 -14.63 42.60
N PRO D 301 -9.72 -13.56 41.93
CA PRO D 301 -11.16 -13.29 41.85
C PRO D 301 -11.95 -14.24 40.93
N ILE D 302 -11.26 -14.96 40.05
CA ILE D 302 -11.93 -15.84 39.08
C ILE D 302 -12.21 -17.22 39.70
N PRO D 303 -13.49 -17.55 39.97
CA PRO D 303 -13.78 -18.80 40.67
C PRO D 303 -13.34 -20.05 39.89
N ALA D 304 -13.40 -19.98 38.57
CA ALA D 304 -12.96 -21.07 37.71
C ALA D 304 -11.50 -21.43 37.95
N ILE D 305 -10.67 -20.42 38.23
CA ILE D 305 -9.25 -20.62 38.49
C ILE D 305 -9.03 -21.20 39.88
N ILE D 306 -9.77 -20.68 40.87
CA ILE D 306 -9.68 -21.19 42.23
C ILE D 306 -10.06 -22.66 42.27
N CYS D 307 -11.16 -23.01 41.59
CA CYS D 307 -11.63 -24.40 41.56
C CYS D 307 -10.58 -25.33 40.98
N CYS D 308 -9.89 -24.85 39.95
CA CYS D 308 -8.81 -25.61 39.34
C CYS D 308 -7.71 -25.92 40.36
N HIS D 309 -7.31 -24.92 41.13
CA HIS D 309 -6.30 -25.10 42.18
C HIS D 309 -6.79 -26.06 43.26
N LEU D 310 -8.07 -25.94 43.63
CA LEU D 310 -8.67 -26.86 44.58
C LEU D 310 -8.68 -28.30 44.06
N GLU D 311 -8.88 -28.47 42.75
CA GLU D 311 -8.79 -29.79 42.12
C GLU D 311 -7.36 -30.35 42.22
N SER D 312 -6.36 -29.47 42.12
CA SER D 312 -4.96 -29.88 42.27
C SER D 312 -4.70 -30.35 43.71
N ILE D 313 -5.15 -29.55 44.67
CA ILE D 313 -5.03 -29.92 46.10
C ILE D 313 -5.73 -31.24 46.34
N LEU D 314 -6.92 -31.40 45.76
CA LEU D 314 -7.68 -32.63 45.91
C LEU D 314 -6.94 -33.84 45.33
N LEU D 315 -6.29 -33.66 44.19
CA LEU D 315 -5.45 -34.70 43.60
C LEU D 315 -4.35 -35.13 44.56
N LEU D 316 -3.67 -34.13 45.14
CA LEU D 316 -2.57 -34.38 46.08
C LEU D 316 -3.04 -35.14 47.35
N CYS D 317 -4.31 -35.00 47.69
CA CYS D 317 -4.93 -35.77 48.79
C CYS D 317 -5.14 -37.26 48.48
N THR D 318 -4.91 -37.70 47.25
CA THR D 318 -5.07 -39.12 46.90
C THR D 318 -4.25 -40.03 47.81
N THR D 319 -2.96 -39.72 47.92
CA THR D 319 -2.00 -40.54 48.69
C THR D 319 -1.88 -40.10 50.14
N HIS D 320 -1.61 -41.05 51.03
CA HIS D 320 -1.43 -40.75 52.44
C HIS D 320 -0.24 -39.82 52.70
N ALA D 321 0.88 -40.08 52.02
CA ALA D 321 2.07 -39.24 52.14
C ALA D 321 1.77 -37.81 51.73
N GLY D 322 0.94 -37.65 50.69
CA GLY D 322 0.51 -36.34 50.23
C GLY D 322 -0.40 -35.67 51.23
N ARG D 323 -1.35 -36.42 51.78
CA ARG D 323 -2.26 -35.89 52.80
C ARG D 323 -1.51 -35.41 54.03
N GLU D 324 -0.53 -36.18 54.48
CA GLU D 324 0.28 -35.78 55.63
C GLU D 324 1.07 -34.53 55.33
N TYR D 325 1.56 -34.39 54.09
CA TYR D 325 2.30 -33.19 53.68
C TYR D 325 1.41 -31.95 53.68
N LEU D 326 0.19 -32.11 53.15
CA LEU D 326 -0.76 -31.01 53.10
C LEU D 326 -1.21 -30.59 54.49
N ARG D 327 -1.54 -31.58 55.34
CA ARG D 327 -1.93 -31.30 56.73
C ARG D 327 -0.84 -30.51 57.46
N ASP D 328 0.40 -30.97 57.33
CA ASP D 328 1.54 -30.34 58.00
C ASP D 328 1.87 -28.93 57.50
N LYS D 329 1.31 -28.54 56.35
CA LYS D 329 1.53 -27.20 55.80
C LYS D 329 0.28 -26.31 55.95
N SER D 330 -0.58 -26.66 56.91
CA SER D 330 -1.79 -25.90 57.21
C SER D 330 -2.67 -25.65 55.98
N VAL D 331 -2.81 -26.67 55.15
CA VAL D 331 -3.70 -26.59 54.00
C VAL D 331 -5.16 -26.60 54.44
N TYR D 332 -5.47 -27.31 55.53
CA TYR D 332 -6.86 -27.36 56.01
C TYR D 332 -7.39 -25.96 56.40
N PRO D 333 -6.68 -25.22 57.28
CA PRO D 333 -7.16 -23.88 57.62
C PRO D 333 -7.36 -22.95 56.42
N LEU D 334 -6.47 -23.01 55.43
CA LEU D 334 -6.63 -22.21 54.22
C LEU D 334 -7.94 -22.56 53.50
N VAL D 335 -8.21 -23.85 53.38
CA VAL D 335 -9.42 -24.32 52.72
C VAL D 335 -10.66 -23.92 53.53
N ARG D 336 -10.59 -24.06 54.85
CA ARG D 336 -11.68 -23.65 55.72
C ARG D 336 -12.04 -22.19 55.51
N GLU D 337 -11.04 -21.32 55.48
CA GLU D 337 -11.28 -19.88 55.35
C GLU D 337 -11.76 -19.49 53.95
N LEU D 338 -11.26 -20.19 52.93
CA LEU D 338 -11.80 -20.02 51.58
C LEU D 338 -13.29 -20.34 51.58
N HIS D 339 -13.65 -21.47 52.18
CA HIS D 339 -15.06 -21.87 52.28
C HIS D 339 -15.89 -20.81 52.98
N LYS D 340 -15.44 -20.37 54.15
CA LYS D 340 -16.14 -19.36 54.94
C LYS D 340 -16.40 -18.06 54.16
N ASN D 341 -15.42 -17.62 53.39
CA ASN D 341 -15.39 -16.25 52.89
C ASN D 341 -15.72 -16.05 51.42
N VAL D 342 -15.96 -17.13 50.69
CA VAL D 342 -16.33 -17.04 49.27
C VAL D 342 -17.63 -17.79 49.03
N GLU D 343 -18.69 -17.04 48.72
CA GLU D 343 -20.05 -17.57 48.57
C GLU D 343 -20.19 -18.62 47.46
N ASN D 344 -19.38 -18.51 46.41
CA ASN D 344 -19.44 -19.45 45.28
C ASN D 344 -19.66 -20.91 45.69
N GLU D 345 -20.56 -21.60 45.00
CA GLU D 345 -21.01 -22.92 45.41
C GLU D 345 -20.12 -24.06 44.90
N ASP D 346 -19.50 -23.87 43.75
CA ASP D 346 -18.56 -24.85 43.20
C ASP D 346 -17.30 -24.90 44.06
N ILE D 347 -16.82 -23.72 44.45
CA ILE D 347 -15.69 -23.61 45.37
C ILE D 347 -16.01 -24.31 46.69
N GLY D 348 -17.22 -24.10 47.18
CA GLY D 348 -17.67 -24.69 48.44
C GLY D 348 -17.72 -26.20 48.38
N GLU D 349 -18.31 -26.73 47.30
CA GLU D 349 -18.40 -28.18 47.13
C GLU D 349 -17.01 -28.82 47.14
N LEU D 350 -16.06 -28.22 46.42
CA LEU D 350 -14.68 -28.71 46.40
C LEU D 350 -14.00 -28.61 47.76
N CYS D 351 -14.26 -27.54 48.49
CA CYS D 351 -13.68 -27.36 49.81
C CYS D 351 -14.07 -28.52 50.74
N TYR D 352 -15.34 -28.89 50.74
CA TYR D 352 -15.75 -30.05 51.55
C TYR D 352 -15.10 -31.35 51.11
N ARG D 353 -14.94 -31.55 49.81
CA ARG D 353 -14.32 -32.78 49.30
C ARG D 353 -12.86 -32.89 49.74
N ILE D 354 -12.17 -31.76 49.78
CA ILE D 354 -10.80 -31.71 50.28
C ILE D 354 -10.77 -32.06 51.77
N VAL D 355 -11.69 -31.50 52.55
CA VAL D 355 -11.73 -31.75 53.99
C VAL D 355 -12.08 -33.21 54.26
N ASN D 356 -12.96 -33.79 53.45
CA ASN D 356 -13.29 -35.23 53.54
C ASN D 356 -12.05 -36.09 53.40
N MET D 357 -11.18 -35.72 52.47
CA MET D 357 -9.95 -36.46 52.23
C MET D 357 -8.96 -36.27 53.37
N LEU D 358 -8.74 -35.02 53.76
CA LEU D 358 -7.76 -34.72 54.78
C LEU D 358 -8.19 -35.27 56.16
N MET D 359 -9.46 -35.64 56.27
CA MET D 359 -9.96 -36.24 57.50
C MET D 359 -9.55 -37.71 57.67
N ARG D 360 -9.12 -38.35 56.59
CA ARG D 360 -8.72 -39.76 56.63
C ARG D 360 -7.46 -39.99 57.48
N GLY D 361 -7.40 -41.15 58.13
CA GLY D 361 -6.20 -41.58 58.89
C GLY D 361 -5.20 -42.31 57.99
N GLU D 362 -4.60 -43.39 58.47
CA GLU D 362 -3.66 -44.19 57.65
C GLU D 362 -4.34 -45.49 57.16
N PRO D 363 -4.29 -45.76 55.84
CA PRO D 363 -4.87 -47.02 55.36
C PRO D 363 -4.00 -48.23 55.71
#